data_6QFK
#
_entry.id   6QFK
#
_cell.length_a   192.893
_cell.length_b   192.893
_cell.length_c   122.922
_cell.angle_alpha   90.00
_cell.angle_beta   90.00
_cell.angle_gamma   120.00
#
_symmetry.space_group_name_H-M   'P 65'
#
loop_
_entity.id
_entity.type
_entity.pdbx_description
1 polymer 'PEGA domain-containing protein,PEGA domain-containing protein,EngBF DARPin fusion G10'
2 polymer V3-IF
3 non-polymer 'MANGANESE (II) ION'
4 non-polymer (4S)-2-METHYL-2,4-PENTANEDIOL
5 non-polymer 1,2-ETHANEDIOL
6 non-polymer '2-(N-MORPHOLINO)-ETHANESULFONIC ACID'
7 water water
#
loop_
_entity_poly.entity_id
_entity_poly.type
_entity_poly.pdbx_seq_one_letter_code
_entity_poly.pdbx_strand_id
1 'polypeptide(L)'
;GPLGSMVACETLKTKKMEVQIKKNFPSVLQYTMTDGKVMYGQSKDVRTVEINGTNIELGDDDVTFKKVSDTEATYTLKVK
DEAKKIDAVITVQITVKANQLHLNVTKIKNNLSEGIPEGNGVEENAIQTLSFPNQSLVSVRSSQENAQFTGARMSSNTQK
PGDTNFAVTEDTNVTDSDYTYGFISGAGLSAGLWSNSEHDGTYVAAPVRGGSQNTRVYATTQQTGDATSLGLASAPWYYH
RTVTDSKGKKYTVAETALPQMAVAIAGDENEDGAVNWQDGAIAYRDIMNNPYKSEEVPELVAWRIAMNFGSQAQNPFLTT
LDNVKKVALNTDGLGQSVLLKGYGNEGHDSGHPDYGDIGQRLGGADDMNTMMEEGSKYGARFGVHVNASEMYPEAKAFSE
DMVRRNSAGGLSYGWNWLDQGVGIDGIYDLASGSRVSRFADLSKEVGDNMDFIYLDVWGNLTSSGSEDSWETRKMSKMIN
DNGWRMTTEWGSGNEYDSTFQHWAADLTYGGYTSKGENSEVMRFLRNHQKDSWVGDYPQYGGAANAPLLGGYNMKDFEGW
QGRNDYAAYIKNLYTHDVSTKFIQHFKVTRWVNNPLLTADNGNAAAVSDPNTNNGNEQITLKDSNGNVVVVSRGSNDTSS
AAYRQRTITFNGVKVASGVVSAGDGSATGDESYLLPWMWDSFTGKLVKDSEQKLYHWNTKGGTTTWTLPDSWKNLSSVKV
YQLTDQGKTNEQTVAVSGGKVTLTADAETPYVVYKGEAKQIQVNWSEGMHVVDAGFNGGSNTLTDNWTVSGSGKAEVEGD
NNAMLRLTGKVDVSQRLTDLKAGQKYALYVGVDNRSTGDASVTVTSGGKVLATNSTGKSIAKNYIKAYGHNTNSNTENGS
SYFQNMYVFFTAPENGDATVTLSHKSTDGAHTYFDDVRIVENQYSGITYEKDGTLKSLTNGFENNAQGIWPFVVSGSEGV
EDNRIHLSELHAPFTRAGWDVKKMDDVLDGTWSVKVNGLTQKGTLVYQTIPQNVKFEAGAKYKVSFDYQSGSDDIYAIAV
GQGEYSAGSVKLTNLKKALGETGKAEFELTGGVNGDSWFGIYSTATAPDLQGSTGNAQDFGGYKDFVLDNLKIERIESQT
RTKAEAQDKVKEIRGKYDSKRAELSDAAWQQYQDTLVKARVLINKNGATAEDFTKAYDILVALDEYMKLKDLDRKLLEAA
RAGQDDEVRILMANGADVNADDNTGETPLHLAAYEGHLEIVEVLLKTGADVNAEDMMGFTPLHLAAAWGHLEIVEVLLKH
GADVNAQDNQGVTPLHLAAYEGHLEFVEVLLKHGADVNAQDCFGKTPFDLAIDNGNEDIAEVLQKAAKLGSLEVLFQ
;
A
2 'polypeptide(L)' PKSIRIGPGQAFYA(DPR) B
#
loop_
_chem_comp.id
_chem_comp.type
_chem_comp.name
_chem_comp.formula
EDO non-polymer 1,2-ETHANEDIOL 'C2 H6 O2'
MES non-polymer '2-(N-MORPHOLINO)-ETHANESULFONIC ACID' 'C6 H13 N O4 S'
MN non-polymer 'MANGANESE (II) ION' 'Mn 2'
MPD non-polymer (4S)-2-METHYL-2,4-PENTANEDIOL 'C6 H14 O2'
#
# COMPACT_ATOMS: atom_id res chain seq x y z
N SER A 5 -42.73 46.71 -19.07
CA SER A 5 -41.70 47.74 -18.96
C SER A 5 -41.42 48.03 -17.48
N MET A 6 -42.45 48.52 -16.73
CA MET A 6 -42.34 48.79 -15.30
C MET A 6 -42.84 47.58 -14.47
N VAL A 7 -43.30 46.52 -15.19
CA VAL A 7 -43.74 45.26 -14.60
C VAL A 7 -42.49 44.68 -13.91
N ALA A 8 -42.60 44.38 -12.62
CA ALA A 8 -41.54 43.93 -11.72
C ALA A 8 -41.01 42.50 -11.97
N CYS A 9 -41.57 41.79 -12.95
CA CYS A 9 -41.13 40.44 -13.26
C CYS A 9 -41.02 40.21 -14.76
N GLU A 10 -40.29 39.15 -15.13
CA GLU A 10 -40.15 38.67 -16.50
C GLU A 10 -40.35 37.17 -16.52
N THR A 11 -40.50 36.60 -17.73
CA THR A 11 -40.70 35.15 -17.92
C THR A 11 -39.60 34.59 -18.79
N LEU A 12 -39.01 33.50 -18.34
CA LEU A 12 -38.04 32.74 -19.13
C LEU A 12 -38.78 31.46 -19.49
N LYS A 13 -38.60 30.98 -20.72
CA LYS A 13 -39.37 29.83 -21.21
C LYS A 13 -38.54 28.79 -21.91
N THR A 14 -38.96 27.53 -21.77
CA THR A 14 -38.41 26.37 -22.48
C THR A 14 -39.65 25.56 -22.92
N LYS A 15 -39.46 24.42 -23.57
CA LYS A 15 -40.58 23.54 -23.94
C LYS A 15 -41.14 22.79 -22.73
N LYS A 16 -40.37 22.71 -21.64
CA LYS A 16 -40.76 21.96 -20.44
C LYS A 16 -41.37 22.83 -19.35
N MET A 17 -41.01 24.12 -19.31
CA MET A 17 -41.46 25.02 -18.25
C MET A 17 -41.35 26.49 -18.57
N GLU A 18 -42.04 27.28 -17.75
CA GLU A 18 -41.98 28.74 -17.76
C GLU A 18 -41.60 29.19 -16.35
N VAL A 19 -40.73 30.18 -16.27
CA VAL A 19 -40.26 30.62 -14.97
C VAL A 19 -40.45 32.12 -14.87
N GLN A 20 -41.11 32.58 -13.80
CA GLN A 20 -41.15 34.00 -13.54
C GLN A 20 -39.97 34.37 -12.66
N ILE A 21 -39.24 35.39 -13.07
CA ILE A 21 -38.09 35.91 -12.32
C ILE A 21 -38.34 37.39 -11.95
N LYS A 22 -37.77 37.82 -10.83
CA LYS A 22 -37.89 39.21 -10.37
C LYS A 22 -36.89 40.09 -11.12
N LYS A 23 -37.26 41.34 -11.42
CA LYS A 23 -36.31 42.24 -12.08
C LYS A 23 -35.36 42.91 -11.08
N ASN A 24 -35.79 43.06 -9.80
CA ASN A 24 -35.01 43.75 -8.75
C ASN A 24 -34.00 42.85 -8.01
N PHE A 25 -33.91 41.56 -8.37
CA PHE A 25 -32.98 40.61 -7.72
C PHE A 25 -32.98 39.29 -8.46
N PRO A 26 -31.82 38.57 -8.59
CA PRO A 26 -31.84 37.25 -9.28
C PRO A 26 -32.55 36.19 -8.43
N SER A 27 -33.89 36.27 -8.39
N SER A 27 -33.89 36.26 -8.42
CA SER A 27 -34.81 35.41 -7.64
CA SER A 27 -34.80 35.45 -7.63
C SER A 27 -35.85 34.87 -8.59
C SER A 27 -35.95 34.93 -8.49
N VAL A 28 -36.28 33.64 -8.34
CA VAL A 28 -37.37 33.01 -9.08
C VAL A 28 -38.61 33.21 -8.20
N LEU A 29 -39.75 33.56 -8.82
CA LEU A 29 -41.05 33.63 -8.13
C LEU A 29 -41.64 32.22 -8.09
N GLN A 30 -41.80 31.60 -9.29
CA GLN A 30 -42.29 30.23 -9.44
C GLN A 30 -41.93 29.63 -10.81
N TYR A 31 -41.89 28.29 -10.83
CA TYR A 31 -41.68 27.44 -12.00
C TYR A 31 -43.03 26.81 -12.32
N THR A 32 -43.46 26.86 -13.59
CA THR A 32 -44.69 26.20 -14.00
C THR A 32 -44.31 25.22 -15.09
N MET A 33 -44.54 23.92 -14.84
CA MET A 33 -44.25 22.87 -15.81
C MET A 33 -45.38 22.85 -16.85
N THR A 34 -45.11 22.26 -18.03
CA THR A 34 -46.08 22.12 -19.15
C THR A 34 -47.43 21.57 -18.68
N ASP A 35 -47.40 20.54 -17.80
CA ASP A 35 -48.61 19.92 -17.23
C ASP A 35 -49.37 20.81 -16.22
N GLY A 36 -48.85 22.01 -15.92
CA GLY A 36 -49.51 22.93 -15.00
C GLY A 36 -49.06 22.91 -13.56
N LYS A 37 -48.25 21.90 -13.16
CA LYS A 37 -47.76 21.83 -11.77
C LYS A 37 -46.79 22.99 -11.51
N VAL A 38 -46.82 23.50 -10.28
CA VAL A 38 -46.04 24.66 -9.88
C VAL A 38 -45.09 24.35 -8.74
N MET A 39 -43.87 24.90 -8.85
CA MET A 39 -42.91 24.85 -7.77
C MET A 39 -42.59 26.31 -7.41
N TYR A 40 -42.55 26.63 -6.13
CA TYR A 40 -42.22 27.98 -5.69
C TYR A 40 -40.71 28.23 -5.67
N GLY A 41 -40.37 29.50 -5.77
CA GLY A 41 -39.00 29.98 -5.63
C GLY A 41 -38.94 30.75 -4.32
N GLN A 42 -38.66 32.07 -4.40
CA GLN A 42 -38.56 32.99 -3.27
C GLN A 42 -39.74 33.98 -3.36
N SER A 43 -40.81 33.66 -2.67
CA SER A 43 -42.07 34.39 -2.67
C SER A 43 -42.00 35.71 -1.91
N LYS A 44 -41.02 35.87 -1.02
CA LYS A 44 -40.84 37.06 -0.19
C LYS A 44 -39.78 38.00 -0.76
N ASP A 45 -39.82 39.26 -0.32
CA ASP A 45 -38.86 40.28 -0.74
C ASP A 45 -37.55 40.10 0.05
N VAL A 46 -36.64 39.25 -0.47
CA VAL A 46 -35.34 38.94 0.15
C VAL A 46 -34.26 39.31 -0.87
N ARG A 47 -33.48 40.34 -0.54
CA ARG A 47 -32.46 40.86 -1.46
C ARG A 47 -31.10 40.95 -0.79
N THR A 48 -30.75 39.91 -0.04
CA THR A 48 -29.51 39.85 0.71
C THR A 48 -28.34 39.29 -0.10
N VAL A 49 -27.21 39.99 -0.01
CA VAL A 49 -25.93 39.54 -0.58
C VAL A 49 -24.92 39.51 0.58
N GLU A 50 -24.21 38.39 0.76
CA GLU A 50 -23.21 38.33 1.80
C GLU A 50 -21.88 38.40 1.08
N ILE A 51 -20.99 39.27 1.55
CA ILE A 51 -19.62 39.38 1.08
C ILE A 51 -18.76 39.42 2.34
N ASN A 52 -17.75 38.52 2.42
CA ASN A 52 -16.80 38.47 3.53
C ASN A 52 -17.47 38.36 4.91
N GLY A 53 -18.60 37.65 4.97
CA GLY A 53 -19.36 37.47 6.20
C GLY A 53 -20.29 38.62 6.55
N THR A 54 -20.39 39.66 5.70
CA THR A 54 -21.27 40.80 5.94
C THR A 54 -22.48 40.71 5.04
N ASN A 55 -23.69 40.77 5.65
CA ASN A 55 -24.96 40.82 4.94
C ASN A 55 -25.28 42.25 4.53
N ILE A 56 -25.57 42.44 3.25
CA ILE A 56 -25.94 43.74 2.66
C ILE A 56 -27.29 43.55 1.94
N GLU A 57 -28.30 44.34 2.31
CA GLU A 57 -29.61 44.28 1.67
C GLU A 57 -29.61 45.25 0.49
N LEU A 58 -30.00 44.76 -0.68
CA LEU A 58 -30.01 45.58 -1.89
C LEU A 58 -31.34 46.27 -2.09
N GLY A 59 -31.25 47.55 -2.50
CA GLY A 59 -32.39 48.39 -2.83
C GLY A 59 -32.61 48.40 -4.33
N ASP A 60 -33.71 49.03 -4.80
CA ASP A 60 -34.08 49.13 -6.22
C ASP A 60 -32.96 49.71 -7.08
N ASP A 61 -32.24 50.72 -6.56
CA ASP A 61 -31.18 51.41 -7.29
C ASP A 61 -29.87 50.63 -7.40
N ASP A 62 -29.73 49.53 -6.64
CA ASP A 62 -28.53 48.67 -6.62
C ASP A 62 -28.59 47.56 -7.65
N VAL A 63 -29.73 47.40 -8.34
CA VAL A 63 -29.88 46.29 -9.28
C VAL A 63 -30.37 46.77 -10.63
N THR A 64 -29.68 46.31 -11.70
CA THR A 64 -30.14 46.55 -13.08
C THR A 64 -30.42 45.18 -13.71
N PHE A 65 -31.45 45.13 -14.54
CA PHE A 65 -31.93 43.92 -15.18
C PHE A 65 -31.92 44.06 -16.70
N LYS A 66 -31.66 42.94 -17.38
CA LYS A 66 -31.67 42.86 -18.83
C LYS A 66 -32.12 41.46 -19.26
N LYS A 67 -33.23 41.35 -20.01
CA LYS A 67 -33.66 40.05 -20.54
C LYS A 67 -32.92 39.90 -21.87
N VAL A 68 -31.99 38.95 -21.94
CA VAL A 68 -31.18 38.71 -23.14
C VAL A 68 -32.04 38.00 -24.22
N SER A 69 -32.79 36.98 -23.83
CA SER A 69 -33.64 36.20 -24.72
C SER A 69 -34.70 35.53 -23.86
N ASP A 70 -35.49 34.63 -24.45
CA ASP A 70 -36.49 33.87 -23.69
C ASP A 70 -35.84 32.87 -22.71
N THR A 71 -34.54 32.60 -22.84
CA THR A 71 -33.87 31.61 -21.98
C THR A 71 -32.81 32.20 -21.07
N GLU A 72 -32.60 33.53 -21.10
CA GLU A 72 -31.53 34.15 -20.35
C GLU A 72 -31.83 35.58 -19.92
N ALA A 73 -31.42 35.92 -18.68
CA ALA A 73 -31.50 37.28 -18.12
C ALA A 73 -30.20 37.56 -17.37
N THR A 74 -29.80 38.83 -17.35
CA THR A 74 -28.57 39.31 -16.71
C THR A 74 -28.90 40.36 -15.64
N TYR A 75 -28.21 40.27 -14.49
CA TYR A 75 -28.38 41.22 -13.40
C TYR A 75 -27.04 41.82 -13.06
N THR A 76 -27.05 43.09 -12.70
CA THR A 76 -25.86 43.80 -12.24
C THR A 76 -26.20 44.28 -10.84
N LEU A 77 -25.43 43.81 -9.85
CA LEU A 77 -25.67 44.08 -8.42
C LEU A 77 -24.58 44.96 -7.87
N LYS A 78 -24.95 46.12 -7.33
CA LYS A 78 -24.03 47.06 -6.66
C LYS A 78 -24.07 46.68 -5.19
N VAL A 79 -22.98 46.08 -4.70
CA VAL A 79 -22.88 45.58 -3.32
C VAL A 79 -21.84 46.41 -2.56
N LYS A 80 -22.33 47.29 -1.68
CA LYS A 80 -21.51 48.24 -0.93
C LYS A 80 -21.79 48.32 0.57
N ASP A 81 -20.70 48.40 1.37
CA ASP A 81 -20.70 48.63 2.82
C ASP A 81 -19.35 49.26 3.15
N GLU A 82 -19.34 50.60 3.23
CA GLU A 82 -18.15 51.42 3.48
C GLU A 82 -17.44 51.09 4.78
N ALA A 83 -18.20 50.92 5.88
CA ALA A 83 -17.67 50.57 7.20
C ALA A 83 -16.95 49.21 7.19
N LYS A 84 -17.42 48.28 6.33
CA LYS A 84 -16.86 46.92 6.23
C LYS A 84 -15.90 46.75 5.05
N LYS A 85 -15.58 47.85 4.33
CA LYS A 85 -14.64 47.84 3.21
C LYS A 85 -15.08 46.86 2.10
N ILE A 86 -16.33 47.05 1.63
CA ILE A 86 -16.95 46.27 0.57
C ILE A 86 -17.48 47.27 -0.45
N ASP A 87 -17.07 47.12 -1.72
CA ASP A 87 -17.54 47.95 -2.83
C ASP A 87 -17.35 47.13 -4.10
N ALA A 88 -18.37 46.35 -4.40
CA ALA A 88 -18.38 45.37 -5.47
C ALA A 88 -19.52 45.53 -6.46
N VAL A 89 -19.30 45.00 -7.66
CA VAL A 89 -20.28 44.92 -8.72
C VAL A 89 -20.31 43.46 -9.14
N ILE A 90 -21.43 42.80 -8.87
CA ILE A 90 -21.64 41.38 -9.16
C ILE A 90 -22.57 41.25 -10.37
N THR A 91 -22.11 40.53 -11.41
CA THR A 91 -22.92 40.22 -12.58
C THR A 91 -23.45 38.78 -12.40
N VAL A 92 -24.76 38.62 -12.48
CA VAL A 92 -25.45 37.34 -12.29
C VAL A 92 -26.24 37.00 -13.54
N GLN A 93 -26.09 35.76 -14.00
CA GLN A 93 -26.81 35.28 -15.16
C GLN A 93 -27.78 34.17 -14.71
N ILE A 94 -29.04 34.26 -15.17
CA ILE A 94 -30.02 33.22 -14.97
C ILE A 94 -30.34 32.65 -16.37
N THR A 95 -30.16 31.34 -16.54
CA THR A 95 -30.49 30.69 -17.81
C THR A 95 -31.39 29.50 -17.56
N VAL A 96 -32.19 29.14 -18.54
CA VAL A 96 -33.09 28.00 -18.47
C VAL A 96 -32.88 27.10 -19.68
N LYS A 97 -32.95 25.80 -19.45
CA LYS A 97 -32.90 24.79 -20.51
C LYS A 97 -33.65 23.57 -20.04
N ALA A 98 -34.61 23.08 -20.87
CA ALA A 98 -35.47 21.95 -20.52
C ALA A 98 -36.10 22.22 -19.12
N ASN A 99 -35.91 21.33 -18.13
CA ASN A 99 -36.44 21.51 -16.77
C ASN A 99 -35.37 22.08 -15.80
N GLN A 100 -34.32 22.69 -16.35
CA GLN A 100 -33.20 23.22 -15.55
C GLN A 100 -33.15 24.71 -15.48
N LEU A 101 -32.73 25.23 -14.33
CA LEU A 101 -32.49 26.65 -14.18
C LEU A 101 -31.09 26.79 -13.62
N HIS A 102 -30.26 27.61 -14.24
CA HIS A 102 -28.88 27.85 -13.82
C HIS A 102 -28.75 29.26 -13.32
N LEU A 103 -28.00 29.46 -12.23
CA LEU A 103 -27.77 30.81 -11.71
C LEU A 103 -26.26 30.92 -11.58
N ASN A 104 -25.63 31.78 -12.38
CA ASN A 104 -24.17 31.86 -12.40
C ASN A 104 -23.67 33.24 -12.14
N VAL A 105 -22.58 33.34 -11.37
CA VAL A 105 -21.94 34.64 -11.16
C VAL A 105 -20.86 34.70 -12.26
N THR A 106 -21.10 35.57 -13.26
CA THR A 106 -20.22 35.63 -14.44
C THR A 106 -19.12 36.66 -14.33
N LYS A 107 -19.26 37.61 -13.39
CA LYS A 107 -18.26 38.64 -13.20
C LYS A 107 -18.36 39.21 -11.81
N ILE A 108 -17.18 39.43 -11.19
CA ILE A 108 -17.04 40.07 -9.89
C ILE A 108 -16.04 41.20 -10.07
N LYS A 109 -16.50 42.43 -9.89
CA LYS A 109 -15.66 43.62 -9.98
C LYS A 109 -15.46 44.17 -8.55
N ASN A 110 -14.20 44.35 -8.14
CA ASN A 110 -13.90 44.91 -6.84
C ASN A 110 -13.41 46.37 -7.04
N ASN A 111 -14.18 47.36 -6.58
CA ASN A 111 -13.83 48.78 -6.71
C ASN A 111 -12.73 49.21 -5.74
N LEU A 112 -12.42 48.37 -4.73
CA LEU A 112 -11.42 48.66 -3.70
C LEU A 112 -10.10 47.94 -3.92
N SER A 113 -9.93 47.35 -5.10
CA SER A 113 -8.73 46.60 -5.38
C SER A 113 -8.32 46.68 -6.85
N GLU A 114 -7.02 46.53 -7.11
CA GLU A 114 -6.47 46.46 -8.46
C GLU A 114 -6.28 45.01 -8.90
N GLY A 115 -6.63 44.07 -8.01
CA GLY A 115 -6.51 42.64 -8.23
C GLY A 115 -5.44 42.00 -7.37
N ILE A 116 -5.12 40.74 -7.67
CA ILE A 116 -4.11 40.00 -6.91
C ILE A 116 -2.71 40.43 -7.37
N PRO A 117 -1.85 40.96 -6.48
CA PRO A 117 -0.48 41.29 -6.89
C PRO A 117 0.29 40.04 -7.35
N GLU A 118 1.30 40.24 -8.22
CA GLU A 118 2.13 39.15 -8.78
C GLU A 118 2.62 38.17 -7.72
N GLY A 119 2.61 36.89 -8.06
CA GLY A 119 3.05 35.80 -7.19
C GLY A 119 2.10 35.50 -6.04
N ASN A 120 0.79 35.76 -6.28
CA ASN A 120 -0.28 35.53 -5.30
C ASN A 120 -0.06 36.31 -4.02
N GLY A 121 0.42 37.56 -4.14
CA GLY A 121 0.60 38.44 -3.01
C GLY A 121 -0.77 38.77 -2.41
N VAL A 122 -0.79 39.29 -1.17
CA VAL A 122 -2.03 39.66 -0.47
C VAL A 122 -2.76 40.78 -1.23
N GLU A 123 -4.04 40.52 -1.55
CA GLU A 123 -4.93 41.49 -2.17
C GLU A 123 -5.74 42.14 -1.03
N GLU A 124 -5.45 43.41 -0.76
CA GLU A 124 -6.13 44.19 0.28
C GLU A 124 -7.60 44.35 -0.16
N ASN A 125 -8.53 44.05 0.77
CA ASN A 125 -9.98 44.15 0.55
C ASN A 125 -10.52 43.17 -0.50
N ALA A 126 -9.84 42.00 -0.64
CA ALA A 126 -10.26 40.95 -1.54
C ALA A 126 -11.69 40.50 -1.19
N ILE A 127 -12.45 40.16 -2.21
CA ILE A 127 -13.77 39.57 -2.04
C ILE A 127 -13.44 38.09 -1.88
N GLN A 128 -13.50 37.61 -0.64
CA GLN A 128 -13.10 36.23 -0.32
C GLN A 128 -14.25 35.25 -0.42
N THR A 129 -15.41 35.63 0.12
CA THR A 129 -16.61 34.79 0.12
C THR A 129 -17.79 35.61 -0.38
N LEU A 130 -18.73 34.92 -1.02
CA LEU A 130 -19.95 35.48 -1.59
C LEU A 130 -21.07 34.43 -1.41
N SER A 131 -22.27 34.90 -1.09
CA SER A 131 -23.47 34.07 -0.99
C SER A 131 -24.70 34.94 -1.08
N PHE A 132 -25.86 34.29 -1.22
CA PHE A 132 -27.17 34.90 -1.26
C PHE A 132 -27.99 34.29 -0.10
N PRO A 133 -27.84 34.83 1.14
CA PRO A 133 -28.57 34.27 2.30
C PRO A 133 -30.08 34.13 2.08
N ASN A 134 -30.62 32.91 2.32
CA ASN A 134 -32.04 32.60 2.17
C ASN A 134 -32.59 32.95 0.75
N GLN A 135 -31.79 32.66 -0.30
CA GLN A 135 -32.22 32.95 -1.67
C GLN A 135 -33.44 32.12 -2.07
N SER A 136 -33.66 30.91 -1.47
CA SER A 136 -34.83 30.06 -1.74
C SER A 136 -35.06 29.91 -3.26
N LEU A 137 -34.07 29.37 -3.99
CA LEU A 137 -34.14 29.18 -5.44
C LEU A 137 -35.32 28.26 -5.81
N VAL A 138 -35.55 27.26 -4.93
CA VAL A 138 -36.69 26.34 -4.94
C VAL A 138 -37.17 26.26 -3.49
N SER A 139 -38.47 26.09 -3.30
CA SER A 139 -39.06 25.96 -1.97
C SER A 139 -40.29 25.07 -2.03
N VAL A 140 -40.64 24.49 -0.88
CA VAL A 140 -41.86 23.69 -0.65
C VAL A 140 -42.54 24.25 0.60
N ARG A 141 -43.87 24.10 0.69
CA ARG A 141 -44.64 24.62 1.82
C ARG A 141 -45.37 23.54 2.56
N SER A 142 -45.55 23.73 3.88
CA SER A 142 -46.30 22.86 4.79
C SER A 142 -47.77 22.69 4.32
N SER A 143 -48.28 23.65 3.53
CA SER A 143 -49.63 23.63 2.93
C SER A 143 -49.72 22.76 1.65
N GLN A 144 -48.57 22.29 1.12
CA GLN A 144 -48.58 21.46 -0.09
C GLN A 144 -48.69 19.97 0.24
N GLU A 145 -49.31 19.21 -0.66
CA GLU A 145 -49.42 17.76 -0.49
C GLU A 145 -48.03 17.11 -0.54
N ASN A 146 -47.74 16.25 0.46
CA ASN A 146 -46.53 15.45 0.62
C ASN A 146 -45.24 16.29 0.63
N ALA A 147 -45.30 17.48 1.28
CA ALA A 147 -44.15 18.37 1.41
C ALA A 147 -43.06 17.67 2.23
N GLN A 148 -41.87 17.56 1.64
CA GLN A 148 -40.79 16.82 2.28
C GLN A 148 -39.40 17.31 1.90
N PHE A 149 -38.41 16.96 2.71
CA PHE A 149 -37.01 17.27 2.51
C PHE A 149 -36.21 15.99 2.70
N THR A 150 -35.20 15.80 1.83
CA THR A 150 -34.22 14.73 1.94
C THR A 150 -32.86 15.38 1.81
N GLY A 151 -32.00 15.07 2.75
CA GLY A 151 -30.65 15.61 2.76
C GLY A 151 -29.59 14.55 2.99
N ALA A 152 -28.40 14.82 2.52
CA ALA A 152 -27.26 13.91 2.70
C ALA A 152 -26.08 14.66 3.27
N ARG A 153 -25.40 14.05 4.23
CA ARG A 153 -24.15 14.50 4.84
C ARG A 153 -23.20 13.33 4.77
N MET A 154 -21.91 13.61 4.92
CA MET A 154 -20.89 12.60 4.82
C MET A 154 -20.85 11.67 6.05
N SER A 155 -20.84 10.37 5.79
CA SER A 155 -20.63 9.33 6.78
C SER A 155 -19.71 8.22 6.25
N SER A 156 -18.61 7.95 6.95
CA SER A 156 -17.68 6.88 6.66
C SER A 156 -17.97 5.71 7.64
N ASN A 157 -19.00 5.87 8.49
CA ASN A 157 -19.37 4.90 9.51
C ASN A 157 -20.51 3.98 9.00
N THR A 158 -20.25 2.64 8.97
CA THR A 158 -21.22 1.62 8.47
C THR A 158 -22.51 1.54 9.29
N GLN A 159 -22.49 2.02 10.53
N GLN A 159 -22.48 2.02 10.55
CA GLN A 159 -23.66 1.99 11.40
CA GLN A 159 -23.62 2.01 11.46
C GLN A 159 -24.36 3.35 11.51
C GLN A 159 -24.37 3.35 11.49
N LYS A 160 -23.83 4.39 10.84
CA LYS A 160 -24.44 5.73 10.87
C LYS A 160 -24.77 6.25 9.48
N PRO A 161 -26.05 6.13 9.03
CA PRO A 161 -26.39 6.66 7.68
C PRO A 161 -26.15 8.18 7.57
N GLY A 162 -25.76 8.66 6.38
CA GLY A 162 -25.57 10.08 6.15
C GLY A 162 -26.85 10.84 5.81
N ASP A 163 -27.95 10.12 5.57
CA ASP A 163 -29.20 10.72 5.15
C ASP A 163 -30.16 11.16 6.21
N THR A 164 -31.02 12.09 5.81
CA THR A 164 -32.12 12.62 6.59
C THR A 164 -33.34 12.69 5.65
N ASN A 165 -34.53 12.30 6.14
CA ASN A 165 -35.77 12.32 5.35
C ASN A 165 -36.90 12.72 6.28
N PHE A 166 -37.51 13.87 6.05
CA PHE A 166 -38.62 14.30 6.90
C PHE A 166 -39.68 15.09 6.17
N ALA A 167 -40.93 15.06 6.71
CA ALA A 167 -42.05 15.84 6.20
C ALA A 167 -41.82 17.30 6.59
N VAL A 168 -42.16 18.23 5.69
CA VAL A 168 -42.07 19.66 5.97
C VAL A 168 -43.45 20.03 6.53
N THR A 169 -43.49 20.45 7.81
CA THR A 169 -44.73 20.82 8.51
C THR A 169 -44.62 22.25 9.06
N GLU A 170 -45.69 22.75 9.70
CA GLU A 170 -45.71 24.09 10.32
C GLU A 170 -44.64 24.26 11.38
N ASP A 171 -44.24 23.15 12.04
CA ASP A 171 -43.20 23.15 13.07
C ASP A 171 -41.76 23.09 12.55
N THR A 172 -41.57 22.77 11.24
CA THR A 172 -40.23 22.69 10.64
C THR A 172 -39.57 24.05 10.79
N ASN A 173 -38.37 24.08 11.37
CA ASN A 173 -37.69 25.32 11.61
C ASN A 173 -36.22 25.15 11.43
N VAL A 174 -35.64 25.70 10.34
CA VAL A 174 -34.22 25.56 10.02
C VAL A 174 -33.62 26.87 9.53
N THR A 175 -32.34 27.08 9.78
CA THR A 175 -31.61 28.28 9.35
C THR A 175 -30.27 27.86 8.83
N ASP A 176 -30.07 27.91 7.50
CA ASP A 176 -28.79 27.51 6.88
C ASP A 176 -28.32 26.12 7.33
N SER A 177 -29.27 25.18 7.46
CA SER A 177 -28.95 23.79 7.75
C SER A 177 -28.24 23.27 6.48
N ASP A 178 -27.00 22.85 6.62
CA ASP A 178 -26.13 22.51 5.49
C ASP A 178 -26.00 21.04 5.18
N TYR A 179 -26.03 20.73 3.87
CA TYR A 179 -25.97 19.35 3.36
C TYR A 179 -25.10 19.26 2.12
N THR A 180 -24.53 18.07 1.87
CA THR A 180 -23.76 17.82 0.64
C THR A 180 -24.78 17.87 -0.53
N TYR A 181 -25.97 17.27 -0.31
CA TYR A 181 -27.11 17.20 -1.25
C TYR A 181 -28.39 17.47 -0.48
N GLY A 182 -29.32 18.17 -1.14
CA GLY A 182 -30.61 18.52 -0.56
C GLY A 182 -31.68 18.50 -1.62
N PHE A 183 -32.79 17.87 -1.28
CA PHE A 183 -33.92 17.70 -2.21
C PHE A 183 -35.19 18.03 -1.51
N ILE A 184 -36.05 18.75 -2.20
CA ILE A 184 -37.37 19.10 -1.67
C ILE A 184 -38.43 18.57 -2.64
N SER A 185 -39.58 18.15 -2.10
CA SER A 185 -40.69 17.63 -2.90
C SER A 185 -41.99 18.10 -2.27
N GLY A 186 -42.96 18.36 -3.12
CA GLY A 186 -44.29 18.80 -2.72
C GLY A 186 -45.14 19.11 -3.92
N ALA A 187 -46.46 18.86 -3.82
CA ALA A 187 -47.43 19.19 -4.86
C ALA A 187 -47.07 18.59 -6.24
N GLY A 188 -46.58 17.36 -6.25
CA GLY A 188 -46.24 16.59 -7.44
C GLY A 188 -44.92 16.92 -8.11
N LEU A 189 -44.08 17.77 -7.48
CA LEU A 189 -42.77 18.13 -8.03
C LEU A 189 -41.64 17.91 -7.04
N SER A 190 -40.45 17.67 -7.57
CA SER A 190 -39.24 17.46 -6.77
C SER A 190 -38.07 18.20 -7.40
N ALA A 191 -37.22 18.78 -6.55
CA ALA A 191 -36.00 19.44 -7.04
C ALA A 191 -34.88 19.33 -6.05
N GLY A 192 -33.68 19.11 -6.59
CA GLY A 192 -32.43 19.17 -5.85
C GLY A 192 -31.73 20.46 -6.25
N LEU A 193 -30.85 20.96 -5.39
CA LEU A 193 -30.06 22.15 -5.66
C LEU A 193 -28.60 21.72 -5.78
N TRP A 194 -27.96 22.07 -6.89
CA TRP A 194 -26.55 21.82 -7.12
C TRP A 194 -25.79 23.15 -6.99
N SER A 195 -24.59 23.10 -6.44
CA SER A 195 -23.71 24.26 -6.36
C SER A 195 -22.27 23.77 -6.43
N ASN A 196 -21.33 24.60 -6.95
CA ASN A 196 -19.89 24.29 -6.94
C ASN A 196 -19.19 24.87 -5.68
N SER A 197 -19.99 25.32 -4.69
CA SER A 197 -19.51 25.82 -3.41
C SER A 197 -18.46 24.89 -2.75
N GLU A 198 -17.33 25.46 -2.29
CA GLU A 198 -16.28 24.73 -1.58
C GLU A 198 -16.44 24.83 -0.06
N HIS A 199 -17.64 25.19 0.41
CA HIS A 199 -17.92 25.32 1.83
C HIS A 199 -17.78 23.97 2.58
N ASP A 200 -17.23 24.02 3.79
CA ASP A 200 -17.11 22.86 4.67
C ASP A 200 -18.05 23.04 5.86
N GLY A 201 -18.85 22.03 6.14
CA GLY A 201 -19.80 22.15 7.25
C GLY A 201 -20.04 20.88 8.02
N THR A 202 -21.32 20.67 8.36
CA THR A 202 -21.81 19.54 9.14
C THR A 202 -21.61 18.20 8.44
N TYR A 203 -21.14 17.21 9.19
CA TYR A 203 -20.95 15.85 8.69
C TYR A 203 -21.42 14.86 9.76
N VAL A 204 -21.71 13.63 9.35
CA VAL A 204 -22.13 12.57 10.27
C VAL A 204 -20.91 11.86 10.87
N ALA A 205 -19.98 11.42 10.03
CA ALA A 205 -18.78 10.71 10.46
C ALA A 205 -17.74 10.78 9.38
N ALA A 206 -16.52 11.14 9.76
CA ALA A 206 -15.36 11.24 8.85
C ALA A 206 -14.09 11.25 9.69
N PRO A 207 -13.09 10.41 9.41
CA PRO A 207 -11.88 10.43 10.24
C PRO A 207 -10.88 11.54 9.85
N VAL A 208 -11.12 12.25 8.72
CA VAL A 208 -10.19 13.20 8.11
C VAL A 208 -10.95 14.40 7.55
N ARG A 209 -10.20 15.36 7.00
CA ARG A 209 -10.72 16.55 6.32
C ARG A 209 -10.61 16.24 4.83
N GLY A 210 -9.79 16.95 4.08
CA GLY A 210 -9.56 16.65 2.66
C GLY A 210 -10.79 16.57 1.77
N GLY A 211 -11.75 17.48 1.98
CA GLY A 211 -12.97 17.51 1.17
C GLY A 211 -14.08 16.59 1.61
N SER A 212 -13.92 15.93 2.77
CA SER A 212 -14.94 15.06 3.37
C SER A 212 -16.19 15.84 3.77
N GLN A 213 -15.99 17.09 4.24
CA GLN A 213 -17.02 17.95 4.83
C GLN A 213 -17.66 18.93 3.86
N ASN A 214 -17.45 18.77 2.55
CA ASN A 214 -18.03 19.70 1.60
C ASN A 214 -19.58 19.70 1.66
N THR A 215 -20.19 20.81 2.10
CA THR A 215 -21.66 20.92 2.17
C THR A 215 -22.01 22.12 1.30
N ARG A 216 -22.86 21.91 0.32
CA ARG A 216 -23.09 22.89 -0.74
C ARG A 216 -24.48 23.48 -0.77
N VAL A 217 -25.43 22.89 0.02
CA VAL A 217 -26.83 23.30 0.06
C VAL A 217 -27.18 23.79 1.45
N TYR A 218 -27.84 24.96 1.53
CA TYR A 218 -28.34 25.57 2.78
C TYR A 218 -29.86 25.54 2.74
N ALA A 219 -30.48 24.97 3.77
CA ALA A 219 -31.94 24.91 3.88
C ALA A 219 -32.35 25.90 4.98
N THR A 220 -33.36 26.74 4.68
CA THR A 220 -33.91 27.75 5.58
C THR A 220 -35.42 27.80 5.45
N THR A 221 -36.11 27.89 6.59
CA THR A 221 -37.56 28.08 6.65
C THR A 221 -37.87 29.57 6.81
N GLN A 222 -39.03 29.98 6.30
CA GLN A 222 -39.61 31.31 6.44
C GLN A 222 -41.12 31.12 6.42
N GLN A 223 -41.87 32.11 6.91
CA GLN A 223 -43.32 32.10 6.92
C GLN A 223 -43.82 32.73 5.63
N THR A 224 -44.69 32.03 4.91
CA THR A 224 -45.30 32.52 3.67
C THR A 224 -46.80 32.44 3.96
N GLY A 225 -47.33 33.54 4.47
CA GLY A 225 -48.72 33.63 4.90
C GLY A 225 -48.95 32.74 6.10
N ASP A 226 -49.87 31.77 5.96
CA ASP A 226 -50.25 30.82 7.00
C ASP A 226 -49.33 29.57 7.04
N ALA A 227 -48.56 29.33 5.96
CA ALA A 227 -47.68 28.16 5.85
C ALA A 227 -46.19 28.42 6.15
N THR A 228 -45.49 27.34 6.49
CA THR A 228 -44.04 27.34 6.67
C THR A 228 -43.47 26.93 5.31
N SER A 229 -42.51 27.69 4.79
CA SER A 229 -41.85 27.42 3.53
C SER A 229 -40.41 26.99 3.81
N LEU A 230 -40.00 25.86 3.25
CA LEU A 230 -38.62 25.39 3.33
C LEU A 230 -37.94 25.67 1.97
N GLY A 231 -36.95 26.56 1.98
CA GLY A 231 -36.20 26.96 0.79
C GLY A 231 -34.77 26.48 0.74
N LEU A 232 -34.30 26.19 -0.49
CA LEU A 232 -32.91 25.79 -0.69
C LEU A 232 -32.10 26.93 -1.32
N ALA A 233 -30.87 27.11 -0.83
CA ALA A 233 -29.91 28.11 -1.31
C ALA A 233 -28.56 27.42 -1.43
N SER A 234 -27.62 28.05 -2.15
CA SER A 234 -26.26 27.54 -2.20
C SER A 234 -25.53 27.93 -0.91
N ALA A 235 -24.57 27.10 -0.46
CA ALA A 235 -23.66 27.44 0.62
C ALA A 235 -22.68 28.52 0.02
N PRO A 236 -21.93 29.30 0.84
CA PRO A 236 -21.06 30.32 0.24
C PRO A 236 -19.98 29.80 -0.70
N TRP A 237 -19.62 30.65 -1.67
CA TRP A 237 -18.56 30.38 -2.62
C TRP A 237 -17.33 31.15 -2.22
N TYR A 238 -16.14 30.57 -2.49
CA TYR A 238 -14.89 31.28 -2.30
C TYR A 238 -14.57 31.95 -3.62
N TYR A 239 -14.07 33.19 -3.55
CA TYR A 239 -13.66 33.90 -4.76
C TYR A 239 -12.16 34.15 -4.70
N HIS A 240 -11.70 35.24 -4.07
CA HIS A 240 -10.27 35.56 -3.91
C HIS A 240 -9.93 35.39 -2.42
N ARG A 241 -9.68 34.15 -2.03
CA ARG A 241 -9.37 33.75 -0.67
C ARG A 241 -7.94 34.07 -0.25
N THR A 242 -7.82 34.68 0.93
CA THR A 242 -6.54 35.01 1.54
C THR A 242 -6.19 33.92 2.54
N VAL A 243 -5.01 33.33 2.38
CA VAL A 243 -4.54 32.21 3.19
C VAL A 243 -3.14 32.51 3.74
N THR A 244 -2.75 31.78 4.78
CA THR A 244 -1.48 31.90 5.46
C THR A 244 -0.74 30.57 5.46
N ASP A 245 0.57 30.58 5.14
CA ASP A 245 1.37 29.36 5.18
C ASP A 245 1.91 29.12 6.63
N SER A 246 2.74 28.08 6.83
CA SER A 246 3.27 27.70 8.15
C SER A 246 4.29 28.70 8.74
N LYS A 247 4.80 29.65 7.94
CA LYS A 247 5.77 30.65 8.38
C LYS A 247 5.10 32.02 8.64
N GLY A 248 3.77 32.07 8.50
CA GLY A 248 3.03 33.30 8.70
C GLY A 248 2.89 34.16 7.46
N LYS A 249 3.41 33.70 6.29
CA LYS A 249 3.31 34.46 5.05
C LYS A 249 1.88 34.35 4.47
N LYS A 250 1.32 35.49 4.09
CA LYS A 250 -0.03 35.57 3.54
C LYS A 250 -0.04 35.61 2.02
N TYR A 251 -1.08 35.04 1.42
CA TYR A 251 -1.29 34.99 -0.03
C TYR A 251 -2.75 35.19 -0.37
N THR A 252 -3.05 35.76 -1.53
CA THR A 252 -4.41 35.75 -2.05
C THR A 252 -4.35 34.88 -3.30
N VAL A 253 -5.25 33.91 -3.40
CA VAL A 253 -5.30 32.93 -4.48
C VAL A 253 -6.63 33.10 -5.21
N ALA A 254 -6.60 33.11 -6.56
CA ALA A 254 -7.80 33.26 -7.39
C ALA A 254 -8.74 32.04 -7.26
N GLU A 255 -10.00 32.20 -7.66
CA GLU A 255 -11.05 31.19 -7.59
C GLU A 255 -10.71 29.95 -8.39
N THR A 256 -11.20 28.79 -7.93
CA THR A 256 -11.03 27.53 -8.64
C THR A 256 -11.90 27.63 -9.90
N ALA A 257 -13.11 28.22 -9.74
CA ALA A 257 -14.13 28.48 -10.75
C ALA A 257 -14.99 29.60 -10.24
N LEU A 258 -15.70 30.25 -11.14
CA LEU A 258 -16.65 31.27 -10.73
C LEU A 258 -17.87 30.59 -10.07
N PRO A 259 -18.58 31.28 -9.15
CA PRO A 259 -19.77 30.67 -8.51
C PRO A 259 -20.83 30.18 -9.51
N GLN A 260 -21.29 28.94 -9.32
CA GLN A 260 -22.32 28.34 -10.16
C GLN A 260 -23.27 27.55 -9.29
N MET A 261 -24.55 27.56 -9.65
CA MET A 261 -25.58 26.76 -9.00
C MET A 261 -26.70 26.47 -9.97
N ALA A 262 -27.48 25.43 -9.71
CA ALA A 262 -28.57 25.07 -10.60
C ALA A 262 -29.60 24.24 -9.86
N VAL A 263 -30.78 24.16 -10.43
CA VAL A 263 -31.89 23.32 -9.96
C VAL A 263 -32.44 22.58 -11.18
N ALA A 264 -33.06 21.41 -10.96
CA ALA A 264 -33.71 20.66 -12.05
C ALA A 264 -35.05 20.16 -11.49
N ILE A 265 -36.14 20.57 -12.14
CA ILE A 265 -37.50 20.29 -11.65
C ILE A 265 -37.99 18.96 -12.22
N ALA A 266 -38.36 18.03 -11.34
CA ALA A 266 -38.85 16.72 -11.73
C ALA A 266 -40.31 16.53 -11.32
N GLY A 267 -41.01 15.75 -12.14
CA GLY A 267 -42.34 15.22 -11.89
C GLY A 267 -42.11 13.79 -11.41
N ASP A 268 -43.03 12.85 -11.70
CA ASP A 268 -42.81 11.46 -11.28
C ASP A 268 -41.91 10.75 -12.34
N GLU A 269 -40.59 11.00 -12.27
CA GLU A 269 -39.56 10.53 -13.21
C GLU A 269 -39.41 9.02 -13.29
N ASN A 270 -39.51 8.30 -12.15
CA ASN A 270 -39.38 6.84 -12.18
C ASN A 270 -40.76 6.15 -12.32
N GLU A 271 -41.84 6.95 -12.45
CA GLU A 271 -43.23 6.50 -12.67
C GLU A 271 -43.75 5.48 -11.67
N ASP A 272 -43.44 5.68 -10.39
CA ASP A 272 -43.87 4.72 -9.39
C ASP A 272 -45.13 5.21 -8.62
N GLY A 273 -45.73 6.30 -9.08
CA GLY A 273 -46.94 6.86 -8.47
C GLY A 273 -46.70 7.76 -7.27
N ALA A 274 -45.44 8.04 -6.94
CA ALA A 274 -45.11 8.93 -5.83
C ALA A 274 -44.08 9.96 -6.28
N VAL A 275 -44.13 11.17 -5.73
CA VAL A 275 -43.12 12.18 -6.07
C VAL A 275 -42.30 12.44 -4.82
N ASN A 276 -41.01 12.10 -4.88
CA ASN A 276 -40.13 12.29 -3.72
C ASN A 276 -38.72 12.60 -4.20
N TRP A 277 -37.73 12.61 -3.30
CA TRP A 277 -36.34 12.93 -3.66
C TRP A 277 -35.74 12.09 -4.78
N GLN A 278 -36.22 10.85 -4.97
CA GLN A 278 -35.69 9.94 -6.00
C GLN A 278 -35.98 10.46 -7.39
N ASP A 279 -37.13 11.11 -7.56
CA ASP A 279 -37.49 11.76 -8.82
C ASP A 279 -36.58 12.97 -9.02
N GLY A 280 -36.37 13.75 -7.94
CA GLY A 280 -35.48 14.91 -7.96
C GLY A 280 -34.05 14.50 -8.29
N ALA A 281 -33.59 13.36 -7.72
CA ALA A 281 -32.26 12.77 -7.90
C ALA A 281 -32.04 12.34 -9.33
N ILE A 282 -33.05 11.77 -9.99
CA ILE A 282 -32.92 11.43 -11.42
C ILE A 282 -32.68 12.71 -12.24
N ALA A 283 -33.51 13.77 -12.03
CA ALA A 283 -33.32 15.03 -12.77
C ALA A 283 -31.99 15.71 -12.41
N TYR A 284 -31.56 15.55 -11.15
CA TYR A 284 -30.35 16.14 -10.61
C TYR A 284 -29.08 15.68 -11.35
N ARG A 285 -29.07 14.45 -11.87
CA ARG A 285 -27.93 13.93 -12.65
C ARG A 285 -27.64 14.77 -13.90
N ASP A 286 -28.66 15.49 -14.41
CA ASP A 286 -28.46 16.36 -15.59
C ASP A 286 -27.77 17.68 -15.27
N ILE A 287 -27.70 18.09 -13.99
CA ILE A 287 -27.07 19.38 -13.62
C ILE A 287 -25.83 19.22 -12.76
N MET A 288 -25.68 18.08 -12.07
CA MET A 288 -24.57 17.91 -11.12
C MET A 288 -23.21 17.85 -11.80
N ASN A 289 -22.17 18.22 -11.03
CA ASN A 289 -20.79 18.05 -11.45
C ASN A 289 -20.57 16.52 -11.54
N ASN A 290 -19.73 16.10 -12.46
CA ASN A 290 -19.40 14.69 -12.63
C ASN A 290 -17.91 14.57 -12.52
N PRO A 291 -17.37 13.73 -11.63
CA PRO A 291 -15.90 13.61 -11.55
C PRO A 291 -15.32 13.29 -12.92
N TYR A 292 -14.21 13.93 -13.19
CA TYR A 292 -13.48 13.77 -14.43
C TYR A 292 -13.12 12.30 -14.68
N LYS A 293 -13.48 11.80 -15.88
CA LYS A 293 -13.26 10.41 -16.32
C LYS A 293 -14.06 9.37 -15.49
N SER A 294 -15.16 9.81 -14.83
CA SER A 294 -16.02 8.89 -14.07
C SER A 294 -16.77 7.93 -15.02
N GLU A 295 -16.88 8.27 -16.32
CA GLU A 295 -17.56 7.40 -17.30
C GLU A 295 -16.85 6.04 -17.54
N GLU A 296 -15.57 5.94 -17.23
CA GLU A 296 -14.84 4.69 -17.39
C GLU A 296 -14.85 3.79 -16.14
N VAL A 297 -15.37 4.30 -14.98
CA VAL A 297 -15.38 3.56 -13.71
C VAL A 297 -16.04 2.14 -13.85
N PRO A 298 -17.21 1.94 -14.54
CA PRO A 298 -17.77 0.58 -14.65
C PRO A 298 -16.90 -0.44 -15.40
N GLU A 299 -15.92 0.03 -16.21
CA GLU A 299 -14.98 -0.86 -16.92
C GLU A 299 -13.84 -1.36 -16.05
N LEU A 300 -13.58 -0.72 -14.89
CA LEU A 300 -12.43 -1.02 -14.02
C LEU A 300 -12.68 -2.20 -13.10
N VAL A 301 -12.77 -3.39 -13.69
CA VAL A 301 -13.09 -4.63 -12.97
C VAL A 301 -11.93 -5.08 -12.07
N ALA A 302 -10.69 -5.04 -12.58
CA ALA A 302 -9.51 -5.50 -11.87
C ALA A 302 -8.59 -4.38 -11.36
N TRP A 303 -8.89 -3.88 -10.14
CA TRP A 303 -8.03 -2.91 -9.46
C TRP A 303 -6.97 -3.70 -8.71
N ARG A 304 -5.75 -3.14 -8.60
CA ARG A 304 -4.65 -3.71 -7.81
C ARG A 304 -3.49 -2.74 -7.79
N ILE A 305 -2.55 -3.02 -6.91
CA ILE A 305 -1.33 -2.27 -6.69
C ILE A 305 -0.13 -3.11 -7.12
N ALA A 306 0.77 -2.51 -7.90
CA ALA A 306 2.05 -3.12 -8.28
C ALA A 306 3.09 -2.29 -7.48
N MET A 307 3.79 -2.95 -6.55
CA MET A 307 4.69 -2.26 -5.64
C MET A 307 6.18 -2.35 -5.92
N ASN A 308 6.87 -1.23 -5.68
CA ASN A 308 8.34 -1.11 -5.72
C ASN A 308 8.77 -0.43 -4.46
N PHE A 309 9.89 -0.89 -3.88
CA PHE A 309 10.35 -0.33 -2.61
C PHE A 309 11.84 -0.54 -2.37
N GLY A 310 12.45 0.48 -1.77
CA GLY A 310 13.83 0.43 -1.28
C GLY A 310 14.90 0.06 -2.29
N SER A 311 14.78 0.58 -3.54
CA SER A 311 15.76 0.39 -4.64
C SER A 311 15.77 -1.00 -5.26
N GLN A 312 14.91 -1.92 -4.78
CA GLN A 312 14.87 -3.33 -5.16
C GLN A 312 14.32 -3.63 -6.55
N ALA A 313 13.43 -2.76 -7.13
CA ALA A 313 12.81 -3.00 -8.44
C ALA A 313 12.08 -4.38 -8.50
N GLN A 314 11.29 -4.63 -7.46
CA GLN A 314 10.46 -5.85 -7.33
C GLN A 314 9.54 -6.01 -8.54
N ASN A 315 9.04 -4.89 -9.07
CA ASN A 315 8.09 -4.88 -10.18
C ASN A 315 8.47 -3.88 -11.28
N PRO A 316 9.48 -4.17 -12.12
CA PRO A 316 9.80 -3.23 -13.21
C PRO A 316 8.57 -3.12 -14.11
N PHE A 317 8.38 -1.95 -14.74
CA PHE A 317 7.22 -1.67 -15.59
C PHE A 317 6.89 -2.76 -16.63
N LEU A 318 7.90 -3.34 -17.30
CA LEU A 318 7.63 -4.38 -18.30
C LEU A 318 7.16 -5.70 -17.71
N THR A 319 7.51 -5.97 -16.44
CA THR A 319 6.98 -7.12 -15.68
C THR A 319 5.49 -6.85 -15.38
N THR A 320 5.13 -5.61 -14.99
CA THR A 320 3.74 -5.21 -14.72
C THR A 320 2.91 -5.41 -15.98
N LEU A 321 3.47 -5.11 -17.16
CA LEU A 321 2.77 -5.35 -18.43
C LEU A 321 2.46 -6.87 -18.62
N ASP A 322 3.42 -7.76 -18.28
CA ASP A 322 3.14 -9.20 -18.37
C ASP A 322 2.02 -9.62 -17.42
N ASN A 323 2.01 -9.07 -16.18
CA ASN A 323 0.98 -9.39 -15.19
C ASN A 323 -0.42 -8.92 -15.63
N VAL A 324 -0.50 -7.79 -16.37
CA VAL A 324 -1.73 -7.28 -16.99
C VAL A 324 -2.24 -8.35 -18.00
N LYS A 325 -1.33 -8.92 -18.81
CA LYS A 325 -1.68 -9.95 -19.80
C LYS A 325 -2.16 -11.23 -19.13
N LYS A 326 -1.57 -11.62 -17.99
CA LYS A 326 -2.00 -12.79 -17.22
C LYS A 326 -3.47 -12.60 -16.72
N VAL A 327 -3.77 -11.40 -16.15
CA VAL A 327 -5.09 -11.00 -15.65
C VAL A 327 -6.08 -10.92 -16.84
N ALA A 328 -5.64 -10.36 -18.00
CA ALA A 328 -6.49 -10.30 -19.20
C ALA A 328 -6.94 -11.72 -19.62
N LEU A 329 -6.00 -12.69 -19.65
CA LEU A 329 -6.34 -14.08 -20.01
C LEU A 329 -7.36 -14.68 -19.01
N ASN A 330 -7.12 -14.45 -17.72
CA ASN A 330 -7.93 -15.02 -16.68
C ASN A 330 -9.33 -14.40 -16.52
N THR A 331 -9.55 -13.18 -17.03
CA THR A 331 -10.82 -12.46 -16.95
C THR A 331 -11.47 -12.34 -18.33
N ASP A 332 -10.85 -12.95 -19.35
CA ASP A 332 -11.31 -12.85 -20.72
C ASP A 332 -11.34 -11.36 -21.20
N GLY A 333 -10.34 -10.58 -20.78
CA GLY A 333 -10.18 -9.20 -21.22
C GLY A 333 -11.01 -8.13 -20.55
N LEU A 334 -11.41 -8.32 -19.30
CA LEU A 334 -12.12 -7.27 -18.55
C LEU A 334 -11.13 -6.16 -18.21
N GLY A 335 -11.63 -4.92 -18.12
CA GLY A 335 -10.83 -3.75 -17.80
C GLY A 335 -10.09 -3.84 -16.47
N GLN A 336 -8.95 -3.16 -16.39
CA GLN A 336 -8.07 -3.18 -15.21
C GLN A 336 -7.67 -1.77 -14.84
N SER A 337 -7.32 -1.58 -13.59
CA SER A 337 -6.84 -0.30 -13.09
C SER A 337 -5.68 -0.61 -12.14
N VAL A 338 -4.46 -0.37 -12.62
CA VAL A 338 -3.22 -0.71 -11.89
C VAL A 338 -2.59 0.52 -11.26
N LEU A 339 -2.53 0.54 -9.94
N LEU A 339 -2.55 0.55 -9.94
CA LEU A 339 -1.95 1.61 -9.14
CA LEU A 339 -1.92 1.64 -9.21
C LEU A 339 -0.44 1.30 -8.93
C LEU A 339 -0.44 1.30 -8.96
N LEU A 340 0.44 2.14 -9.51
CA LEU A 340 1.89 1.97 -9.39
C LEU A 340 2.41 2.65 -8.14
N LYS A 341 2.55 1.87 -7.07
CA LYS A 341 3.01 2.38 -5.77
C LYS A 341 4.51 2.18 -5.72
N GLY A 342 5.21 3.29 -5.85
CA GLY A 342 6.66 3.26 -5.94
C GLY A 342 7.16 3.34 -7.37
N TYR A 343 6.35 3.94 -8.29
CA TYR A 343 6.74 4.12 -9.71
C TYR A 343 7.96 5.05 -9.81
N GLY A 344 8.14 5.90 -8.81
CA GLY A 344 9.14 6.93 -8.83
C GLY A 344 10.35 6.73 -7.96
N ASN A 345 11.45 7.42 -8.35
CA ASN A 345 12.69 7.45 -7.58
C ASN A 345 13.12 5.99 -7.16
N GLU A 346 13.38 5.72 -5.87
CA GLU A 346 13.80 4.39 -5.39
C GLU A 346 12.64 3.44 -5.04
N GLY A 347 11.41 3.92 -5.15
CA GLY A 347 10.22 3.14 -4.86
C GLY A 347 9.26 3.84 -3.92
N HIS A 348 8.37 3.08 -3.29
CA HIS A 348 7.32 3.60 -2.40
C HIS A 348 7.92 4.33 -1.20
N ASP A 349 7.44 5.54 -0.95
CA ASP A 349 7.92 6.44 0.11
C ASP A 349 9.43 6.74 -0.02
N SER A 350 9.87 6.98 -1.25
CA SER A 350 11.18 7.48 -1.65
C SER A 350 10.89 8.61 -2.62
N GLY A 351 11.67 9.68 -2.57
CA GLY A 351 11.60 10.76 -3.55
C GLY A 351 10.40 11.67 -3.55
N HIS A 352 9.46 11.53 -2.58
CA HIS A 352 8.33 12.45 -2.48
C HIS A 352 8.90 13.85 -2.23
N PRO A 353 8.45 14.91 -2.96
CA PRO A 353 7.29 14.95 -3.89
C PRO A 353 7.72 15.17 -5.36
N ASP A 354 8.82 14.53 -5.80
CA ASP A 354 9.34 14.68 -7.17
C ASP A 354 8.48 13.85 -8.13
N TYR A 355 7.27 14.36 -8.46
CA TYR A 355 6.30 13.61 -9.30
C TYR A 355 6.86 13.20 -10.64
N GLY A 356 7.68 14.04 -11.25
CA GLY A 356 8.31 13.74 -12.54
C GLY A 356 9.50 12.78 -12.51
N ASP A 357 9.99 12.34 -11.33
CA ASP A 357 11.16 11.44 -11.28
C ASP A 357 10.70 9.98 -11.41
N ILE A 358 10.65 9.44 -12.64
CA ILE A 358 10.21 8.05 -12.87
C ILE A 358 11.37 7.12 -12.50
N GLY A 359 11.07 6.09 -11.70
CA GLY A 359 12.06 5.12 -11.23
C GLY A 359 12.94 4.58 -12.35
N GLN A 360 14.20 5.02 -12.38
CA GLN A 360 15.21 4.60 -13.38
C GLN A 360 15.49 3.08 -13.35
N ARG A 361 15.49 2.47 -12.13
CA ARG A 361 15.72 1.03 -11.95
C ARG A 361 14.51 0.18 -12.41
N LEU A 362 13.35 0.82 -12.68
CA LEU A 362 12.14 0.13 -13.14
C LEU A 362 12.06 0.13 -14.67
N GLY A 363 12.95 0.91 -15.29
CA GLY A 363 13.00 1.09 -16.73
C GLY A 363 12.70 2.51 -17.17
N GLY A 364 12.48 3.41 -16.19
CA GLY A 364 12.21 4.83 -16.42
C GLY A 364 10.95 5.16 -17.22
N ALA A 365 10.87 6.40 -17.74
CA ALA A 365 9.74 6.87 -18.54
C ALA A 365 9.46 6.02 -19.79
N ASP A 366 10.53 5.58 -20.45
CA ASP A 366 10.44 4.76 -21.66
C ASP A 366 9.67 3.48 -21.45
N ASP A 367 10.03 2.69 -20.41
CA ASP A 367 9.32 1.45 -20.11
C ASP A 367 7.94 1.75 -19.53
N MET A 368 7.80 2.84 -18.74
CA MET A 368 6.49 3.19 -18.17
C MET A 368 5.49 3.48 -19.31
N ASN A 369 5.93 4.21 -20.33
CA ASN A 369 5.11 4.53 -21.51
C ASN A 369 4.77 3.28 -22.34
N THR A 370 5.73 2.36 -22.53
CA THR A 370 5.50 1.10 -23.26
C THR A 370 4.44 0.29 -22.51
N MET A 371 4.60 0.15 -21.19
CA MET A 371 3.66 -0.55 -20.33
C MET A 371 2.23 0.04 -20.46
N MET A 372 2.11 1.37 -20.41
CA MET A 372 0.78 2.03 -20.50
C MET A 372 0.17 1.92 -21.89
N GLU A 373 0.98 2.14 -22.95
CA GLU A 373 0.55 2.04 -24.35
C GLU A 373 0.12 0.62 -24.70
N GLU A 374 0.96 -0.39 -24.41
CA GLU A 374 0.63 -1.80 -24.63
C GLU A 374 -0.51 -2.28 -23.72
N GLY A 375 -0.51 -1.88 -22.45
CA GLY A 375 -1.55 -2.25 -21.48
C GLY A 375 -2.95 -1.78 -21.85
N SER A 376 -3.05 -0.58 -22.47
CA SER A 376 -4.35 -0.01 -22.88
C SER A 376 -5.06 -0.90 -23.92
N LYS A 377 -4.30 -1.67 -24.69
CA LYS A 377 -4.82 -2.61 -25.70
C LYS A 377 -5.54 -3.79 -25.04
N TYR A 378 -5.31 -3.98 -23.73
CA TYR A 378 -5.95 -5.03 -22.92
C TYR A 378 -6.99 -4.39 -21.96
N GLY A 379 -7.29 -3.10 -22.17
CA GLY A 379 -8.19 -2.34 -21.32
C GLY A 379 -7.59 -2.04 -19.95
N ALA A 380 -6.24 -2.06 -19.83
CA ALA A 380 -5.64 -1.75 -18.52
C ALA A 380 -5.29 -0.27 -18.46
N ARG A 381 -5.75 0.38 -17.38
CA ARG A 381 -5.48 1.79 -17.03
C ARG A 381 -4.39 1.78 -15.97
N PHE A 382 -3.54 2.80 -15.95
CA PHE A 382 -2.45 2.94 -14.99
C PHE A 382 -2.49 4.29 -14.33
N GLY A 383 -2.04 4.32 -13.10
CA GLY A 383 -1.97 5.54 -12.32
C GLY A 383 -0.84 5.43 -11.33
N VAL A 384 -0.43 6.58 -10.78
CA VAL A 384 0.72 6.60 -9.87
C VAL A 384 0.34 7.14 -8.50
N HIS A 385 0.98 6.59 -7.47
CA HIS A 385 0.85 7.01 -6.09
C HIS A 385 1.77 8.23 -5.88
N VAL A 386 1.17 9.36 -5.51
CA VAL A 386 1.90 10.60 -5.20
C VAL A 386 1.56 11.06 -3.79
N ASN A 387 2.40 11.92 -3.23
CA ASN A 387 2.20 12.45 -1.91
C ASN A 387 2.43 13.98 -1.97
N ALA A 388 1.47 14.76 -1.45
CA ALA A 388 1.62 16.23 -1.43
C ALA A 388 1.66 16.72 0.01
N SER A 389 2.00 15.82 0.95
CA SER A 389 1.99 16.18 2.39
C SER A 389 3.30 15.94 3.11
N GLU A 390 4.15 15.08 2.57
CA GLU A 390 5.39 14.67 3.19
C GLU A 390 6.50 14.56 2.13
N MET A 391 7.71 14.98 2.49
CA MET A 391 8.85 14.93 1.57
C MET A 391 10.12 14.42 2.25
N TYR A 392 11.11 14.01 1.44
CA TYR A 392 12.41 13.53 1.93
C TYR A 392 13.52 14.43 1.44
N PRO A 393 14.58 14.62 2.27
CA PRO A 393 15.75 15.44 1.85
C PRO A 393 16.30 15.15 0.43
N GLU A 394 16.30 13.88 -0.01
CA GLU A 394 16.76 13.44 -1.33
C GLU A 394 15.97 14.06 -2.50
N ALA A 395 14.69 14.45 -2.26
CA ALA A 395 13.86 15.01 -3.33
C ALA A 395 14.36 16.39 -3.74
N LYS A 396 14.50 16.60 -5.06
CA LYS A 396 15.00 17.86 -5.60
C LYS A 396 14.10 19.04 -5.24
N ALA A 397 12.80 18.77 -5.00
CA ALA A 397 11.81 19.77 -4.59
C ALA A 397 12.01 20.18 -3.12
N PHE A 398 12.75 19.34 -2.32
CA PHE A 398 13.02 19.66 -0.91
C PHE A 398 13.73 21.02 -0.82
N SER A 399 13.16 21.93 -0.02
CA SER A 399 13.69 23.30 0.17
C SER A 399 13.17 23.83 1.49
N GLU A 400 13.75 24.94 1.98
CA GLU A 400 13.31 25.60 3.21
C GLU A 400 11.88 26.12 3.10
N ASP A 401 11.50 26.67 1.94
CA ASP A 401 10.12 27.14 1.71
C ASP A 401 9.10 26.00 1.69
N MET A 402 9.50 24.81 1.17
CA MET A 402 8.63 23.63 1.13
C MET A 402 8.39 23.01 2.52
N VAL A 403 9.33 23.22 3.43
CA VAL A 403 9.27 22.65 4.78
C VAL A 403 8.12 23.23 5.61
N ARG A 404 7.27 22.38 6.18
CA ARG A 404 6.25 22.86 7.09
C ARG A 404 6.95 23.06 8.47
N ARG A 405 6.80 24.25 9.06
CA ARG A 405 7.36 24.49 10.40
C ARG A 405 6.24 24.70 11.41
N ASN A 406 6.50 24.37 12.68
CA ASN A 406 5.54 24.53 13.77
C ASN A 406 5.63 25.97 14.35
N SER A 407 4.76 26.31 15.34
CA SER A 407 4.72 27.62 16.03
C SER A 407 6.07 28.09 16.57
N ALA A 408 6.93 27.13 16.98
CA ALA A 408 8.26 27.40 17.53
C ALA A 408 9.36 27.56 16.46
N GLY A 409 9.04 27.28 15.20
CA GLY A 409 10.02 27.36 14.12
C GLY A 409 10.78 26.06 13.88
N GLY A 410 10.37 24.99 14.54
CA GLY A 410 10.97 23.68 14.34
C GLY A 410 10.30 22.93 13.19
N LEU A 411 10.97 21.91 12.64
CA LEU A 411 10.45 21.07 11.57
C LEU A 411 9.23 20.33 12.05
N SER A 412 8.25 20.21 11.17
CA SER A 412 7.07 19.40 11.43
C SER A 412 7.47 18.04 10.86
N TYR A 413 8.01 17.15 11.71
CA TYR A 413 8.49 15.84 11.28
C TYR A 413 7.41 14.89 10.90
N GLY A 414 7.67 14.11 9.84
CA GLY A 414 6.83 13.01 9.39
C GLY A 414 7.37 11.69 9.90
N TRP A 415 7.22 10.63 9.12
CA TRP A 415 7.63 9.28 9.47
C TRP A 415 9.08 8.96 9.03
N ASN A 416 9.84 8.30 9.92
CA ASN A 416 11.19 7.83 9.63
C ASN A 416 11.10 6.35 9.32
N TRP A 417 11.62 5.93 8.14
CA TRP A 417 11.61 4.52 7.74
C TRP A 417 12.89 4.24 6.98
N LEU A 418 12.94 4.60 5.68
CA LEU A 418 14.19 4.52 4.90
C LEU A 418 14.98 5.79 5.22
N ASP A 419 14.27 6.92 5.33
CA ASP A 419 14.76 8.28 5.62
C ASP A 419 13.73 8.98 6.48
N GLN A 420 14.06 10.15 7.02
CA GLN A 420 13.14 10.96 7.81
C GLN A 420 12.25 11.81 6.88
N GLY A 421 10.95 11.59 6.98
CA GLY A 421 9.96 12.37 6.27
C GLY A 421 9.76 13.70 6.97
N VAL A 422 9.53 14.76 6.19
CA VAL A 422 9.31 16.14 6.68
C VAL A 422 7.99 16.62 6.08
N GLY A 423 7.14 17.23 6.90
CA GLY A 423 5.86 17.76 6.40
C GLY A 423 6.07 18.84 5.36
N ILE A 424 5.20 18.85 4.35
CA ILE A 424 5.23 19.86 3.29
C ILE A 424 4.31 20.98 3.73
N ASP A 425 4.75 22.24 3.55
CA ASP A 425 3.90 23.42 3.80
C ASP A 425 2.87 23.46 2.61
N GLY A 426 1.69 22.89 2.83
CA GLY A 426 0.62 22.76 1.83
C GLY A 426 0.11 24.06 1.23
N ILE A 427 0.02 25.11 2.04
CA ILE A 427 -0.41 26.42 1.59
C ILE A 427 0.66 27.04 0.69
N TYR A 428 1.94 26.99 1.12
CA TYR A 428 3.04 27.47 0.29
C TYR A 428 3.05 26.66 -1.07
N ASP A 429 2.93 25.33 -1.02
CA ASP A 429 3.02 24.46 -2.20
C ASP A 429 1.96 24.81 -3.27
N LEU A 430 0.73 25.13 -2.82
CA LEU A 430 -0.35 25.62 -3.68
C LEU A 430 -0.10 27.05 -4.20
N ALA A 431 -0.01 28.03 -3.28
CA ALA A 431 0.09 29.47 -3.58
C ALA A 431 1.32 29.90 -4.38
N SER A 432 2.46 29.18 -4.24
CA SER A 432 3.71 29.52 -4.95
C SER A 432 3.74 28.97 -6.36
N GLY A 433 2.83 28.05 -6.69
CA GLY A 433 2.80 27.35 -7.96
C GLY A 433 3.76 26.17 -8.02
N SER A 434 4.40 25.81 -6.86
CA SER A 434 5.37 24.69 -6.81
C SER A 434 4.75 23.33 -7.14
N ARG A 435 3.61 23.00 -6.49
CA ARG A 435 2.95 21.71 -6.71
C ARG A 435 2.52 21.51 -8.18
N VAL A 436 1.90 22.54 -8.79
N VAL A 436 1.92 22.56 -8.78
CA VAL A 436 1.40 22.42 -10.16
CA VAL A 436 1.44 22.61 -10.17
C VAL A 436 2.60 22.22 -11.16
C VAL A 436 2.60 22.26 -11.13
N SER A 437 3.79 22.84 -10.87
CA SER A 437 4.99 22.64 -11.69
C SER A 437 5.52 21.22 -11.58
N ARG A 438 5.42 20.57 -10.39
CA ARG A 438 5.87 19.18 -10.26
C ARG A 438 4.90 18.25 -10.98
N PHE A 439 3.61 18.59 -11.01
CA PHE A 439 2.64 17.80 -11.79
C PHE A 439 2.91 17.97 -13.28
N ALA A 440 3.38 19.18 -13.71
CA ALA A 440 3.72 19.44 -15.11
C ALA A 440 4.96 18.62 -15.49
N ASP A 441 5.93 18.42 -14.56
CA ASP A 441 7.11 17.58 -14.80
C ASP A 441 6.71 16.14 -15.12
N LEU A 442 5.70 15.62 -14.36
CA LEU A 442 5.13 14.30 -14.56
C LEU A 442 4.40 14.22 -15.93
N SER A 443 3.61 15.27 -16.27
CA SER A 443 2.88 15.37 -17.54
C SER A 443 3.86 15.29 -18.76
N LYS A 444 5.05 15.92 -18.63
CA LYS A 444 6.10 15.86 -19.65
C LYS A 444 6.61 14.43 -19.91
N GLU A 445 6.68 13.61 -18.88
CA GLU A 445 7.11 12.21 -18.97
C GLU A 445 6.04 11.27 -19.52
N VAL A 446 4.78 11.43 -19.09
CA VAL A 446 3.72 10.49 -19.45
C VAL A 446 2.82 10.93 -20.61
N GLY A 447 2.88 12.21 -21.01
CA GLY A 447 2.02 12.72 -22.08
C GLY A 447 0.55 12.51 -21.75
N ASP A 448 -0.18 11.83 -22.64
CA ASP A 448 -1.60 11.48 -22.47
C ASP A 448 -1.79 9.98 -22.17
N ASN A 449 -0.71 9.25 -21.85
CA ASN A 449 -0.78 7.80 -21.59
C ASN A 449 -1.31 7.36 -20.23
N MET A 450 -1.13 8.16 -19.18
CA MET A 450 -1.51 7.74 -17.83
C MET A 450 -2.98 8.02 -17.55
N ASP A 451 -3.66 7.08 -16.91
CA ASP A 451 -5.08 7.25 -16.61
C ASP A 451 -5.36 8.09 -15.35
N PHE A 452 -4.67 7.79 -14.24
CA PHE A 452 -5.07 8.46 -13.01
C PHE A 452 -3.94 8.82 -12.07
N ILE A 453 -4.27 9.63 -11.08
CA ILE A 453 -3.39 9.94 -9.99
C ILE A 453 -4.04 9.35 -8.75
N TYR A 454 -3.20 8.76 -7.89
CA TYR A 454 -3.62 8.30 -6.58
C TYR A 454 -2.93 9.20 -5.57
N LEU A 455 -3.71 10.01 -4.89
CA LEU A 455 -3.15 10.93 -3.93
C LEU A 455 -3.23 10.34 -2.52
N ASP A 456 -2.07 9.96 -1.99
CA ASP A 456 -2.01 9.40 -0.64
C ASP A 456 -2.21 10.49 0.44
N VAL A 457 -2.67 10.07 1.63
CA VAL A 457 -2.83 10.70 2.96
C VAL A 457 -3.64 12.00 3.03
N TRP A 458 -3.85 12.72 1.91
CA TRP A 458 -4.57 13.99 1.86
C TRP A 458 -5.85 14.03 2.71
N GLY A 459 -5.86 14.95 3.67
CA GLY A 459 -6.97 15.11 4.62
C GLY A 459 -6.58 14.79 6.04
N ASN A 460 -5.42 14.12 6.24
CA ASN A 460 -4.97 13.75 7.59
C ASN A 460 -4.23 14.88 8.33
N LEU A 461 -4.17 16.09 7.73
CA LEU A 461 -3.61 17.31 8.33
C LEU A 461 -2.08 17.32 8.51
N THR A 462 -1.37 16.54 7.69
CA THR A 462 0.09 16.48 7.66
C THR A 462 0.69 17.72 6.97
N SER A 463 -0.02 18.29 5.95
CA SER A 463 0.48 19.46 5.21
C SER A 463 0.11 20.80 5.85
N SER A 464 -1.00 20.87 6.60
CA SER A 464 -1.47 22.05 7.33
C SER A 464 -2.64 21.57 8.18
N GLY A 465 -3.14 22.42 9.07
CA GLY A 465 -4.30 22.10 9.90
C GLY A 465 -5.62 22.27 9.16
N SER A 466 -5.58 22.55 7.84
CA SER A 466 -6.80 22.78 7.07
C SER A 466 -7.11 21.66 6.06
N GLU A 467 -6.41 21.61 4.88
CA GLU A 467 -6.67 20.63 3.79
C GLU A 467 -8.19 20.55 3.52
N ASP A 468 -8.82 21.72 3.49
CA ASP A 468 -10.27 21.84 3.34
C ASP A 468 -10.75 21.53 1.92
N SER A 469 -12.07 21.65 1.67
CA SER A 469 -12.65 21.40 0.34
C SER A 469 -12.11 22.33 -0.76
N TRP A 470 -11.79 23.57 -0.40
CA TRP A 470 -11.22 24.57 -1.30
C TRP A 470 -9.81 24.10 -1.76
N GLU A 471 -8.94 23.68 -0.82
CA GLU A 471 -7.60 23.17 -1.18
C GLU A 471 -7.70 21.88 -2.01
N THR A 472 -8.67 21.03 -1.64
CA THR A 472 -8.87 19.74 -2.30
C THR A 472 -9.38 19.96 -3.72
N ARG A 473 -10.27 20.95 -3.91
CA ARG A 473 -10.81 21.29 -5.24
C ARG A 473 -9.69 21.75 -6.17
N LYS A 474 -8.77 22.57 -5.65
CA LYS A 474 -7.61 23.09 -6.39
C LYS A 474 -6.64 21.98 -6.71
N MET A 475 -6.41 21.06 -5.74
CA MET A 475 -5.57 19.89 -5.92
C MET A 475 -6.14 19.01 -7.05
N SER A 476 -7.44 18.69 -6.97
CA SER A 476 -8.10 17.84 -7.96
C SER A 476 -8.08 18.48 -9.35
N LYS A 477 -8.23 19.83 -9.40
CA LYS A 477 -8.22 20.59 -10.66
C LYS A 477 -6.86 20.51 -11.36
N MET A 478 -5.74 20.74 -10.62
CA MET A 478 -4.43 20.66 -11.24
C MET A 478 -4.13 19.22 -11.77
N ILE A 479 -4.72 18.17 -11.14
CA ILE A 479 -4.62 16.76 -11.58
C ILE A 479 -5.50 16.52 -12.84
N ASN A 480 -6.79 16.90 -12.79
CA ASN A 480 -7.71 16.71 -13.90
C ASN A 480 -7.29 17.48 -15.14
N ASP A 481 -6.65 18.66 -14.96
CA ASP A 481 -6.14 19.53 -16.03
C ASP A 481 -5.07 18.84 -16.88
N ASN A 482 -4.39 17.82 -16.30
CA ASN A 482 -3.40 17.03 -17.02
C ASN A 482 -3.98 15.77 -17.65
N GLY A 483 -5.32 15.67 -17.66
CA GLY A 483 -6.05 14.53 -18.20
C GLY A 483 -6.03 13.35 -17.25
N TRP A 484 -5.81 13.59 -15.94
CA TRP A 484 -5.80 12.47 -15.00
C TRP A 484 -7.04 12.37 -14.12
N ARG A 485 -7.60 11.16 -14.04
CA ARG A 485 -8.72 10.83 -13.17
C ARG A 485 -8.22 10.93 -11.71
N MET A 486 -9.04 11.47 -10.83
CA MET A 486 -8.67 11.69 -9.43
C MET A 486 -9.07 10.48 -8.56
N THR A 487 -8.14 10.03 -7.69
CA THR A 487 -8.37 8.93 -6.73
C THR A 487 -7.59 9.30 -5.46
N THR A 488 -8.03 8.82 -4.30
CA THR A 488 -7.37 9.20 -3.06
C THR A 488 -7.46 8.09 -2.01
N GLU A 489 -6.84 8.32 -0.85
CA GLU A 489 -6.76 7.32 0.20
C GLU A 489 -8.04 7.11 1.05
N TRP A 490 -8.44 8.14 1.80
CA TRP A 490 -9.50 8.03 2.82
C TRP A 490 -10.87 7.86 2.25
N GLY A 491 -11.63 6.98 2.91
CA GLY A 491 -12.98 6.61 2.49
C GLY A 491 -13.90 7.80 2.24
N SER A 492 -13.87 8.80 3.15
CA SER A 492 -14.78 9.97 3.10
C SER A 492 -14.23 11.13 2.27
N GLY A 493 -12.94 11.07 1.95
CA GLY A 493 -12.25 12.18 1.32
C GLY A 493 -12.74 12.56 -0.06
N ASN A 494 -12.56 13.86 -0.39
CA ASN A 494 -12.79 14.43 -1.70
C ASN A 494 -14.11 13.96 -2.36
N GLU A 495 -15.25 14.28 -1.72
CA GLU A 495 -16.56 13.92 -2.24
C GLU A 495 -16.80 14.50 -3.66
N TYR A 496 -16.30 15.70 -3.92
CA TYR A 496 -16.54 16.38 -5.20
C TYR A 496 -15.89 15.74 -6.43
N ASP A 497 -14.62 15.31 -6.34
CA ASP A 497 -13.88 14.89 -7.52
C ASP A 497 -13.32 13.47 -7.55
N SER A 498 -13.21 12.78 -6.40
CA SER A 498 -12.59 11.47 -6.38
C SER A 498 -13.48 10.33 -6.97
N THR A 499 -12.87 9.39 -7.71
CA THR A 499 -13.61 8.26 -8.31
C THR A 499 -13.28 6.95 -7.60
N PHE A 500 -12.37 7.00 -6.61
CA PHE A 500 -11.89 5.83 -5.88
C PHE A 500 -11.24 6.27 -4.57
N GLN A 501 -11.56 5.52 -3.51
CA GLN A 501 -10.93 5.71 -2.21
C GLN A 501 -10.33 4.37 -1.85
N HIS A 502 -9.03 4.33 -1.56
CA HIS A 502 -8.38 3.07 -1.17
C HIS A 502 -9.02 2.47 0.12
N TRP A 503 -9.39 3.32 1.09
CA TRP A 503 -10.00 2.87 2.33
C TRP A 503 -11.51 2.59 2.18
N ALA A 504 -12.08 2.77 0.98
CA ALA A 504 -13.44 2.33 0.72
C ALA A 504 -13.33 0.95 -0.02
N ALA A 505 -12.45 0.86 -1.04
CA ALA A 505 -12.28 -0.32 -1.92
C ALA A 505 -11.55 -1.47 -1.25
N ASP A 506 -10.58 -1.18 -0.39
CA ASP A 506 -9.94 -2.23 0.38
C ASP A 506 -10.69 -2.20 1.72
N LEU A 507 -11.59 -3.17 1.87
CA LEU A 507 -12.52 -3.24 2.98
C LEU A 507 -11.88 -3.61 4.32
N THR A 508 -10.67 -4.20 4.30
CA THR A 508 -9.94 -4.61 5.51
C THR A 508 -9.42 -3.44 6.33
N TYR A 509 -9.18 -2.24 5.71
CA TYR A 509 -8.57 -1.14 6.46
C TYR A 509 -9.51 -0.39 7.39
N GLY A 510 -8.93 0.12 8.48
CA GLY A 510 -9.54 1.05 9.44
C GLY A 510 -10.77 0.75 10.28
N GLY A 511 -11.49 -0.31 9.99
CA GLY A 511 -12.68 -0.63 10.76
C GLY A 511 -13.94 0.09 10.31
N TYR A 512 -15.07 -0.28 10.94
CA TYR A 512 -16.43 0.15 10.61
C TYR A 512 -16.68 1.69 10.63
N THR A 513 -15.87 2.48 11.35
CA THR A 513 -16.06 3.93 11.42
C THR A 513 -15.33 4.70 10.29
N SER A 514 -14.45 4.02 9.54
N SER A 514 -14.42 4.04 9.55
CA SER A 514 -13.61 4.68 8.54
CA SER A 514 -13.62 4.71 8.53
C SER A 514 -13.63 4.04 7.15
C SER A 514 -13.62 4.05 7.15
N LYS A 515 -14.81 3.69 6.67
CA LYS A 515 -14.98 3.08 5.35
C LYS A 515 -15.44 4.10 4.29
N GLY A 516 -16.02 3.62 3.19
CA GLY A 516 -16.63 4.45 2.14
C GLY A 516 -17.88 5.18 2.59
N GLU A 517 -18.53 5.89 1.64
CA GLU A 517 -19.70 6.74 1.86
C GLU A 517 -20.96 5.96 2.17
N ASN A 518 -21.39 6.01 3.44
CA ASN A 518 -22.61 5.34 3.86
C ASN A 518 -23.79 6.32 3.70
N SER A 519 -24.28 6.43 2.48
CA SER A 519 -25.39 7.32 2.16
C SER A 519 -26.19 6.74 1.00
N GLU A 520 -27.49 6.60 1.21
CA GLU A 520 -28.41 6.14 0.17
C GLU A 520 -28.54 7.24 -0.92
N VAL A 521 -28.65 8.52 -0.52
CA VAL A 521 -28.72 9.63 -1.50
C VAL A 521 -27.48 9.67 -2.41
N MET A 522 -26.27 9.64 -1.81
CA MET A 522 -25.02 9.72 -2.58
C MET A 522 -24.83 8.53 -3.51
N ARG A 523 -25.13 7.34 -2.99
CA ARG A 523 -24.96 6.13 -3.78
C ARG A 523 -26.03 6.03 -4.86
N PHE A 524 -27.26 6.46 -4.55
CA PHE A 524 -28.32 6.47 -5.57
C PHE A 524 -27.80 7.33 -6.76
N LEU A 525 -27.34 8.53 -6.45
CA LEU A 525 -26.84 9.46 -7.46
C LEU A 525 -25.63 9.01 -8.25
N ARG A 526 -24.61 8.46 -7.56
CA ARG A 526 -23.28 8.28 -8.09
C ARG A 526 -22.67 6.90 -8.03
N ASN A 527 -23.45 5.83 -7.71
CA ASN A 527 -22.90 4.48 -7.65
C ASN A 527 -22.06 4.10 -8.90
N HIS A 528 -22.58 4.44 -10.09
CA HIS A 528 -21.95 4.17 -11.38
C HIS A 528 -20.67 4.98 -11.64
N GLN A 529 -20.40 6.03 -10.84
CA GLN A 529 -19.29 6.96 -11.06
C GLN A 529 -18.06 6.78 -10.20
N LYS A 530 -18.15 5.96 -9.16
CA LYS A 530 -17.08 5.84 -8.16
C LYS A 530 -16.98 4.48 -7.56
N ASP A 531 -15.80 4.16 -7.02
CA ASP A 531 -15.54 3.03 -6.11
C ASP A 531 -15.24 3.67 -4.76
N SER A 532 -16.31 4.24 -4.16
CA SER A 532 -16.18 5.04 -2.94
C SER A 532 -17.26 4.72 -1.91
N TRP A 533 -17.82 3.51 -2.01
CA TRP A 533 -18.96 3.07 -1.23
C TRP A 533 -18.60 2.06 -0.16
N VAL A 534 -19.61 1.43 0.40
CA VAL A 534 -19.45 0.38 1.39
C VAL A 534 -19.77 -0.95 0.73
N GLY A 535 -18.78 -1.82 0.66
CA GLY A 535 -18.95 -3.17 0.14
C GLY A 535 -19.29 -4.17 1.24
N ASP A 536 -19.41 -5.44 0.86
CA ASP A 536 -19.71 -6.51 1.83
C ASP A 536 -18.51 -6.81 2.76
N TYR A 537 -18.70 -6.60 4.07
CA TYR A 537 -17.68 -6.89 5.10
C TYR A 537 -18.49 -7.05 6.40
N PRO A 538 -19.18 -8.22 6.54
CA PRO A 538 -20.23 -8.33 7.59
C PRO A 538 -19.79 -8.10 9.03
N GLN A 539 -18.50 -8.21 9.38
CA GLN A 539 -18.11 -7.89 10.74
C GLN A 539 -18.33 -6.41 11.10
N TYR A 540 -18.43 -5.51 10.09
CA TYR A 540 -18.67 -4.10 10.34
C TYR A 540 -20.14 -3.82 10.61
N GLY A 541 -21.01 -4.73 10.16
CA GLY A 541 -22.46 -4.59 10.26
C GLY A 541 -23.00 -3.43 9.42
N GLY A 542 -24.28 -3.15 9.62
CA GLY A 542 -25.01 -2.06 8.96
C GLY A 542 -24.85 -2.06 7.46
N ALA A 543 -24.28 -0.97 6.92
CA ALA A 543 -24.05 -0.77 5.48
C ALA A 543 -23.17 -1.85 4.84
N ALA A 544 -22.31 -2.48 5.64
CA ALA A 544 -21.37 -3.50 5.20
C ALA A 544 -21.94 -4.94 5.26
N ASN A 545 -23.20 -5.08 5.68
CA ASN A 545 -23.80 -6.40 5.68
C ASN A 545 -24.58 -6.61 4.37
N ALA A 546 -23.91 -7.24 3.38
CA ALA A 546 -24.49 -7.57 2.06
C ALA A 546 -25.22 -6.36 1.39
N PRO A 547 -24.52 -5.23 1.13
CA PRO A 547 -25.19 -4.15 0.37
C PRO A 547 -25.66 -4.71 -0.99
N LEU A 548 -26.91 -4.44 -1.38
CA LEU A 548 -27.46 -4.91 -2.66
C LEU A 548 -26.65 -4.53 -3.90
N LEU A 549 -26.01 -3.35 -3.89
CA LEU A 549 -25.21 -2.86 -5.01
C LEU A 549 -23.80 -3.46 -5.01
N GLY A 550 -23.51 -4.28 -4.00
CA GLY A 550 -22.17 -4.83 -3.81
C GLY A 550 -21.27 -3.68 -3.37
N GLY A 551 -20.13 -3.57 -4.01
CA GLY A 551 -19.14 -2.55 -3.69
C GLY A 551 -17.78 -3.16 -3.83
N TYR A 552 -16.87 -2.39 -4.42
CA TYR A 552 -15.54 -2.87 -4.73
C TYR A 552 -14.80 -3.49 -3.54
N ASN A 553 -14.25 -4.70 -3.75
CA ASN A 553 -13.47 -5.45 -2.78
C ASN A 553 -12.10 -5.64 -3.45
N MET A 554 -11.12 -4.86 -3.02
CA MET A 554 -9.81 -4.89 -3.65
C MET A 554 -8.83 -5.81 -2.94
N LYS A 555 -8.14 -6.63 -3.73
CA LYS A 555 -7.04 -7.48 -3.29
C LYS A 555 -5.88 -7.16 -4.21
N ASP A 556 -4.70 -7.74 -3.93
CA ASP A 556 -3.49 -7.49 -4.74
C ASP A 556 -2.65 -8.76 -4.77
N PHE A 557 -1.75 -8.87 -5.74
CA PHE A 557 -0.80 -9.99 -5.81
C PHE A 557 0.63 -9.49 -6.17
N GLU A 558 0.84 -8.18 -6.28
CA GLU A 558 2.13 -7.65 -6.72
C GLU A 558 2.88 -6.88 -5.64
N GLY A 559 2.85 -7.45 -4.43
CA GLY A 559 3.70 -7.04 -3.31
C GLY A 559 3.22 -6.03 -2.32
N TRP A 560 2.11 -5.33 -2.60
CA TRP A 560 1.55 -4.35 -1.68
C TRP A 560 1.23 -5.06 -0.36
N GLN A 561 1.87 -4.63 0.76
CA GLN A 561 1.75 -5.26 2.10
C GLN A 561 2.03 -6.77 2.07
N GLY A 562 3.00 -7.17 1.24
CA GLY A 562 3.39 -8.56 1.09
C GLY A 562 2.40 -9.46 0.35
N ARG A 563 1.32 -8.86 -0.23
CA ARG A 563 0.28 -9.65 -0.93
C ARG A 563 0.81 -10.19 -2.25
N ASN A 564 0.75 -11.51 -2.44
CA ASN A 564 1.33 -12.17 -3.61
C ASN A 564 0.46 -13.33 -4.11
N ASP A 565 -0.70 -13.55 -3.50
CA ASP A 565 -1.54 -14.71 -3.83
C ASP A 565 -2.42 -14.43 -5.07
N TYR A 566 -1.90 -14.79 -6.25
CA TYR A 566 -2.61 -14.58 -7.52
C TYR A 566 -3.99 -15.27 -7.58
N ALA A 567 -4.09 -16.55 -7.17
CA ALA A 567 -5.37 -17.29 -7.23
C ALA A 567 -6.44 -16.63 -6.33
N ALA A 568 -6.06 -16.19 -5.09
CA ALA A 568 -7.03 -15.53 -4.22
C ALA A 568 -7.49 -14.17 -4.83
N TYR A 569 -6.58 -13.47 -5.53
CA TYR A 569 -6.91 -12.21 -6.23
C TYR A 569 -8.01 -12.41 -7.32
N ILE A 570 -7.83 -13.41 -8.18
CA ILE A 570 -8.78 -13.73 -9.24
C ILE A 570 -10.12 -14.21 -8.64
N LYS A 571 -10.06 -15.09 -7.61
CA LYS A 571 -11.26 -15.61 -6.94
C LYS A 571 -12.11 -14.46 -6.39
N ASN A 572 -11.44 -13.49 -5.73
CA ASN A 572 -12.09 -12.30 -5.16
C ASN A 572 -12.75 -11.44 -6.24
N LEU A 573 -12.06 -11.24 -7.38
CA LEU A 573 -12.59 -10.49 -8.53
C LEU A 573 -13.95 -11.05 -8.94
N TYR A 574 -14.03 -12.38 -9.10
CA TYR A 574 -15.27 -13.04 -9.47
C TYR A 574 -16.30 -13.09 -8.38
N THR A 575 -15.88 -13.17 -7.10
CA THR A 575 -16.80 -13.22 -5.96
C THR A 575 -17.58 -11.91 -5.78
N HIS A 576 -16.90 -10.77 -5.85
CA HIS A 576 -17.55 -9.48 -5.57
C HIS A 576 -17.51 -8.44 -6.67
N ASP A 577 -16.40 -8.38 -7.41
CA ASP A 577 -16.12 -7.25 -8.31
C ASP A 577 -16.80 -7.33 -9.67
N VAL A 578 -16.99 -8.50 -10.24
CA VAL A 578 -17.68 -8.66 -11.53
C VAL A 578 -19.13 -8.19 -11.39
N SER A 579 -19.86 -8.66 -10.36
CA SER A 579 -21.25 -8.23 -10.15
C SER A 579 -21.33 -6.74 -9.75
N THR A 580 -20.39 -6.26 -8.92
CA THR A 580 -20.37 -4.83 -8.54
C THR A 580 -20.24 -3.97 -9.82
N LYS A 581 -19.30 -4.33 -10.71
CA LYS A 581 -19.04 -3.61 -11.95
C LYS A 581 -20.16 -3.75 -12.95
N PHE A 582 -20.82 -4.95 -13.00
CA PHE A 582 -22.01 -5.17 -13.82
C PHE A 582 -23.09 -4.13 -13.42
N ILE A 583 -23.35 -4.00 -12.11
CA ILE A 583 -24.37 -3.11 -11.56
C ILE A 583 -24.06 -1.63 -11.90
N GLN A 584 -22.76 -1.25 -11.89
CA GLN A 584 -22.33 0.11 -12.24
C GLN A 584 -22.58 0.50 -13.72
N HIS A 585 -22.99 -0.44 -14.58
CA HIS A 585 -23.35 -0.12 -15.97
C HIS A 585 -24.79 0.41 -16.06
N PHE A 586 -25.46 0.57 -14.91
CA PHE A 586 -26.85 1.05 -14.86
C PHE A 586 -26.94 2.13 -13.80
N LYS A 587 -27.92 3.01 -13.92
CA LYS A 587 -28.08 4.11 -12.97
C LYS A 587 -29.31 3.88 -12.14
N VAL A 588 -29.19 4.06 -10.82
CA VAL A 588 -30.32 3.85 -9.90
C VAL A 588 -31.50 4.74 -10.27
N THR A 589 -32.70 4.18 -10.33
CA THR A 589 -33.90 4.96 -10.62
C THR A 589 -34.91 4.85 -9.47
N ARG A 590 -34.80 3.79 -8.66
CA ARG A 590 -35.71 3.56 -7.54
C ARG A 590 -35.05 2.75 -6.45
N TRP A 591 -35.30 3.13 -5.19
CA TRP A 591 -34.70 2.42 -4.04
C TRP A 591 -35.66 2.51 -2.84
N VAL A 592 -36.28 1.37 -2.50
CA VAL A 592 -37.28 1.34 -1.44
C VAL A 592 -36.94 0.36 -0.36
N ASN A 593 -37.58 0.52 0.82
CA ASN A 593 -37.47 -0.42 1.94
C ASN A 593 -36.05 -0.62 2.41
N ASN A 594 -35.31 0.49 2.54
CA ASN A 594 -33.93 0.45 2.99
C ASN A 594 -33.92 0.15 4.53
N PRO A 595 -33.41 -1.03 4.96
CA PRO A 595 -33.43 -1.37 6.40
C PRO A 595 -32.56 -0.47 7.30
N LEU A 596 -31.57 0.23 6.72
CA LEU A 596 -30.69 1.11 7.49
C LEU A 596 -31.36 2.42 7.93
N LEU A 597 -32.49 2.77 7.30
CA LEU A 597 -33.16 4.04 7.54
C LEU A 597 -34.37 3.84 8.41
N THR A 598 -34.40 4.53 9.54
CA THR A 598 -35.48 4.41 10.53
C THR A 598 -35.92 5.80 10.98
N ALA A 599 -37.06 5.90 11.68
CA ALA A 599 -37.54 7.14 12.29
C ALA A 599 -36.54 7.60 13.36
N ASP A 600 -35.92 6.64 14.08
CA ASP A 600 -34.92 6.88 15.13
C ASP A 600 -33.65 7.60 14.67
N ASN A 601 -33.14 7.29 13.45
CA ASN A 601 -31.93 7.94 12.94
C ASN A 601 -32.23 9.12 11.97
N GLY A 602 -33.45 9.68 12.08
CA GLY A 602 -33.91 10.84 11.34
C GLY A 602 -34.37 10.59 9.92
N ASN A 603 -34.95 9.42 9.68
CA ASN A 603 -35.40 9.04 8.34
C ASN A 603 -36.81 8.50 8.31
N ALA A 604 -37.74 9.12 9.07
CA ALA A 604 -39.17 8.72 9.15
C ALA A 604 -39.87 8.76 7.78
N ALA A 605 -39.52 9.72 6.91
CA ALA A 605 -40.12 9.86 5.58
C ALA A 605 -39.43 9.01 4.50
N ALA A 606 -38.46 8.14 4.87
CA ALA A 606 -37.89 7.22 3.86
C ALA A 606 -39.01 6.27 3.38
N VAL A 607 -38.98 5.92 2.11
CA VAL A 607 -40.00 5.13 1.41
C VAL A 607 -40.09 3.63 1.79
N SER A 608 -41.24 3.26 2.40
CA SER A 608 -41.64 1.91 2.83
C SER A 608 -42.81 1.39 1.96
N ASP A 609 -42.51 0.63 0.87
CA ASP A 609 -43.48 0.06 -0.05
C ASP A 609 -43.72 -1.43 0.23
N PRO A 610 -44.86 -1.78 0.88
CA PRO A 610 -45.15 -3.21 1.14
C PRO A 610 -45.47 -4.01 -0.12
N ASN A 611 -45.77 -3.32 -1.24
CA ASN A 611 -46.07 -3.96 -2.52
C ASN A 611 -44.82 -4.23 -3.37
N THR A 612 -43.65 -3.77 -2.89
CA THR A 612 -42.41 -4.08 -3.60
C THR A 612 -41.65 -5.11 -2.77
N ASN A 613 -41.31 -6.26 -3.39
CA ASN A 613 -40.47 -7.29 -2.77
C ASN A 613 -40.86 -7.64 -1.29
N ASN A 614 -42.17 -7.83 -1.03
CA ASN A 614 -42.71 -8.15 0.32
C ASN A 614 -42.33 -7.12 1.40
N GLY A 615 -42.18 -5.86 1.00
CA GLY A 615 -41.73 -4.81 1.91
C GLY A 615 -40.26 -4.88 2.25
N ASN A 616 -39.46 -5.70 1.49
CA ASN A 616 -38.02 -5.81 1.74
C ASN A 616 -37.24 -4.98 0.73
N GLU A 617 -35.99 -4.66 1.04
CA GLU A 617 -35.16 -3.79 0.20
C GLU A 617 -35.10 -4.21 -1.28
N GLN A 618 -35.25 -3.20 -2.14
CA GLN A 618 -35.17 -3.38 -3.58
C GLN A 618 -34.67 -2.10 -4.26
N ILE A 619 -33.80 -2.31 -5.25
CA ILE A 619 -33.21 -1.28 -6.07
C ILE A 619 -33.45 -1.61 -7.55
N THR A 620 -33.98 -0.62 -8.30
CA THR A 620 -34.17 -0.71 -9.75
C THR A 620 -33.16 0.25 -10.38
N LEU A 621 -32.48 -0.21 -11.44
CA LEU A 621 -31.48 0.54 -12.17
C LEU A 621 -31.76 0.40 -13.66
N LYS A 622 -31.42 1.44 -14.41
CA LYS A 622 -31.66 1.46 -15.85
C LYS A 622 -30.48 2.06 -16.58
N ASP A 623 -30.27 1.60 -17.80
CA ASP A 623 -29.23 2.22 -18.63
C ASP A 623 -29.97 3.11 -19.68
N SER A 624 -29.22 3.75 -20.57
CA SER A 624 -29.76 4.63 -21.61
C SER A 624 -30.42 3.89 -22.78
N ASN A 625 -30.29 2.55 -22.85
CA ASN A 625 -30.90 1.74 -23.90
C ASN A 625 -32.19 1.09 -23.40
N GLY A 626 -32.69 1.56 -22.27
CA GLY A 626 -33.89 1.01 -21.67
C GLY A 626 -33.75 -0.35 -20.98
N ASN A 627 -32.51 -0.87 -20.77
CA ASN A 627 -32.33 -2.15 -20.05
C ASN A 627 -32.58 -1.93 -18.55
N VAL A 628 -33.22 -2.89 -17.90
CA VAL A 628 -33.60 -2.78 -16.49
C VAL A 628 -32.96 -3.86 -15.65
N VAL A 629 -32.30 -3.44 -14.56
CA VAL A 629 -31.73 -4.33 -13.56
C VAL A 629 -32.50 -4.16 -12.28
N VAL A 630 -32.91 -5.27 -11.65
CA VAL A 630 -33.61 -5.21 -10.37
C VAL A 630 -32.79 -6.05 -9.38
N VAL A 631 -32.43 -5.43 -8.25
N VAL A 631 -32.37 -5.42 -8.25
CA VAL A 631 -31.66 -6.06 -7.18
CA VAL A 631 -31.63 -6.07 -7.16
C VAL A 631 -32.52 -6.12 -5.92
C VAL A 631 -32.54 -6.13 -5.93
N SER A 632 -32.80 -7.34 -5.44
CA SER A 632 -33.72 -7.59 -4.31
C SER A 632 -33.11 -8.32 -3.14
N ARG A 633 -33.40 -7.83 -1.92
CA ARG A 633 -32.97 -8.50 -0.68
C ARG A 633 -34.03 -9.54 -0.31
N GLY A 634 -33.60 -10.72 0.16
CA GLY A 634 -34.50 -11.80 0.58
C GLY A 634 -35.36 -11.44 1.78
N SER A 635 -34.77 -10.72 2.76
CA SER A 635 -35.45 -10.29 3.99
C SER A 635 -34.77 -9.04 4.54
N ASN A 636 -35.55 -8.17 5.21
CA ASN A 636 -34.98 -6.97 5.87
C ASN A 636 -34.58 -7.24 7.32
N ASP A 637 -34.72 -8.49 7.77
CA ASP A 637 -34.36 -8.91 9.14
C ASP A 637 -32.96 -9.51 9.16
N THR A 638 -32.02 -8.82 9.84
CA THR A 638 -30.60 -9.26 9.90
C THR A 638 -30.41 -10.63 10.56
N SER A 639 -31.39 -11.08 11.36
CA SER A 639 -31.37 -12.40 12.01
C SER A 639 -31.82 -13.51 11.06
N SER A 640 -32.42 -13.14 9.93
CA SER A 640 -32.85 -14.10 8.94
C SER A 640 -31.67 -14.42 8.01
N ALA A 641 -31.60 -15.67 7.54
CA ALA A 641 -30.59 -16.12 6.58
C ALA A 641 -30.87 -15.44 5.23
N ALA A 642 -32.12 -15.01 5.01
CA ALA A 642 -32.51 -14.35 3.77
C ALA A 642 -32.02 -12.88 3.69
N TYR A 643 -31.49 -12.30 4.80
CA TYR A 643 -30.95 -10.93 4.76
C TYR A 643 -29.80 -10.83 3.75
N ARG A 644 -28.95 -11.85 3.70
CA ARG A 644 -27.82 -11.88 2.79
C ARG A 644 -28.17 -12.50 1.40
N GLN A 645 -29.45 -12.92 1.19
CA GLN A 645 -29.87 -13.46 -0.09
C GLN A 645 -30.18 -12.30 -1.03
N ARG A 646 -29.59 -12.35 -2.21
CA ARG A 646 -29.79 -11.31 -3.20
C ARG A 646 -30.17 -11.94 -4.53
N THR A 647 -31.18 -11.38 -5.19
CA THR A 647 -31.49 -11.78 -6.56
C THR A 647 -31.23 -10.57 -7.43
N ILE A 648 -30.64 -10.81 -8.60
CA ILE A 648 -30.41 -9.81 -9.63
C ILE A 648 -31.16 -10.28 -10.88
N THR A 649 -31.98 -9.39 -11.47
CA THR A 649 -32.66 -9.68 -12.75
C THR A 649 -32.17 -8.68 -13.78
N PHE A 650 -32.13 -9.11 -15.04
CA PHE A 650 -31.76 -8.28 -16.18
C PHE A 650 -32.91 -8.45 -17.17
N ASN A 651 -33.65 -7.37 -17.40
CA ASN A 651 -34.86 -7.33 -18.24
C ASN A 651 -35.84 -8.43 -17.81
N GLY A 652 -36.02 -8.56 -16.49
CA GLY A 652 -36.94 -9.51 -15.88
C GLY A 652 -36.45 -10.93 -15.76
N VAL A 653 -35.22 -11.21 -16.19
CA VAL A 653 -34.68 -12.57 -16.14
C VAL A 653 -33.64 -12.66 -15.04
N LYS A 654 -33.72 -13.71 -14.22
CA LYS A 654 -32.75 -13.92 -13.14
C LYS A 654 -31.35 -14.19 -13.72
N VAL A 655 -30.38 -13.36 -13.33
CA VAL A 655 -28.99 -13.48 -13.76
C VAL A 655 -28.04 -13.76 -12.57
N ALA A 656 -28.52 -13.65 -11.31
CA ALA A 656 -27.73 -13.93 -10.10
C ALA A 656 -28.65 -14.22 -8.95
N SER A 657 -28.23 -15.16 -8.10
CA SER A 657 -29.02 -15.55 -6.94
C SER A 657 -28.16 -16.16 -5.84
N GLY A 658 -28.49 -15.82 -4.60
CA GLY A 658 -27.85 -16.41 -3.44
C GLY A 658 -27.09 -15.45 -2.55
N VAL A 659 -26.25 -16.03 -1.71
CA VAL A 659 -25.46 -15.35 -0.70
C VAL A 659 -24.03 -15.28 -1.13
N VAL A 660 -23.44 -14.04 -1.20
N VAL A 660 -23.46 -14.07 -1.18
CA VAL A 660 -22.02 -13.92 -1.55
CA VAL A 660 -22.06 -13.91 -1.54
C VAL A 660 -21.16 -14.45 -0.40
C VAL A 660 -21.16 -14.41 -0.40
N SER A 661 -19.97 -14.94 -0.73
CA SER A 661 -19.00 -15.35 0.28
C SER A 661 -18.63 -14.05 1.02
N ALA A 662 -18.66 -14.09 2.35
CA ALA A 662 -18.43 -12.91 3.20
C ALA A 662 -17.16 -12.16 2.74
N GLY A 663 -17.30 -10.85 2.48
CA GLY A 663 -16.19 -10.02 2.02
C GLY A 663 -15.02 -9.93 2.98
N ASP A 664 -15.25 -10.30 4.25
CA ASP A 664 -14.21 -10.33 5.30
C ASP A 664 -13.49 -11.69 5.38
N GLY A 665 -13.73 -12.57 4.41
CA GLY A 665 -13.11 -13.89 4.29
C GLY A 665 -13.54 -14.94 5.31
N SER A 666 -14.60 -14.65 6.11
CA SER A 666 -15.06 -15.49 7.22
C SER A 666 -16.13 -16.59 6.93
N ALA A 667 -16.74 -16.66 5.73
CA ALA A 667 -17.80 -17.65 5.44
C ALA A 667 -18.07 -17.75 3.95
N THR A 668 -17.87 -18.92 3.36
CA THR A 668 -18.17 -19.10 1.94
C THR A 668 -19.68 -19.08 1.75
N GLY A 669 -20.13 -18.55 0.63
CA GLY A 669 -21.56 -18.43 0.35
C GLY A 669 -22.05 -19.48 -0.62
N ASP A 670 -23.12 -19.14 -1.33
CA ASP A 670 -23.70 -20.05 -2.30
C ASP A 670 -24.09 -19.31 -3.57
N GLU A 671 -23.73 -18.03 -3.71
CA GLU A 671 -24.14 -17.27 -4.89
C GLU A 671 -23.69 -17.88 -6.22
N SER A 672 -24.61 -17.95 -7.17
N SER A 672 -24.62 -17.97 -7.18
CA SER A 672 -24.30 -18.34 -8.53
CA SER A 672 -24.36 -18.40 -8.55
C SER A 672 -24.81 -17.22 -9.43
C SER A 672 -24.89 -17.32 -9.49
N TYR A 673 -24.17 -17.05 -10.59
CA TYR A 673 -24.60 -16.03 -11.55
C TYR A 673 -24.28 -16.42 -12.98
N LEU A 674 -24.99 -15.80 -13.89
CA LEU A 674 -24.76 -15.93 -15.31
C LEU A 674 -24.99 -14.52 -15.85
N LEU A 675 -23.95 -13.69 -15.73
CA LEU A 675 -24.01 -12.26 -16.04
C LEU A 675 -23.73 -11.92 -17.48
N PRO A 676 -24.69 -11.30 -18.19
CA PRO A 676 -24.43 -10.90 -19.60
C PRO A 676 -23.49 -9.69 -19.64
N TRP A 677 -22.26 -9.88 -20.13
CA TRP A 677 -21.28 -8.81 -20.22
C TRP A 677 -21.32 -8.28 -21.65
N MET A 678 -22.10 -7.21 -21.84
CA MET A 678 -22.45 -6.64 -23.14
C MET A 678 -21.53 -5.56 -23.66
N TRP A 679 -20.55 -5.16 -22.85
CA TRP A 679 -19.69 -4.01 -23.10
C TRP A 679 -18.26 -4.33 -23.45
N ASP A 680 -17.64 -3.47 -24.28
CA ASP A 680 -16.22 -3.61 -24.57
C ASP A 680 -15.47 -3.09 -23.31
N SER A 681 -14.19 -3.37 -23.23
CA SER A 681 -13.42 -2.97 -22.05
C SER A 681 -12.73 -1.63 -22.22
N PHE A 682 -13.12 -0.86 -23.25
CA PHE A 682 -12.54 0.44 -23.55
C PHE A 682 -13.49 1.54 -23.11
N THR A 683 -14.32 2.07 -24.01
CA THR A 683 -15.29 3.11 -23.64
C THR A 683 -16.59 2.49 -23.09
N GLY A 684 -16.70 1.16 -23.06
CA GLY A 684 -17.91 0.52 -22.56
C GLY A 684 -19.08 0.53 -23.53
N LYS A 685 -18.80 0.63 -24.82
CA LYS A 685 -19.85 0.57 -25.83
C LYS A 685 -20.29 -0.89 -26.00
N LEU A 686 -21.51 -1.09 -26.51
CA LEU A 686 -22.03 -2.42 -26.75
C LEU A 686 -21.20 -3.14 -27.80
N VAL A 687 -20.86 -4.41 -27.56
CA VAL A 687 -20.07 -5.20 -28.52
C VAL A 687 -21.02 -5.74 -29.58
N LYS A 688 -20.51 -6.14 -30.76
CA LYS A 688 -21.36 -6.71 -31.83
C LYS A 688 -22.11 -7.95 -31.32
N ASP A 689 -23.43 -8.01 -31.62
CA ASP A 689 -24.36 -9.07 -31.17
C ASP A 689 -23.75 -10.47 -31.14
N SER A 690 -22.91 -10.76 -32.14
CA SER A 690 -22.21 -12.03 -32.27
C SER A 690 -21.12 -12.26 -31.23
N GLU A 691 -20.49 -11.20 -30.66
CA GLU A 691 -19.38 -11.29 -29.68
C GLU A 691 -19.80 -11.07 -28.21
N GLN A 692 -21.11 -11.04 -27.97
CA GLN A 692 -21.71 -10.92 -26.67
C GLN A 692 -21.38 -12.18 -25.81
N LYS A 693 -21.11 -11.99 -24.53
CA LYS A 693 -20.75 -13.16 -23.73
C LYS A 693 -21.38 -13.13 -22.34
N LEU A 694 -21.34 -14.28 -21.65
CA LEU A 694 -21.86 -14.36 -20.28
C LEU A 694 -20.78 -14.89 -19.38
N TYR A 695 -20.66 -14.33 -18.15
CA TYR A 695 -19.74 -14.88 -17.17
C TYR A 695 -20.53 -15.75 -16.21
N HIS A 696 -20.03 -16.96 -15.97
CA HIS A 696 -20.63 -17.90 -15.05
C HIS A 696 -19.73 -18.19 -13.85
N TRP A 697 -20.33 -18.13 -12.66
CA TRP A 697 -19.68 -18.43 -11.39
C TRP A 697 -20.68 -19.20 -10.53
N ASN A 698 -20.21 -20.19 -9.81
CA ASN A 698 -21.01 -21.02 -8.92
C ASN A 698 -20.13 -21.23 -7.67
N THR A 699 -20.45 -20.52 -6.57
CA THR A 699 -19.64 -20.55 -5.34
C THR A 699 -19.35 -21.95 -4.81
N LYS A 700 -20.40 -22.74 -4.56
CA LYS A 700 -20.26 -24.08 -4.01
C LYS A 700 -19.96 -25.11 -5.07
N GLY A 701 -20.14 -24.76 -6.35
CA GLY A 701 -19.95 -25.72 -7.42
C GLY A 701 -21.22 -26.53 -7.59
N GLY A 702 -21.38 -27.14 -8.75
CA GLY A 702 -22.55 -27.97 -9.02
C GLY A 702 -23.20 -27.65 -10.34
N THR A 703 -24.51 -27.93 -10.44
CA THR A 703 -25.27 -27.74 -11.66
C THR A 703 -26.41 -26.80 -11.43
N THR A 704 -26.54 -25.79 -12.31
CA THR A 704 -27.60 -24.78 -12.27
C THR A 704 -28.15 -24.59 -13.69
N THR A 705 -29.42 -24.19 -13.78
CA THR A 705 -30.14 -23.94 -15.02
C THR A 705 -30.56 -22.48 -15.07
N TRP A 706 -30.40 -21.85 -16.23
CA TRP A 706 -30.63 -20.43 -16.42
C TRP A 706 -31.40 -20.13 -17.69
N THR A 707 -32.15 -19.02 -17.69
CA THR A 707 -32.81 -18.52 -18.90
C THR A 707 -31.82 -17.53 -19.53
N LEU A 708 -31.45 -17.78 -20.78
CA LEU A 708 -30.51 -16.93 -21.51
C LEU A 708 -31.15 -15.58 -21.82
N PRO A 709 -30.36 -14.51 -22.05
CA PRO A 709 -30.98 -13.22 -22.44
C PRO A 709 -31.75 -13.35 -23.76
N ASP A 710 -32.73 -12.45 -23.96
CA ASP A 710 -33.63 -12.43 -25.11
C ASP A 710 -32.95 -12.64 -26.49
N SER A 711 -31.80 -12.02 -26.76
CA SER A 711 -31.08 -12.16 -28.03
C SER A 711 -30.42 -13.55 -28.26
N TRP A 712 -30.38 -14.40 -27.21
CA TRP A 712 -29.82 -15.76 -27.25
C TRP A 712 -30.92 -16.84 -27.33
N LYS A 713 -32.20 -16.48 -27.10
CA LYS A 713 -33.35 -17.41 -26.99
C LYS A 713 -33.52 -18.43 -28.15
N ASN A 714 -33.14 -18.09 -29.39
CA ASN A 714 -33.34 -19.00 -30.53
C ASN A 714 -32.12 -19.85 -30.89
N LEU A 715 -31.00 -19.73 -30.13
CA LEU A 715 -29.79 -20.53 -30.35
C LEU A 715 -30.07 -21.99 -30.00
N SER A 716 -29.35 -22.93 -30.61
CA SER A 716 -29.57 -24.34 -30.28
C SER A 716 -28.45 -24.83 -29.36
N SER A 717 -27.34 -24.08 -29.33
CA SER A 717 -26.19 -24.41 -28.47
C SER A 717 -25.38 -23.17 -28.13
N VAL A 718 -24.51 -23.27 -27.11
CA VAL A 718 -23.59 -22.20 -26.69
C VAL A 718 -22.23 -22.85 -26.51
N LYS A 719 -21.15 -22.04 -26.49
CA LYS A 719 -19.80 -22.55 -26.25
C LYS A 719 -19.36 -22.07 -24.88
N VAL A 720 -18.91 -22.99 -24.04
CA VAL A 720 -18.51 -22.67 -22.66
C VAL A 720 -17.01 -22.91 -22.48
N TYR A 721 -16.29 -21.93 -21.94
CA TYR A 721 -14.85 -22.04 -21.69
C TYR A 721 -14.56 -21.81 -20.24
N GLN A 722 -13.68 -22.66 -19.68
CA GLN A 722 -13.19 -22.46 -18.34
C GLN A 722 -12.02 -21.44 -18.45
N LEU A 723 -12.06 -20.37 -17.63
CA LEU A 723 -10.99 -19.38 -17.66
C LEU A 723 -9.88 -19.68 -16.68
N THR A 724 -8.62 -19.62 -17.17
CA THR A 724 -7.42 -19.88 -16.37
C THR A 724 -6.40 -18.80 -16.68
N ASP A 725 -5.21 -18.86 -16.03
CA ASP A 725 -4.11 -17.93 -16.33
C ASP A 725 -3.53 -18.13 -17.75
N GLN A 726 -4.03 -19.15 -18.49
CA GLN A 726 -3.68 -19.41 -19.90
C GLN A 726 -4.83 -18.96 -20.83
N GLY A 727 -5.92 -18.46 -20.25
CA GLY A 727 -7.05 -18.03 -21.06
C GLY A 727 -8.17 -19.04 -21.09
N LYS A 728 -8.86 -19.11 -22.21
CA LYS A 728 -10.01 -20.02 -22.46
C LYS A 728 -9.51 -21.45 -22.64
N THR A 729 -10.08 -22.38 -21.88
CA THR A 729 -9.71 -23.80 -21.93
C THR A 729 -10.97 -24.67 -21.85
N ASN A 730 -10.79 -25.99 -22.09
CA ASN A 730 -11.85 -27.00 -21.92
C ASN A 730 -13.17 -26.61 -22.56
N GLU A 731 -13.14 -26.24 -23.84
CA GLU A 731 -14.34 -25.86 -24.56
C GLU A 731 -15.41 -26.96 -24.46
N GLN A 732 -16.64 -26.57 -24.13
CA GLN A 732 -17.79 -27.48 -24.07
C GLN A 732 -18.88 -26.91 -24.93
N THR A 733 -19.61 -27.77 -25.63
CA THR A 733 -20.76 -27.33 -26.41
C THR A 733 -21.95 -27.71 -25.54
N VAL A 734 -22.78 -26.73 -25.18
CA VAL A 734 -23.91 -26.96 -24.31
C VAL A 734 -25.18 -26.65 -25.06
N ALA A 735 -26.12 -27.61 -25.09
CA ALA A 735 -27.43 -27.48 -25.74
C ALA A 735 -28.29 -26.42 -25.08
N VAL A 736 -29.03 -25.68 -25.92
CA VAL A 736 -29.99 -24.69 -25.47
C VAL A 736 -31.36 -25.34 -25.75
N SER A 737 -32.27 -25.35 -24.76
CA SER A 737 -33.63 -25.89 -24.91
C SER A 737 -34.60 -24.87 -24.35
N GLY A 738 -35.51 -24.37 -25.19
CA GLY A 738 -36.52 -23.39 -24.79
C GLY A 738 -35.93 -22.14 -24.18
N GLY A 739 -34.81 -21.69 -24.77
CA GLY A 739 -34.06 -20.51 -24.33
C GLY A 739 -33.31 -20.68 -23.01
N LYS A 740 -33.18 -21.92 -22.56
CA LYS A 740 -32.51 -22.25 -21.30
C LYS A 740 -31.27 -23.08 -21.46
N VAL A 741 -30.30 -22.90 -20.54
N VAL A 741 -30.32 -22.90 -20.53
CA VAL A 741 -29.07 -23.70 -20.50
CA VAL A 741 -29.05 -23.63 -20.50
C VAL A 741 -28.86 -24.27 -19.12
C VAL A 741 -28.79 -24.22 -19.10
N THR A 742 -28.23 -25.44 -19.07
CA THR A 742 -27.83 -26.11 -17.84
C THR A 742 -26.30 -26.06 -17.86
N LEU A 743 -25.69 -25.61 -16.78
CA LEU A 743 -24.23 -25.51 -16.66
C LEU A 743 -23.72 -26.25 -15.43
N THR A 744 -22.70 -27.08 -15.62
CA THR A 744 -22.01 -27.78 -14.53
C THR A 744 -20.71 -27.00 -14.30
N ALA A 745 -20.51 -26.55 -13.08
CA ALA A 745 -19.34 -25.76 -12.74
C ALA A 745 -18.62 -26.28 -11.52
N ASP A 746 -17.29 -26.24 -11.55
CA ASP A 746 -16.47 -26.51 -10.35
C ASP A 746 -16.69 -25.29 -9.44
N ALA A 747 -16.54 -25.50 -8.14
CA ALA A 747 -16.66 -24.47 -7.11
C ALA A 747 -15.68 -23.35 -7.37
N GLU A 748 -16.14 -22.09 -7.27
CA GLU A 748 -15.26 -20.90 -7.41
C GLU A 748 -14.30 -20.96 -8.63
N THR A 749 -14.86 -21.32 -9.79
CA THR A 749 -14.14 -21.47 -11.05
C THR A 749 -14.84 -20.62 -12.10
N PRO A 750 -14.12 -19.71 -12.75
CA PRO A 750 -14.79 -18.86 -13.72
C PRO A 750 -14.99 -19.50 -15.08
N TYR A 751 -16.15 -19.28 -15.68
CA TYR A 751 -16.46 -19.75 -17.03
C TYR A 751 -17.00 -18.58 -17.83
N VAL A 752 -16.77 -18.62 -19.12
CA VAL A 752 -17.24 -17.60 -20.05
C VAL A 752 -18.04 -18.31 -21.12
N VAL A 753 -19.20 -17.75 -21.46
CA VAL A 753 -20.13 -18.37 -22.40
C VAL A 753 -20.27 -17.51 -23.66
N TYR A 754 -20.09 -18.10 -24.84
CA TYR A 754 -20.27 -17.42 -26.12
C TYR A 754 -21.35 -18.10 -26.96
N LYS A 755 -21.89 -17.37 -27.94
CA LYS A 755 -22.92 -17.88 -28.86
C LYS A 755 -22.29 -18.93 -29.79
N GLY A 756 -21.05 -18.70 -30.18
CA GLY A 756 -20.28 -19.59 -31.05
C GLY A 756 -18.85 -19.70 -30.60
N GLU A 757 -18.03 -20.43 -31.39
CA GLU A 757 -16.62 -20.67 -31.13
C GLU A 757 -15.90 -19.34 -30.98
N ALA A 758 -15.13 -19.19 -29.89
CA ALA A 758 -14.41 -17.95 -29.57
C ALA A 758 -12.93 -18.16 -29.70
N LYS A 759 -12.25 -17.14 -30.21
CA LYS A 759 -10.80 -17.19 -30.40
C LYS A 759 -10.06 -16.81 -29.12
N GLN A 760 -8.84 -17.32 -29.00
CA GLN A 760 -7.92 -17.03 -27.91
C GLN A 760 -7.47 -15.55 -28.01
N ILE A 761 -7.44 -14.82 -26.86
CA ILE A 761 -6.89 -13.46 -26.78
C ILE A 761 -5.39 -13.60 -27.18
N GLN A 762 -4.91 -12.77 -28.10
CA GLN A 762 -3.50 -12.86 -28.50
C GLN A 762 -2.59 -12.25 -27.45
N VAL A 763 -1.58 -13.03 -27.00
CA VAL A 763 -0.60 -12.60 -26.00
C VAL A 763 0.82 -12.91 -26.46
N ASN A 764 1.64 -11.85 -26.55
CA ASN A 764 3.07 -11.96 -26.85
C ASN A 764 3.77 -11.61 -25.54
N TRP A 765 4.22 -12.65 -24.83
CA TRP A 765 4.83 -12.46 -23.53
C TRP A 765 6.14 -11.68 -23.59
N SER A 766 6.30 -10.76 -22.66
CA SER A 766 7.51 -9.99 -22.40
C SER A 766 7.93 -9.06 -23.53
N GLU A 767 6.96 -8.32 -24.09
CA GLU A 767 7.24 -7.31 -25.10
C GLU A 767 8.24 -6.29 -24.53
N GLY A 768 9.27 -5.98 -25.33
CA GLY A 768 10.32 -5.04 -24.97
C GLY A 768 11.35 -5.55 -23.98
N MET A 769 11.26 -6.85 -23.60
CA MET A 769 12.16 -7.41 -22.58
C MET A 769 13.35 -8.16 -23.16
N HIS A 770 13.53 -8.15 -24.51
CA HIS A 770 14.68 -8.77 -25.18
C HIS A 770 14.66 -10.31 -25.22
N VAL A 771 13.66 -10.93 -24.56
CA VAL A 771 13.39 -12.38 -24.54
C VAL A 771 11.88 -12.51 -24.52
N VAL A 772 11.35 -13.64 -25.01
CA VAL A 772 9.93 -13.96 -24.97
C VAL A 772 9.71 -14.78 -23.69
N ASP A 773 8.70 -14.39 -22.89
CA ASP A 773 8.30 -15.04 -21.64
C ASP A 773 9.43 -15.11 -20.59
N ALA A 774 9.90 -13.92 -20.17
CA ALA A 774 10.94 -13.70 -19.15
C ALA A 774 10.47 -14.15 -17.75
N GLY A 775 9.16 -14.17 -17.51
CA GLY A 775 8.57 -14.56 -16.24
C GLY A 775 7.92 -15.95 -16.21
N PHE A 776 8.06 -16.72 -17.29
CA PHE A 776 7.55 -18.11 -17.40
C PHE A 776 6.01 -18.21 -17.15
N ASN A 777 5.27 -17.28 -17.77
CA ASN A 777 3.81 -17.14 -17.72
C ASN A 777 3.09 -17.91 -18.83
N GLY A 778 3.86 -18.46 -19.78
CA GLY A 778 3.33 -19.14 -20.95
C GLY A 778 2.96 -20.60 -20.78
N GLY A 779 2.95 -21.11 -19.55
CA GLY A 779 2.63 -22.50 -19.26
C GLY A 779 3.70 -23.46 -19.78
N SER A 780 3.39 -24.75 -19.82
CA SER A 780 4.29 -25.81 -20.28
C SER A 780 4.79 -25.57 -21.70
N ASN A 781 3.91 -25.02 -22.56
CA ASN A 781 4.16 -24.67 -23.96
C ASN A 781 5.32 -23.70 -24.18
N THR A 782 5.62 -22.81 -23.19
CA THR A 782 6.73 -21.85 -23.30
C THR A 782 8.11 -22.55 -23.50
N LEU A 783 8.27 -23.73 -22.90
CA LEU A 783 9.49 -24.53 -22.97
C LEU A 783 9.65 -25.23 -24.32
N THR A 784 8.66 -25.09 -25.20
CA THR A 784 8.68 -25.62 -26.57
C THR A 784 8.68 -24.44 -27.56
N ASP A 785 7.75 -23.49 -27.37
CA ASP A 785 7.60 -22.37 -28.32
C ASP A 785 8.58 -21.24 -28.16
N ASN A 786 9.00 -20.93 -26.92
CA ASN A 786 9.81 -19.74 -26.65
C ASN A 786 11.23 -20.06 -26.24
N TRP A 787 11.38 -20.93 -25.23
CA TRP A 787 12.65 -21.36 -24.70
C TRP A 787 12.99 -22.73 -25.32
N THR A 788 14.28 -23.03 -25.46
CA THR A 788 14.79 -24.29 -26.03
C THR A 788 15.44 -25.06 -24.90
N VAL A 789 14.98 -26.28 -24.69
CA VAL A 789 15.47 -27.18 -23.65
C VAL A 789 16.34 -28.25 -24.31
N SER A 790 17.50 -28.53 -23.72
CA SER A 790 18.42 -29.58 -24.14
C SER A 790 19.11 -30.18 -22.91
N GLY A 791 19.51 -31.44 -23.03
CA GLY A 791 20.18 -32.18 -21.96
C GLY A 791 19.42 -33.41 -21.53
N SER A 792 20.04 -34.20 -20.65
CA SER A 792 19.47 -35.44 -20.11
C SER A 792 18.48 -35.17 -18.97
N GLY A 793 18.60 -33.99 -18.37
CA GLY A 793 17.77 -33.55 -17.25
C GLY A 793 16.37 -33.10 -17.64
N LYS A 794 15.70 -32.44 -16.71
CA LYS A 794 14.32 -31.99 -16.88
C LYS A 794 14.18 -30.48 -16.61
N ALA A 795 13.35 -29.83 -17.44
CA ALA A 795 12.98 -28.43 -17.31
C ALA A 795 11.46 -28.37 -17.28
N GLU A 796 10.90 -27.74 -16.24
CA GLU A 796 9.45 -27.59 -16.16
C GLU A 796 9.03 -26.23 -15.65
N VAL A 797 7.82 -25.81 -16.00
CA VAL A 797 7.23 -24.57 -15.51
C VAL A 797 6.44 -25.03 -14.28
N GLU A 798 6.88 -24.59 -13.10
CA GLU A 798 6.36 -25.03 -11.82
C GLU A 798 5.83 -23.87 -10.97
N GLY A 799 4.86 -24.18 -10.11
CA GLY A 799 4.26 -23.21 -9.20
C GLY A 799 2.91 -22.73 -9.68
N ASP A 800 1.88 -22.84 -8.82
CA ASP A 800 0.51 -22.48 -9.15
C ASP A 800 0.19 -20.99 -8.94
N ASN A 801 1.11 -20.26 -8.30
CA ASN A 801 0.98 -18.85 -8.02
C ASN A 801 1.82 -18.04 -9.06
N ASN A 802 3.04 -17.62 -8.70
CA ASN A 802 3.95 -16.94 -9.61
C ASN A 802 4.81 -18.06 -10.25
N ALA A 803 4.48 -18.46 -11.50
CA ALA A 803 5.16 -19.57 -12.19
C ALA A 803 6.66 -19.33 -12.39
N MET A 804 7.46 -20.38 -12.21
CA MET A 804 8.93 -20.32 -12.31
C MET A 804 9.44 -21.42 -13.23
N LEU A 805 10.71 -21.30 -13.63
CA LEU A 805 11.40 -22.33 -14.36
C LEU A 805 12.06 -23.23 -13.29
N ARG A 806 11.79 -24.55 -13.33
CA ARG A 806 12.40 -25.50 -12.41
C ARG A 806 13.26 -26.50 -13.19
N LEU A 807 14.54 -26.60 -12.79
CA LEU A 807 15.53 -27.51 -13.40
C LEU A 807 15.91 -28.65 -12.46
N THR A 808 16.10 -29.85 -13.03
CA THR A 808 16.55 -31.09 -12.36
C THR A 808 17.54 -31.76 -13.30
N GLY A 809 18.66 -32.23 -12.75
CA GLY A 809 19.71 -32.90 -13.53
C GLY A 809 20.47 -31.99 -14.47
N LYS A 810 21.03 -32.58 -15.54
CA LYS A 810 21.86 -31.88 -16.52
C LYS A 810 20.97 -31.32 -17.62
N VAL A 811 20.67 -30.01 -17.53
CA VAL A 811 19.73 -29.37 -18.46
C VAL A 811 20.09 -27.90 -18.74
N ASP A 812 19.87 -27.47 -19.99
CA ASP A 812 20.10 -26.11 -20.49
C ASP A 812 18.80 -25.56 -21.06
N VAL A 813 18.47 -24.30 -20.73
CA VAL A 813 17.25 -23.64 -21.21
C VAL A 813 17.74 -22.37 -21.83
N SER A 814 17.58 -22.24 -23.14
N SER A 814 17.63 -22.27 -23.16
CA SER A 814 18.12 -21.10 -23.84
CA SER A 814 18.16 -21.14 -23.90
C SER A 814 17.14 -20.39 -24.74
C SER A 814 17.15 -20.41 -24.76
N GLN A 815 17.47 -19.14 -25.05
CA GLN A 815 16.67 -18.29 -25.92
C GLN A 815 17.55 -17.19 -26.46
N ARG A 816 17.34 -16.85 -27.74
CA ARG A 816 18.02 -15.76 -28.41
C ARG A 816 17.53 -14.40 -27.83
N LEU A 817 18.45 -13.44 -27.72
CA LEU A 817 18.15 -12.09 -27.22
C LEU A 817 17.84 -11.18 -28.40
N THR A 818 16.76 -10.41 -28.31
CA THR A 818 16.40 -9.53 -29.42
C THR A 818 16.53 -8.07 -29.02
N ASP A 819 16.51 -7.18 -30.02
CA ASP A 819 16.47 -5.73 -29.87
C ASP A 819 17.59 -5.13 -29.01
N LEU A 820 18.79 -5.71 -29.03
CA LEU A 820 19.91 -5.14 -28.29
C LEU A 820 20.58 -4.05 -29.14
N LYS A 821 21.16 -3.03 -28.48
CA LYS A 821 21.89 -1.97 -29.17
C LYS A 821 23.34 -2.44 -29.27
N ALA A 822 23.82 -2.75 -30.50
CA ALA A 822 25.18 -3.23 -30.74
C ALA A 822 26.22 -2.29 -30.14
N GLY A 823 27.18 -2.88 -29.40
CA GLY A 823 28.24 -2.14 -28.73
C GLY A 823 27.85 -1.48 -27.42
N GLN A 824 26.59 -1.60 -27.00
CA GLN A 824 26.13 -1.03 -25.73
C GLN A 824 26.28 -2.03 -24.56
N LYS A 825 26.54 -1.53 -23.36
CA LYS A 825 26.70 -2.36 -22.19
C LYS A 825 25.33 -2.73 -21.56
N TYR A 826 25.21 -3.98 -21.13
CA TYR A 826 24.00 -4.53 -20.49
C TYR A 826 24.34 -5.35 -19.27
N ALA A 827 23.42 -5.31 -18.30
CA ALA A 827 23.40 -6.22 -17.18
C ALA A 827 22.26 -7.17 -17.53
N LEU A 828 22.47 -8.45 -17.30
CA LEU A 828 21.41 -9.43 -17.41
C LEU A 828 21.35 -10.05 -16.01
N TYR A 829 20.19 -9.98 -15.33
CA TYR A 829 20.09 -10.65 -14.05
C TYR A 829 18.87 -11.55 -14.02
N VAL A 830 18.93 -12.58 -13.21
CA VAL A 830 17.83 -13.54 -13.09
C VAL A 830 17.70 -13.93 -11.63
N GLY A 831 16.46 -14.07 -11.18
CA GLY A 831 16.16 -14.57 -9.85
C GLY A 831 16.52 -16.06 -9.84
N VAL A 832 17.28 -16.50 -8.83
CA VAL A 832 17.68 -17.90 -8.74
C VAL A 832 17.58 -18.44 -7.30
N ASP A 833 17.01 -19.63 -7.17
CA ASP A 833 16.93 -20.35 -5.90
C ASP A 833 17.46 -21.79 -6.20
N ASN A 834 18.68 -22.07 -5.77
CA ASN A 834 19.32 -23.36 -6.02
C ASN A 834 19.38 -24.23 -4.76
N ARG A 835 18.64 -25.34 -4.80
CA ARG A 835 18.57 -26.31 -3.70
C ARG A 835 19.57 -27.43 -3.90
N SER A 836 20.18 -27.50 -5.09
CA SER A 836 21.16 -28.50 -5.48
C SER A 836 22.58 -28.12 -5.03
N THR A 837 23.45 -29.13 -4.82
CA THR A 837 24.86 -28.87 -4.45
C THR A 837 25.65 -28.51 -5.72
N GLY A 838 25.13 -28.95 -6.87
CA GLY A 838 25.70 -28.64 -8.17
C GLY A 838 25.41 -27.20 -8.57
N ASP A 839 26.26 -26.65 -9.45
CA ASP A 839 26.13 -25.27 -9.91
C ASP A 839 24.94 -24.99 -10.82
N ALA A 840 24.30 -23.84 -10.59
CA ALA A 840 23.23 -23.32 -11.42
C ALA A 840 23.83 -22.10 -12.12
N SER A 841 23.70 -22.02 -13.45
CA SER A 841 24.36 -20.94 -14.18
C SER A 841 23.48 -20.11 -15.10
N VAL A 842 23.96 -18.87 -15.34
CA VAL A 842 23.43 -17.95 -16.33
C VAL A 842 24.61 -17.58 -17.25
N THR A 843 24.41 -17.74 -18.55
CA THR A 843 25.47 -17.50 -19.55
C THR A 843 24.91 -16.76 -20.74
N VAL A 844 25.66 -15.79 -21.22
CA VAL A 844 25.34 -15.07 -22.44
C VAL A 844 26.43 -15.47 -23.45
N THR A 845 26.01 -16.07 -24.59
CA THR A 845 26.89 -16.50 -25.69
C THR A 845 26.58 -15.73 -26.97
N SER A 846 27.55 -15.71 -27.90
CA SER A 846 27.44 -15.07 -29.21
C SER A 846 28.23 -15.93 -30.19
N GLY A 847 27.52 -16.68 -31.03
CA GLY A 847 28.11 -17.59 -32.00
C GLY A 847 28.92 -18.68 -31.32
N GLY A 848 28.36 -19.24 -30.24
CA GLY A 848 29.00 -20.29 -29.46
C GLY A 848 30.05 -19.82 -28.45
N LYS A 849 30.59 -18.58 -28.60
CA LYS A 849 31.58 -18.07 -27.65
C LYS A 849 30.91 -17.38 -26.44
N VAL A 850 31.47 -17.60 -25.25
CA VAL A 850 30.97 -17.05 -23.99
C VAL A 850 31.34 -15.57 -23.88
N LEU A 851 30.32 -14.68 -23.72
CA LEU A 851 30.57 -13.25 -23.49
C LEU A 851 30.63 -13.01 -21.98
N ALA A 852 29.74 -13.68 -21.22
CA ALA A 852 29.67 -13.55 -19.77
C ALA A 852 29.00 -14.77 -19.18
N THR A 853 29.43 -15.14 -17.99
CA THR A 853 28.86 -16.29 -17.28
C THR A 853 28.95 -16.07 -15.77
N ASN A 854 28.00 -16.67 -15.05
CA ASN A 854 27.95 -16.63 -13.59
C ASN A 854 27.29 -17.89 -13.10
N SER A 855 27.58 -18.28 -11.86
CA SER A 855 27.09 -19.49 -11.24
C SER A 855 26.87 -19.32 -9.77
N THR A 856 26.03 -20.20 -9.23
CA THR A 856 25.77 -20.32 -7.81
C THR A 856 25.80 -21.81 -7.48
N GLY A 857 26.33 -22.13 -6.31
CA GLY A 857 26.22 -23.45 -5.72
C GLY A 857 24.90 -23.40 -4.96
N LYS A 858 24.76 -24.22 -3.91
CA LYS A 858 23.58 -24.20 -3.07
C LYS A 858 23.35 -22.77 -2.52
N SER A 859 22.11 -22.25 -2.66
CA SER A 859 21.75 -20.92 -2.20
C SER A 859 21.84 -20.87 -0.66
N ILE A 860 22.43 -19.79 -0.12
CA ILE A 860 22.69 -19.66 1.32
C ILE A 860 21.93 -18.51 2.01
N ALA A 861 21.25 -17.64 1.24
CA ALA A 861 20.54 -16.49 1.83
C ALA A 861 19.07 -16.45 1.46
N LYS A 862 18.20 -16.57 2.47
CA LYS A 862 16.75 -16.52 2.29
C LYS A 862 16.34 -15.11 1.82
N ASN A 863 15.25 -15.03 1.06
CA ASN A 863 14.76 -13.75 0.56
C ASN A 863 13.83 -13.10 1.58
N TYR A 864 14.16 -11.87 1.99
CA TYR A 864 13.39 -11.12 3.01
C TYR A 864 12.68 -9.87 2.47
N ILE A 865 12.51 -9.80 1.14
CA ILE A 865 11.91 -8.64 0.45
C ILE A 865 10.40 -8.80 0.40
N LYS A 866 9.69 -8.12 1.30
CA LYS A 866 8.23 -8.18 1.41
C LYS A 866 7.48 -7.94 0.09
N ALA A 867 7.85 -6.88 -0.68
CA ALA A 867 7.16 -6.56 -1.95
C ALA A 867 7.56 -7.46 -3.13
N TYR A 868 8.55 -8.34 -2.92
CA TYR A 868 9.03 -9.23 -3.97
C TYR A 868 8.23 -10.53 -4.03
N GLY A 869 7.97 -10.98 -5.25
CA GLY A 869 7.17 -12.15 -5.58
C GLY A 869 7.72 -13.51 -5.15
N HIS A 870 9.00 -13.60 -4.74
CA HIS A 870 9.54 -14.89 -4.29
C HIS A 870 10.26 -14.76 -2.96
N ASN A 871 9.66 -14.05 -1.99
CA ASN A 871 10.26 -13.94 -0.67
C ASN A 871 10.05 -15.27 0.12
N THR A 872 10.72 -15.42 1.26
CA THR A 872 10.72 -16.67 2.01
C THR A 872 9.34 -16.99 2.68
N ASN A 873 8.32 -16.09 2.56
CA ASN A 873 6.98 -16.43 3.03
C ASN A 873 6.17 -17.03 1.89
N SER A 874 6.74 -17.12 0.66
CA SER A 874 6.02 -17.63 -0.52
C SER A 874 6.23 -19.12 -0.89
N ASN A 875 7.04 -19.87 -0.14
CA ASN A 875 7.25 -21.31 -0.40
C ASN A 875 7.65 -21.70 -1.84
N THR A 876 8.91 -21.44 -2.18
CA THR A 876 9.47 -21.88 -3.46
C THR A 876 9.61 -23.42 -3.35
N GLU A 877 10.09 -23.89 -2.20
CA GLU A 877 10.26 -25.29 -1.86
C GLU A 877 10.53 -25.42 -0.38
N ASN A 878 9.89 -26.45 0.25
CA ASN A 878 10.10 -26.83 1.65
C ASN A 878 9.88 -25.67 2.66
N GLY A 879 8.86 -24.85 2.39
CA GLY A 879 8.46 -23.72 3.24
C GLY A 879 9.38 -22.51 3.24
N SER A 880 10.24 -22.38 2.23
CA SER A 880 11.16 -21.25 2.16
C SER A 880 11.43 -20.82 0.72
N SER A 881 12.15 -19.70 0.60
CA SER A 881 12.63 -19.16 -0.66
C SER A 881 13.97 -18.51 -0.47
N TYR A 882 14.92 -18.91 -1.32
CA TYR A 882 16.29 -18.42 -1.36
C TYR A 882 16.55 -17.60 -2.61
N PHE A 883 15.48 -17.17 -3.32
CA PHE A 883 15.61 -16.37 -4.54
C PHE A 883 16.48 -15.14 -4.31
N GLN A 884 17.50 -14.98 -5.16
CA GLN A 884 18.41 -13.83 -5.17
C GLN A 884 18.83 -13.62 -6.61
N ASN A 885 19.03 -12.35 -7.00
CA ASN A 885 19.43 -12.00 -8.36
C ASN A 885 20.87 -12.36 -8.68
N MET A 886 21.06 -13.08 -9.79
CA MET A 886 22.36 -13.50 -10.30
C MET A 886 22.61 -12.71 -11.56
N TYR A 887 23.72 -11.96 -11.56
CA TYR A 887 24.09 -11.06 -12.66
C TYR A 887 25.20 -11.56 -13.56
N VAL A 888 25.14 -11.12 -14.81
CA VAL A 888 26.18 -11.14 -15.83
C VAL A 888 26.20 -9.75 -16.44
N PHE A 889 27.39 -9.29 -16.80
CA PHE A 889 27.56 -7.99 -17.44
C PHE A 889 28.23 -8.23 -18.78
N PHE A 890 27.69 -7.69 -19.86
CA PHE A 890 28.28 -7.91 -21.19
C PHE A 890 28.06 -6.72 -22.13
N THR A 891 28.72 -6.77 -23.31
CA THR A 891 28.54 -5.79 -24.35
C THR A 891 27.77 -6.48 -25.47
N ALA A 892 26.68 -5.87 -25.95
CA ALA A 892 25.88 -6.43 -27.03
C ALA A 892 26.80 -6.56 -28.27
N PRO A 893 26.95 -7.79 -28.83
CA PRO A 893 27.91 -7.98 -29.95
C PRO A 893 27.52 -7.26 -31.23
N GLU A 894 28.52 -6.90 -32.05
CA GLU A 894 28.32 -6.21 -33.33
C GLU A 894 27.47 -7.03 -34.33
N ASN A 895 27.60 -8.38 -34.32
CA ASN A 895 26.83 -9.29 -35.19
C ASN A 895 25.33 -9.38 -34.84
N GLY A 896 24.93 -8.78 -33.71
CA GLY A 896 23.55 -8.78 -33.23
C GLY A 896 23.03 -10.17 -32.90
N ASP A 897 23.93 -11.09 -32.56
CA ASP A 897 23.64 -12.48 -32.26
C ASP A 897 24.08 -12.80 -30.82
N ALA A 898 23.13 -12.83 -29.88
CA ALA A 898 23.38 -13.12 -28.46
C ALA A 898 22.28 -14.03 -27.94
N THR A 899 22.66 -14.98 -27.08
CA THR A 899 21.78 -15.99 -26.50
C THR A 899 22.00 -16.10 -25.01
N VAL A 900 20.89 -16.22 -24.26
CA VAL A 900 20.96 -16.45 -22.81
C VAL A 900 20.68 -17.94 -22.58
N THR A 901 21.45 -18.58 -21.69
CA THR A 901 21.26 -19.97 -21.28
C THR A 901 21.19 -20.03 -19.77
N LEU A 902 20.15 -20.68 -19.25
CA LEU A 902 19.96 -20.96 -17.83
C LEU A 902 20.25 -22.44 -17.70
N SER A 903 21.16 -22.81 -16.81
CA SER A 903 21.49 -24.23 -16.73
C SER A 903 21.75 -24.76 -15.35
N HIS A 904 21.64 -26.09 -15.26
CA HIS A 904 21.97 -26.89 -14.10
C HIS A 904 22.94 -27.97 -14.56
N LYS A 905 24.04 -28.13 -13.82
CA LYS A 905 25.16 -28.98 -14.20
C LYS A 905 25.13 -30.41 -13.63
N SER A 906 24.94 -30.56 -12.30
CA SER A 906 25.00 -31.90 -11.69
C SER A 906 23.82 -32.79 -12.06
N THR A 907 24.01 -34.09 -11.93
CA THR A 907 23.03 -35.12 -12.29
C THR A 907 22.15 -35.55 -11.09
N ASP A 908 22.27 -34.85 -9.93
CA ASP A 908 21.52 -35.15 -8.71
C ASP A 908 19.97 -34.88 -8.86
N GLY A 909 19.22 -35.15 -7.79
CA GLY A 909 17.76 -35.01 -7.82
C GLY A 909 17.19 -33.70 -7.30
N ALA A 910 18.05 -32.85 -6.69
CA ALA A 910 17.65 -31.56 -6.14
C ALA A 910 17.29 -30.53 -7.22
N HIS A 911 16.47 -29.54 -6.87
CA HIS A 911 15.96 -28.56 -7.82
C HIS A 911 16.65 -27.21 -7.84
N THR A 912 16.63 -26.56 -9.00
CA THR A 912 17.04 -25.18 -9.20
C THR A 912 15.83 -24.44 -9.77
N TYR A 913 15.53 -23.26 -9.22
CA TYR A 913 14.43 -22.40 -9.64
C TYR A 913 14.99 -21.12 -10.20
N PHE A 914 14.46 -20.70 -11.34
CA PHE A 914 14.78 -19.44 -12.00
C PHE A 914 13.48 -18.70 -12.29
N ASP A 915 13.56 -17.36 -12.28
CA ASP A 915 12.44 -16.50 -12.66
C ASP A 915 12.91 -15.12 -13.01
N ASP A 916 12.12 -14.42 -13.87
CA ASP A 916 12.34 -13.01 -14.20
C ASP A 916 13.72 -12.73 -14.81
N VAL A 917 13.90 -13.14 -16.05
CA VAL A 917 15.12 -12.87 -16.78
C VAL A 917 15.01 -11.38 -17.18
N ARG A 918 15.94 -10.56 -16.69
CA ARG A 918 15.91 -9.14 -16.98
C ARG A 918 17.19 -8.67 -17.66
N ILE A 919 17.03 -8.15 -18.89
CA ILE A 919 18.10 -7.59 -19.72
C ILE A 919 17.91 -6.07 -19.69
N VAL A 920 18.89 -5.36 -19.17
CA VAL A 920 18.80 -3.93 -18.99
C VAL A 920 20.11 -3.21 -19.36
N GLU A 921 20.02 -2.04 -19.99
CA GLU A 921 21.21 -1.21 -20.29
C GLU A 921 21.78 -0.80 -18.94
N ASN A 922 23.07 -1.01 -18.78
CA ASN A 922 23.74 -0.74 -17.51
C ASN A 922 25.21 -0.51 -17.75
N GLN A 923 25.78 0.52 -17.08
CA GLN A 923 27.19 0.92 -17.25
C GLN A 923 28.16 0.33 -16.21
N TYR A 924 27.70 -0.59 -15.32
CA TYR A 924 28.60 -1.19 -14.33
C TYR A 924 29.73 -1.99 -15.01
N SER A 925 30.98 -1.69 -14.63
CA SER A 925 32.16 -2.36 -15.17
C SER A 925 33.25 -2.58 -14.10
N GLY A 926 32.82 -2.80 -12.85
CA GLY A 926 33.71 -2.96 -11.69
C GLY A 926 34.22 -4.35 -11.35
N ILE A 927 33.91 -5.37 -12.18
CA ILE A 927 34.41 -6.73 -11.94
C ILE A 927 35.58 -7.04 -12.88
N THR A 928 36.67 -7.55 -12.33
CA THR A 928 37.86 -7.97 -13.06
C THR A 928 38.10 -9.42 -12.69
N TYR A 929 38.33 -10.27 -13.70
CA TYR A 929 38.59 -11.69 -13.48
C TYR A 929 40.06 -12.04 -13.67
N GLU A 930 40.45 -13.23 -13.18
CA GLU A 930 41.75 -13.85 -13.37
C GLU A 930 41.62 -14.60 -14.72
N LYS A 931 42.73 -15.13 -15.29
CA LYS A 931 42.69 -15.88 -16.57
C LYS A 931 41.83 -17.15 -16.39
N ASP A 932 41.89 -17.72 -15.17
CA ASP A 932 41.14 -18.83 -14.58
C ASP A 932 39.61 -18.61 -14.76
N GLY A 933 39.18 -17.35 -14.71
CA GLY A 933 37.77 -16.97 -14.77
C GLY A 933 37.26 -16.66 -13.37
N THR A 934 38.13 -16.87 -12.34
CA THR A 934 37.86 -16.58 -10.92
C THR A 934 38.02 -15.07 -10.69
N LEU A 935 37.60 -14.58 -9.52
CA LEU A 935 37.63 -13.16 -9.21
C LEU A 935 39.03 -12.57 -8.96
N LYS A 936 39.37 -11.49 -9.68
CA LYS A 936 40.61 -10.76 -9.47
C LYS A 936 40.23 -9.59 -8.53
N SER A 937 39.20 -8.80 -8.93
CA SER A 937 38.69 -7.70 -8.11
C SER A 937 37.25 -7.34 -8.40
N LEU A 938 36.60 -6.76 -7.41
CA LEU A 938 35.25 -6.24 -7.51
C LEU A 938 35.24 -4.87 -6.83
N THR A 939 34.88 -3.83 -7.56
CA THR A 939 34.74 -2.50 -6.99
C THR A 939 33.30 -2.04 -7.21
N ASN A 940 32.74 -1.32 -6.23
CA ASN A 940 31.40 -0.76 -6.38
C ASN A 940 31.20 0.54 -5.59
N GLY A 941 30.88 1.60 -6.32
CA GLY A 941 30.52 2.90 -5.77
C GLY A 941 29.01 3.06 -5.70
N PHE A 942 28.26 2.00 -6.13
CA PHE A 942 26.78 1.90 -6.12
C PHE A 942 26.11 2.95 -7.07
N GLU A 943 26.89 3.49 -8.01
CA GLU A 943 26.43 4.51 -8.96
C GLU A 943 25.71 3.91 -10.16
N ASN A 944 25.88 2.60 -10.40
CA ASN A 944 25.33 1.91 -11.56
C ASN A 944 24.60 0.62 -11.21
N ASN A 945 23.96 0.57 -10.02
CA ASN A 945 23.25 -0.63 -9.62
C ASN A 945 21.94 -0.78 -10.43
N ALA A 946 21.80 -1.91 -11.16
CA ALA A 946 20.58 -2.20 -11.92
C ALA A 946 19.38 -2.23 -10.95
N GLN A 947 19.59 -2.78 -9.74
CA GLN A 947 18.64 -2.84 -8.64
C GLN A 947 19.33 -3.32 -7.37
N GLY A 948 18.67 -3.08 -6.25
CA GLY A 948 19.11 -3.57 -4.95
C GLY A 948 20.44 -3.04 -4.47
N ILE A 949 21.02 -3.75 -3.50
CA ILE A 949 22.27 -3.34 -2.85
C ILE A 949 23.42 -4.26 -3.26
N TRP A 950 23.32 -4.82 -4.48
CA TRP A 950 24.32 -5.68 -5.11
C TRP A 950 25.74 -5.09 -4.89
N PRO A 951 26.80 -5.87 -4.53
CA PRO A 951 26.87 -7.34 -4.36
C PRO A 951 26.29 -7.88 -3.05
N PHE A 952 25.73 -7.00 -2.22
CA PHE A 952 25.06 -7.42 -1.01
C PHE A 952 23.61 -7.78 -1.32
N VAL A 953 23.01 -8.54 -0.41
CA VAL A 953 21.58 -8.87 -0.40
C VAL A 953 21.11 -8.63 1.01
N VAL A 954 19.89 -8.11 1.13
CA VAL A 954 19.23 -7.87 2.41
C VAL A 954 19.08 -9.20 3.19
N SER A 955 19.47 -9.16 4.48
CA SER A 955 19.36 -10.28 5.41
C SER A 955 18.02 -10.22 6.24
N GLY A 956 17.92 -11.06 7.28
CA GLY A 956 16.71 -11.22 8.08
C GLY A 956 16.53 -10.45 9.37
N SER A 957 17.28 -9.35 9.60
CA SER A 957 17.17 -8.55 10.84
C SER A 957 15.75 -8.00 11.15
N GLU A 958 14.87 -7.87 10.13
CA GLU A 958 13.50 -7.43 10.33
C GLU A 958 12.52 -8.51 9.83
N GLY A 959 13.03 -9.71 9.51
CA GLY A 959 12.23 -10.77 8.88
C GLY A 959 11.81 -10.31 7.48
N VAL A 960 10.69 -10.82 6.96
CA VAL A 960 10.19 -10.43 5.64
C VAL A 960 9.55 -9.04 5.82
N GLU A 961 10.19 -8.01 5.26
CA GLU A 961 9.79 -6.63 5.52
C GLU A 961 10.03 -5.70 4.32
N ASP A 962 9.47 -4.48 4.37
CA ASP A 962 9.83 -3.41 3.46
C ASP A 962 11.09 -2.89 4.19
N ASN A 963 12.21 -3.61 3.95
CA ASN A 963 13.49 -3.47 4.66
C ASN A 963 14.03 -2.05 4.69
N ARG A 964 14.48 -1.60 5.87
CA ARG A 964 14.97 -0.22 6.07
C ARG A 964 16.42 -0.05 5.59
N ILE A 965 16.68 -0.60 4.40
CA ILE A 965 17.97 -0.60 3.75
C ILE A 965 17.70 -0.30 2.30
N HIS A 966 18.42 0.68 1.74
CA HIS A 966 18.23 1.02 0.32
C HIS A 966 19.44 1.82 -0.17
N LEU A 967 19.37 2.28 -1.41
CA LEU A 967 20.37 3.14 -1.98
C LEU A 967 19.99 4.60 -1.68
N SER A 968 20.79 5.28 -0.86
CA SER A 968 20.62 6.67 -0.47
C SER A 968 21.09 7.58 -1.63
N GLU A 969 20.46 8.75 -1.78
CA GLU A 969 20.75 9.65 -2.89
C GLU A 969 21.15 11.04 -2.40
N LEU A 970 22.12 11.65 -3.09
CA LEU A 970 22.61 12.97 -2.76
C LEU A 970 21.66 14.10 -3.14
N HIS A 971 21.46 15.04 -2.23
CA HIS A 971 20.74 16.30 -2.45
C HIS A 971 21.23 17.30 -1.42
N ALA A 972 22.43 17.86 -1.66
CA ALA A 972 23.07 18.82 -0.75
C ALA A 972 22.30 20.16 -0.74
N PRO A 973 22.17 20.83 0.44
CA PRO A 973 22.78 20.47 1.75
C PRO A 973 21.91 19.57 2.63
N PHE A 974 20.67 19.31 2.22
CA PHE A 974 19.64 18.60 2.98
C PHE A 974 19.97 17.15 3.34
N THR A 975 20.70 16.42 2.49
CA THR A 975 21.08 15.03 2.78
C THR A 975 22.41 14.94 3.57
N ARG A 976 23.16 16.05 3.66
CA ARG A 976 24.46 16.09 4.33
C ARG A 976 24.35 16.37 5.82
N ALA A 977 25.40 15.99 6.59
CA ALA A 977 25.52 16.29 8.02
C ALA A 977 25.50 17.80 8.18
N GLY A 978 24.83 18.29 9.23
CA GLY A 978 24.76 19.72 9.51
C GLY A 978 23.46 20.40 9.13
N TRP A 979 22.60 19.77 8.30
CA TRP A 979 21.32 20.41 7.98
C TRP A 979 20.34 20.07 9.10
N ASP A 980 19.69 21.09 9.70
CA ASP A 980 18.77 20.90 10.84
C ASP A 980 19.50 20.11 11.97
N VAL A 981 18.96 18.96 12.41
CA VAL A 981 19.54 18.12 13.48
C VAL A 981 20.31 16.89 12.91
N LYS A 982 20.46 16.83 11.57
CA LYS A 982 21.16 15.75 10.87
C LYS A 982 22.66 15.75 11.19
N LYS A 983 23.22 14.61 11.64
CA LYS A 983 24.65 14.51 11.99
C LYS A 983 25.41 13.57 11.06
N MET A 984 24.69 12.86 10.19
CA MET A 984 25.32 11.92 9.26
C MET A 984 25.05 12.31 7.80
N ASP A 985 26.03 12.05 6.91
CA ASP A 985 25.83 12.20 5.48
C ASP A 985 25.10 10.92 4.99
N ASP A 986 24.12 11.10 4.09
CA ASP A 986 23.41 9.98 3.48
C ASP A 986 24.32 9.33 2.44
N VAL A 987 25.13 10.15 1.76
CA VAL A 987 25.99 9.71 0.65
C VAL A 987 27.43 10.06 0.95
N LEU A 988 28.34 9.09 0.70
CA LEU A 988 29.76 9.25 0.98
C LEU A 988 30.57 9.67 -0.25
N ASP A 989 30.27 9.09 -1.42
CA ASP A 989 30.99 9.38 -2.67
C ASP A 989 30.02 9.32 -3.83
N GLY A 990 30.13 10.29 -4.74
CA GLY A 990 29.26 10.38 -5.90
C GLY A 990 27.82 10.71 -5.52
N THR A 991 26.86 10.05 -6.17
CA THR A 991 25.45 10.35 -5.93
C THR A 991 24.74 9.32 -5.04
N TRP A 992 25.28 8.09 -4.92
CA TRP A 992 24.61 6.99 -4.24
C TRP A 992 25.45 6.26 -3.22
N SER A 993 24.81 5.77 -2.14
CA SER A 993 25.51 4.94 -1.15
C SER A 993 24.53 3.85 -0.70
N VAL A 994 24.99 2.94 0.17
CA VAL A 994 24.12 1.93 0.77
C VAL A 994 23.77 2.47 2.17
N LYS A 995 22.48 2.65 2.45
CA LYS A 995 22.08 3.18 3.75
C LYS A 995 21.24 2.20 4.55
N VAL A 996 21.57 2.10 5.84
CA VAL A 996 20.83 1.32 6.83
C VAL A 996 20.24 2.35 7.79
N ASN A 997 18.91 2.34 7.95
CA ASN A 997 18.27 3.28 8.85
C ASN A 997 17.68 2.60 10.12
N GLY A 998 18.23 2.99 11.27
CA GLY A 998 17.78 2.62 12.62
C GLY A 998 17.73 1.14 12.98
N LEU A 999 18.57 0.30 12.36
CA LEU A 999 18.55 -1.14 12.64
C LEU A 999 19.54 -1.55 13.75
N THR A 1000 19.54 -0.80 14.85
CA THR A 1000 20.41 -1.08 16.00
C THR A 1000 19.77 -2.10 16.92
N GLN A 1001 20.61 -2.75 17.73
CA GLN A 1001 20.27 -3.73 18.78
C GLN A 1001 19.47 -4.94 18.25
N LYS A 1002 19.78 -5.38 17.03
CA LYS A 1002 19.12 -6.56 16.47
C LYS A 1002 19.85 -7.87 16.85
N GLY A 1003 21.16 -7.77 17.15
CA GLY A 1003 22.00 -8.93 17.44
C GLY A 1003 21.97 -9.95 16.30
N THR A 1004 21.98 -9.47 15.04
CA THR A 1004 21.90 -10.35 13.85
C THR A 1004 22.38 -9.64 12.58
N LEU A 1005 22.52 -10.42 11.49
CA LEU A 1005 22.98 -9.99 10.18
C LEU A 1005 21.97 -9.03 9.51
N VAL A 1006 22.48 -7.88 8.99
CA VAL A 1006 21.68 -6.83 8.34
C VAL A 1006 21.70 -7.05 6.82
N TYR A 1007 22.89 -7.25 6.25
CA TYR A 1007 23.06 -7.59 4.84
C TYR A 1007 24.38 -8.31 4.61
N GLN A 1008 24.49 -9.05 3.50
CA GLN A 1008 25.68 -9.85 3.24
C GLN A 1008 25.91 -10.05 1.76
N THR A 1009 27.17 -10.36 1.40
CA THR A 1009 27.45 -10.77 0.03
C THR A 1009 27.01 -12.26 0.00
N ILE A 1010 26.87 -12.80 -1.19
CA ILE A 1010 26.54 -14.20 -1.42
C ILE A 1010 27.47 -14.68 -2.56
N PRO A 1011 27.81 -16.00 -2.64
CA PRO A 1011 28.77 -16.47 -3.67
C PRO A 1011 28.38 -16.17 -5.13
N GLN A 1012 27.08 -16.16 -5.48
CA GLN A 1012 26.66 -15.82 -6.86
C GLN A 1012 27.00 -14.35 -7.21
N ASN A 1013 27.15 -13.47 -6.20
CA ASN A 1013 27.49 -12.06 -6.45
C ASN A 1013 29.01 -11.86 -6.42
N VAL A 1014 29.67 -12.42 -5.40
CA VAL A 1014 31.12 -12.36 -5.22
C VAL A 1014 31.60 -13.69 -4.62
N LYS A 1015 32.30 -14.45 -5.43
CA LYS A 1015 32.79 -15.78 -5.09
C LYS A 1015 34.24 -15.73 -4.57
N PHE A 1016 34.45 -16.22 -3.36
CA PHE A 1016 35.78 -16.32 -2.76
C PHE A 1016 36.26 -17.74 -2.92
N GLU A 1017 37.36 -17.95 -3.67
CA GLU A 1017 37.92 -19.28 -3.88
C GLU A 1017 38.45 -19.86 -2.57
N ALA A 1018 38.28 -21.17 -2.37
CA ALA A 1018 38.78 -21.87 -1.18
C ALA A 1018 40.30 -21.64 -1.04
N GLY A 1019 40.70 -21.18 0.14
CA GLY A 1019 42.11 -20.91 0.44
C GLY A 1019 42.70 -19.63 -0.09
N ALA A 1020 42.02 -18.97 -1.05
CA ALA A 1020 42.51 -17.72 -1.62
C ALA A 1020 42.27 -16.58 -0.61
N LYS A 1021 43.15 -15.58 -0.63
CA LYS A 1021 43.12 -14.44 0.28
C LYS A 1021 42.65 -13.21 -0.44
N TYR A 1022 41.83 -12.41 0.25
CA TYR A 1022 41.24 -11.20 -0.32
C TYR A 1022 41.29 -10.04 0.64
N LYS A 1023 41.62 -8.85 0.11
CA LYS A 1023 41.59 -7.63 0.89
C LYS A 1023 40.23 -6.96 0.58
N VAL A 1024 39.45 -6.74 1.64
CA VAL A 1024 38.14 -6.08 1.52
C VAL A 1024 38.24 -4.71 2.18
N SER A 1025 37.76 -3.67 1.49
CA SER A 1025 37.75 -2.33 2.06
C SER A 1025 36.51 -1.53 1.63
N PHE A 1026 36.11 -0.56 2.47
CA PHE A 1026 34.99 0.31 2.15
C PHE A 1026 35.04 1.58 2.97
N ASP A 1027 34.33 2.61 2.49
CA ASP A 1027 34.15 3.86 3.21
C ASP A 1027 32.86 3.65 4.00
N TYR A 1028 32.78 4.21 5.21
CA TYR A 1028 31.53 4.10 5.95
C TYR A 1028 31.29 5.29 6.87
N GLN A 1029 30.04 5.43 7.29
CA GLN A 1029 29.63 6.33 8.36
C GLN A 1029 28.75 5.50 9.31
N SER A 1030 28.99 5.59 10.62
CA SER A 1030 28.25 4.85 11.64
C SER A 1030 27.94 5.81 12.78
N GLY A 1031 26.68 5.81 13.20
CA GLY A 1031 26.17 6.75 14.18
C GLY A 1031 26.72 6.71 15.58
N SER A 1032 27.18 5.52 16.02
CA SER A 1032 27.73 5.29 17.35
C SER A 1032 28.80 4.21 17.29
N ASP A 1033 29.57 4.08 18.39
CA ASP A 1033 30.59 3.04 18.51
C ASP A 1033 29.92 1.68 18.70
N ASP A 1034 30.43 0.66 17.97
CA ASP A 1034 30.10 -0.76 18.09
C ASP A 1034 28.62 -1.14 17.92
N ILE A 1035 27.79 -0.31 17.29
CA ILE A 1035 26.37 -0.65 17.03
C ILE A 1035 26.26 -1.57 15.80
N TYR A 1036 27.22 -1.40 14.88
CA TYR A 1036 27.35 -2.20 13.68
C TYR A 1036 28.72 -2.82 13.64
N ALA A 1037 28.79 -4.02 13.07
CA ALA A 1037 30.03 -4.75 12.95
C ALA A 1037 30.17 -5.40 11.58
N ILE A 1038 31.42 -5.64 11.15
CA ILE A 1038 31.70 -6.41 9.95
C ILE A 1038 31.51 -7.89 10.38
N ALA A 1039 30.69 -8.65 9.64
CA ALA A 1039 30.52 -10.08 9.86
C ALA A 1039 31.20 -10.83 8.69
N VAL A 1040 31.94 -11.91 9.01
CA VAL A 1040 32.58 -12.80 8.03
C VAL A 1040 32.09 -14.22 8.36
N GLY A 1041 31.47 -14.89 7.40
CA GLY A 1041 30.95 -16.24 7.58
C GLY A 1041 31.14 -17.14 6.36
N GLN A 1042 30.69 -18.39 6.50
CA GLN A 1042 30.74 -19.46 5.49
C GLN A 1042 29.40 -20.17 5.49
N GLY A 1043 28.76 -20.28 4.33
CA GLY A 1043 27.46 -20.93 4.22
C GLY A 1043 26.35 -20.10 4.81
N GLU A 1044 25.15 -20.69 4.94
CA GLU A 1044 24.00 -19.99 5.51
C GLU A 1044 24.33 -19.43 6.89
N TYR A 1045 24.00 -18.16 7.12
CA TYR A 1045 24.27 -17.46 8.37
C TYR A 1045 23.81 -18.21 9.62
N SER A 1046 24.75 -18.40 10.56
CA SER A 1046 24.55 -19.05 11.86
C SER A 1046 25.08 -18.12 12.93
N ALA A 1047 24.27 -17.82 13.95
CA ALA A 1047 24.70 -17.02 15.09
C ALA A 1047 25.75 -17.85 15.82
N GLY A 1048 26.95 -17.28 15.95
CA GLY A 1048 28.06 -17.95 16.61
C GLY A 1048 29.14 -18.46 15.68
N SER A 1049 28.77 -18.77 14.42
CA SER A 1049 29.70 -19.27 13.40
C SER A 1049 30.21 -18.14 12.46
N VAL A 1050 30.06 -16.88 12.91
CA VAL A 1050 30.54 -15.68 12.23
C VAL A 1050 31.64 -14.99 13.03
N LYS A 1051 32.62 -14.42 12.34
CA LYS A 1051 33.67 -13.61 12.94
C LYS A 1051 33.13 -12.16 12.88
N LEU A 1052 33.09 -11.48 14.04
CA LEU A 1052 32.59 -10.11 14.14
C LEU A 1052 33.69 -9.12 14.48
N THR A 1053 33.67 -7.95 13.81
CA THR A 1053 34.62 -6.87 14.05
C THR A 1053 33.81 -5.59 14.20
N ASN A 1054 33.73 -5.07 15.43
CA ASN A 1054 32.99 -3.85 15.73
C ASN A 1054 33.54 -2.65 14.98
N LEU A 1055 32.65 -1.81 14.46
CA LEU A 1055 33.06 -0.61 13.75
C LEU A 1055 32.89 0.59 14.68
N LYS A 1056 33.91 1.45 14.74
CA LYS A 1056 33.84 2.63 15.61
C LYS A 1056 32.98 3.73 14.94
N LYS A 1057 32.46 4.65 15.75
CA LYS A 1057 31.66 5.78 15.28
C LYS A 1057 32.39 6.56 14.19
N ALA A 1058 31.66 7.01 13.17
CA ALA A 1058 32.16 7.84 12.07
C ALA A 1058 30.89 8.60 11.69
N LEU A 1059 30.64 9.69 12.43
CA LEU A 1059 29.40 10.46 12.33
C LEU A 1059 29.64 11.83 11.70
N GLY A 1060 29.29 11.96 10.42
CA GLY A 1060 29.50 13.19 9.65
C GLY A 1060 30.90 13.31 9.08
N GLU A 1061 31.76 12.30 9.36
CA GLU A 1061 33.11 12.20 8.84
C GLU A 1061 33.34 10.75 8.47
N THR A 1062 33.63 10.52 7.19
CA THR A 1062 33.78 9.18 6.61
C THR A 1062 34.98 8.42 7.17
N GLY A 1063 34.69 7.23 7.68
CA GLY A 1063 35.69 6.29 8.19
C GLY A 1063 36.08 5.31 7.10
N LYS A 1064 37.17 4.57 7.33
CA LYS A 1064 37.65 3.56 6.39
C LYS A 1064 37.75 2.23 7.14
N ALA A 1065 37.22 1.17 6.54
CA ALA A 1065 37.34 -0.15 7.11
C ALA A 1065 38.08 -1.03 6.10
N GLU A 1066 38.99 -1.90 6.58
CA GLU A 1066 39.72 -2.85 5.75
C GLU A 1066 40.07 -4.08 6.55
N PHE A 1067 39.97 -5.24 5.91
CA PHE A 1067 40.25 -6.52 6.52
C PHE A 1067 40.61 -7.52 5.44
N GLU A 1068 41.13 -8.67 5.87
CA GLU A 1068 41.47 -9.77 4.96
C GLU A 1068 40.58 -10.94 5.26
N LEU A 1069 40.24 -11.69 4.22
CA LEU A 1069 39.35 -12.84 4.30
C LEU A 1069 40.03 -13.98 3.54
N THR A 1070 39.99 -15.19 4.10
CA THR A 1070 40.46 -16.39 3.44
C THR A 1070 39.19 -17.15 3.07
N GLY A 1071 39.10 -17.56 1.80
CA GLY A 1071 37.95 -18.32 1.32
C GLY A 1071 37.84 -19.67 2.00
N GLY A 1072 36.64 -19.99 2.47
CA GLY A 1072 36.31 -21.27 3.10
C GLY A 1072 36.35 -22.39 2.08
N VAL A 1073 36.60 -23.63 2.54
CA VAL A 1073 36.76 -24.85 1.71
C VAL A 1073 35.58 -25.15 0.75
N ASN A 1074 34.36 -24.76 1.13
CA ASN A 1074 33.15 -25.00 0.35
C ASN A 1074 32.83 -23.90 -0.66
N GLY A 1075 33.70 -22.89 -0.77
CA GLY A 1075 33.53 -21.76 -1.69
C GLY A 1075 32.33 -20.88 -1.39
N ASP A 1076 31.77 -21.01 -0.17
CA ASP A 1076 30.59 -20.31 0.32
C ASP A 1076 30.87 -19.18 1.33
N SER A 1077 32.10 -18.62 1.31
CA SER A 1077 32.45 -17.51 2.20
C SER A 1077 31.74 -16.23 1.75
N TRP A 1078 31.51 -15.34 2.71
CA TRP A 1078 30.85 -14.07 2.50
C TRP A 1078 31.21 -13.12 3.62
N PHE A 1079 30.95 -11.83 3.41
CA PHE A 1079 31.09 -10.82 4.44
C PHE A 1079 29.83 -9.95 4.40
N GLY A 1080 29.57 -9.26 5.51
CA GLY A 1080 28.43 -8.39 5.57
C GLY A 1080 28.46 -7.47 6.77
N ILE A 1081 27.31 -6.85 7.00
CA ILE A 1081 27.10 -5.90 8.08
C ILE A 1081 26.14 -6.49 9.07
N TYR A 1082 26.54 -6.46 10.32
CA TYR A 1082 25.82 -7.07 11.42
C TYR A 1082 25.43 -5.98 12.41
N SER A 1083 24.21 -6.08 12.93
CA SER A 1083 23.70 -5.20 13.98
C SER A 1083 23.97 -5.91 15.31
N THR A 1084 24.76 -5.30 16.19
CA THR A 1084 25.13 -5.89 17.48
C THR A 1084 24.02 -5.73 18.52
N ALA A 1085 24.34 -6.03 19.80
CA ALA A 1085 23.38 -5.87 20.90
C ALA A 1085 23.65 -4.52 21.62
N THR A 1086 24.72 -3.81 21.23
CA THR A 1086 25.15 -2.53 21.80
C THR A 1086 24.13 -1.42 21.51
N ALA A 1087 23.76 -0.67 22.56
CA ALA A 1087 22.83 0.45 22.46
C ALA A 1087 23.53 1.65 21.80
N PRO A 1088 22.83 2.43 20.94
CA PRO A 1088 23.49 3.62 20.36
C PRO A 1088 23.63 4.75 21.38
N ASP A 1089 24.58 5.65 21.14
CA ASP A 1089 24.73 6.85 21.96
C ASP A 1089 23.91 7.92 21.24
N LEU A 1090 22.76 8.30 21.81
CA LEU A 1090 21.84 9.28 21.23
C LEU A 1090 22.29 10.74 21.47
N GLN A 1091 23.38 10.92 22.24
CA GLN A 1091 24.04 12.20 22.56
C GLN A 1091 23.08 13.29 23.10
N GLY A 1092 22.12 12.86 23.94
CA GLY A 1092 21.14 13.74 24.56
C GLY A 1092 20.00 14.21 23.67
N SER A 1093 19.90 13.64 22.44
CA SER A 1093 18.83 13.98 21.49
C SER A 1093 17.53 13.36 21.95
N THR A 1094 16.42 14.05 21.66
CA THR A 1094 15.08 13.60 22.06
C THR A 1094 14.15 13.67 20.85
N GLY A 1095 13.03 12.96 20.93
CA GLY A 1095 12.01 12.94 19.88
C GLY A 1095 12.58 12.46 18.55
N ASN A 1096 12.12 13.10 17.45
CA ASN A 1096 12.52 12.80 16.06
C ASN A 1096 14.01 12.94 15.78
N ALA A 1097 14.71 13.82 16.53
CA ALA A 1097 16.14 14.07 16.43
C ALA A 1097 16.95 12.81 16.68
N GLN A 1098 16.41 11.86 17.49
CA GLN A 1098 17.03 10.56 17.75
C GLN A 1098 17.16 9.73 16.44
N ASP A 1099 16.18 9.86 15.52
CA ASP A 1099 16.16 9.16 14.23
C ASP A 1099 16.79 9.97 13.12
N PHE A 1100 16.49 11.29 13.08
CA PHE A 1100 17.03 12.17 12.05
C PHE A 1100 18.54 12.45 12.22
N GLY A 1101 19.03 12.42 13.47
CA GLY A 1101 20.44 12.63 13.80
C GLY A 1101 21.40 11.66 13.12
N GLY A 1102 21.00 10.41 12.99
CA GLY A 1102 21.82 9.38 12.33
C GLY A 1102 22.60 8.50 13.29
N TYR A 1103 22.38 8.67 14.63
CA TYR A 1103 23.04 7.91 15.72
C TYR A 1103 22.85 6.40 15.61
N LYS A 1104 21.76 5.99 14.98
CA LYS A 1104 21.36 4.59 14.79
C LYS A 1104 21.60 4.07 13.37
N ASP A 1105 22.26 4.86 12.50
CA ASP A 1105 22.41 4.55 11.08
C ASP A 1105 23.80 4.09 10.63
N PHE A 1106 23.84 3.49 9.44
CA PHE A 1106 25.05 2.97 8.85
C PHE A 1106 25.01 3.18 7.35
N VAL A 1107 26.03 3.88 6.85
CA VAL A 1107 26.16 4.17 5.42
C VAL A 1107 27.46 3.56 4.94
N LEU A 1108 27.44 2.85 3.80
CA LEU A 1108 28.59 2.22 3.21
C LEU A 1108 28.72 2.65 1.75
N ASP A 1109 29.96 2.88 1.30
CA ASP A 1109 30.24 3.25 -0.08
C ASP A 1109 31.65 2.79 -0.46
N ASN A 1110 31.99 2.91 -1.75
CA ASN A 1110 33.30 2.60 -2.31
C ASN A 1110 33.87 1.25 -1.85
N LEU A 1111 33.08 0.19 -2.08
CA LEU A 1111 33.44 -1.17 -1.77
C LEU A 1111 34.57 -1.63 -2.73
N LYS A 1112 35.61 -2.25 -2.17
CA LYS A 1112 36.71 -2.77 -2.96
C LYS A 1112 37.09 -4.13 -2.40
N ILE A 1113 36.98 -5.14 -3.25
CA ILE A 1113 37.32 -6.53 -2.94
C ILE A 1113 38.43 -6.90 -3.89
N GLU A 1114 39.61 -7.27 -3.37
CA GLU A 1114 40.70 -7.64 -4.27
C GLU A 1114 41.46 -8.87 -3.80
N ARG A 1115 41.69 -9.82 -4.72
CA ARG A 1115 42.49 -11.02 -4.45
C ARG A 1115 43.93 -10.52 -4.18
N ILE A 1116 44.52 -10.95 -3.08
CA ILE A 1116 45.89 -10.52 -2.75
C ILE A 1116 46.85 -11.71 -2.69
N GLU A 1117 48.14 -11.42 -2.83
CA GLU A 1117 49.19 -12.42 -2.70
C GLU A 1117 49.36 -12.78 -1.23
N SER A 1118 49.51 -14.06 -0.98
CA SER A 1118 49.74 -14.59 0.35
C SER A 1118 51.14 -15.17 0.32
N GLN A 1119 51.87 -15.19 1.47
CA GLN A 1119 53.22 -15.77 1.53
C GLN A 1119 53.19 -17.18 0.97
N THR A 1120 54.05 -17.46 -0.04
CA THR A 1120 54.13 -18.75 -0.71
C THR A 1120 54.60 -19.84 0.23
N ARG A 1121 53.91 -20.98 0.21
CA ARG A 1121 54.29 -22.12 1.05
C ARG A 1121 54.71 -23.31 0.21
N THR A 1122 55.59 -24.15 0.76
CA THR A 1122 56.00 -25.40 0.12
C THR A 1122 54.97 -26.47 0.58
N LYS A 1123 55.00 -27.64 -0.08
CA LYS A 1123 54.17 -28.79 0.31
C LYS A 1123 54.49 -29.17 1.78
N ALA A 1124 55.78 -29.18 2.14
CA ALA A 1124 56.28 -29.50 3.50
C ALA A 1124 55.66 -28.58 4.58
N GLU A 1125 55.59 -27.24 4.33
CA GLU A 1125 54.98 -26.27 5.23
C GLU A 1125 53.52 -26.55 5.42
N ALA A 1126 52.79 -26.86 4.32
CA ALA A 1126 51.38 -27.16 4.39
C ALA A 1126 51.17 -28.49 5.21
N GLN A 1127 51.93 -29.58 4.90
CA GLN A 1127 51.88 -30.85 5.65
C GLN A 1127 52.17 -30.65 7.16
N ASP A 1128 53.18 -29.79 7.51
CA ASP A 1128 53.52 -29.50 8.91
C ASP A 1128 52.41 -28.74 9.61
N LYS A 1129 51.72 -27.87 8.88
CA LYS A 1129 50.58 -27.10 9.37
C LYS A 1129 49.40 -28.05 9.70
N VAL A 1130 49.19 -29.13 8.88
CA VAL A 1130 48.18 -30.17 9.12
C VAL A 1130 48.50 -30.88 10.46
N LYS A 1131 49.79 -31.25 10.67
CA LYS A 1131 50.25 -31.92 11.89
C LYS A 1131 50.04 -31.05 13.14
N GLU A 1132 50.29 -29.74 13.02
CA GLU A 1132 50.13 -28.76 14.08
C GLU A 1132 48.63 -28.62 14.48
N ILE A 1133 47.72 -28.53 13.47
CA ILE A 1133 46.28 -28.39 13.69
C ILE A 1133 45.71 -29.66 14.35
N ARG A 1134 46.10 -30.83 13.84
CA ARG A 1134 45.69 -32.14 14.35
C ARG A 1134 46.18 -32.36 15.79
N GLY A 1135 47.40 -31.91 16.09
CA GLY A 1135 47.98 -31.98 17.42
C GLY A 1135 47.24 -31.12 18.44
N LYS A 1136 46.59 -30.04 17.96
CA LYS A 1136 45.85 -29.10 18.79
C LYS A 1136 44.40 -29.50 19.04
N TYR A 1137 43.70 -30.02 18.01
CA TYR A 1137 42.27 -30.24 18.08
C TYR A 1137 41.76 -31.69 17.95
N ASP A 1138 42.61 -32.69 17.60
CA ASP A 1138 42.12 -34.06 17.49
C ASP A 1138 41.64 -34.65 18.84
N SER A 1139 42.29 -34.25 19.95
CA SER A 1139 41.98 -34.68 21.32
C SER A 1139 40.70 -34.03 21.89
N LYS A 1140 40.20 -32.95 21.26
CA LYS A 1140 39.03 -32.16 21.67
C LYS A 1140 37.68 -32.65 21.07
N ARG A 1141 37.60 -33.92 20.61
CA ARG A 1141 36.39 -34.52 20.00
C ARG A 1141 35.16 -34.53 20.95
N ALA A 1142 35.34 -35.05 22.19
CA ALA A 1142 34.29 -35.13 23.21
C ALA A 1142 33.79 -33.76 23.65
N GLU A 1143 34.72 -32.78 23.75
CA GLU A 1143 34.49 -31.38 24.13
C GLU A 1143 33.86 -30.55 22.99
N LEU A 1144 33.52 -31.19 21.85
CA LEU A 1144 32.99 -30.49 20.68
C LEU A 1144 31.62 -30.97 20.21
N SER A 1145 30.86 -30.02 19.62
CA SER A 1145 29.54 -30.24 19.02
C SER A 1145 29.72 -31.15 17.78
N ASP A 1146 28.72 -32.03 17.51
CA ASP A 1146 28.74 -32.97 16.36
C ASP A 1146 28.90 -32.26 15.01
N ALA A 1147 28.32 -31.05 14.88
CA ALA A 1147 28.43 -30.22 13.68
C ALA A 1147 29.81 -29.51 13.64
N ALA A 1148 30.37 -29.16 14.83
CA ALA A 1148 31.66 -28.49 14.97
C ALA A 1148 32.82 -29.42 14.62
N TRP A 1149 32.70 -30.73 14.96
CA TRP A 1149 33.71 -31.74 14.67
C TRP A 1149 33.67 -32.08 13.18
N GLN A 1150 32.46 -32.13 12.58
CA GLN A 1150 32.26 -32.43 11.17
C GLN A 1150 32.80 -31.31 10.28
N GLN A 1151 32.63 -30.03 10.71
CA GLN A 1151 33.17 -28.87 9.99
C GLN A 1151 34.72 -28.90 10.01
N TYR A 1152 35.30 -29.28 11.17
CA TYR A 1152 36.73 -29.43 11.41
C TYR A 1152 37.34 -30.52 10.51
N GLN A 1153 36.66 -31.67 10.45
CA GLN A 1153 37.06 -32.82 9.64
C GLN A 1153 36.95 -32.50 8.16
N ASP A 1154 35.86 -31.81 7.77
CA ASP A 1154 35.56 -31.37 6.41
C ASP A 1154 36.70 -30.48 5.84
N THR A 1155 37.14 -29.50 6.65
CA THR A 1155 38.20 -28.54 6.35
C THR A 1155 39.55 -29.26 6.20
N LEU A 1156 39.88 -30.18 7.16
CA LEU A 1156 41.11 -30.97 7.13
C LEU A 1156 41.19 -31.82 5.89
N VAL A 1157 40.11 -32.57 5.57
CA VAL A 1157 40.03 -33.44 4.39
C VAL A 1157 40.25 -32.59 3.11
N LYS A 1158 39.58 -31.43 3.02
CA LYS A 1158 39.71 -30.57 1.86
C LYS A 1158 41.14 -29.96 1.75
N ALA A 1159 41.76 -29.56 2.89
CA ALA A 1159 43.15 -29.04 2.89
C ALA A 1159 44.11 -30.13 2.44
N ARG A 1160 43.88 -31.40 2.83
CA ARG A 1160 44.72 -32.51 2.42
C ARG A 1160 44.57 -32.85 0.93
N VAL A 1161 43.38 -32.62 0.34
CA VAL A 1161 43.11 -32.83 -1.09
C VAL A 1161 44.07 -31.92 -1.90
N LEU A 1162 44.13 -30.61 -1.52
CA LEU A 1162 45.00 -29.59 -2.11
C LEU A 1162 46.47 -29.98 -2.06
N ILE A 1163 46.90 -30.45 -0.88
CA ILE A 1163 48.26 -30.90 -0.64
C ILE A 1163 48.64 -32.14 -1.42
N ASN A 1164 47.76 -33.15 -1.43
CA ASN A 1164 48.16 -34.46 -1.98
C ASN A 1164 47.77 -34.74 -3.42
N LYS A 1165 47.13 -33.80 -4.10
CA LYS A 1165 46.74 -33.95 -5.49
C LYS A 1165 47.96 -34.15 -6.39
N ASN A 1166 47.83 -35.02 -7.40
CA ASN A 1166 48.84 -35.19 -8.42
C ASN A 1166 48.92 -33.91 -9.23
N GLY A 1167 50.14 -33.37 -9.31
CA GLY A 1167 50.41 -32.12 -10.00
C GLY A 1167 50.09 -30.88 -9.20
N ALA A 1168 50.01 -30.98 -7.86
CA ALA A 1168 49.73 -29.79 -7.01
C ALA A 1168 50.95 -28.81 -7.14
N THR A 1169 50.70 -27.50 -7.09
CA THR A 1169 51.70 -26.42 -7.25
C THR A 1169 51.75 -25.58 -5.97
N ALA A 1170 52.67 -24.58 -5.95
CA ALA A 1170 52.85 -23.65 -4.83
C ALA A 1170 51.54 -22.95 -4.43
N GLU A 1171 50.67 -22.63 -5.39
CA GLU A 1171 49.37 -22.02 -5.13
C GLU A 1171 48.46 -22.95 -4.32
N ASP A 1172 48.43 -24.25 -4.65
CA ASP A 1172 47.66 -25.28 -3.90
C ASP A 1172 48.20 -25.44 -2.46
N PHE A 1173 49.55 -25.42 -2.28
CA PHE A 1173 50.15 -25.59 -0.95
C PHE A 1173 49.89 -24.35 -0.10
N THR A 1174 49.92 -23.16 -0.74
CA THR A 1174 49.65 -21.86 -0.09
C THR A 1174 48.20 -21.80 0.34
N LYS A 1175 47.27 -22.22 -0.54
CA LYS A 1175 45.83 -22.26 -0.21
C LYS A 1175 45.57 -23.22 0.96
N ALA A 1176 46.20 -24.42 0.92
CA ALA A 1176 46.04 -25.44 1.97
C ALA A 1176 46.47 -24.89 3.34
N TYR A 1177 47.64 -24.23 3.37
CA TYR A 1177 48.21 -23.60 4.55
C TYR A 1177 47.27 -22.49 5.11
N ASP A 1178 46.79 -21.58 4.23
CA ASP A 1178 45.90 -20.47 4.59
C ASP A 1178 44.53 -20.90 5.08
N ILE A 1179 44.01 -22.01 4.54
CA ILE A 1179 42.75 -22.63 5.00
C ILE A 1179 42.96 -23.11 6.45
N LEU A 1180 44.12 -23.73 6.73
CA LEU A 1180 44.45 -24.28 8.05
C LEU A 1180 44.67 -23.20 9.10
N VAL A 1181 45.26 -22.06 8.70
CA VAL A 1181 45.45 -20.89 9.58
C VAL A 1181 44.04 -20.33 9.94
N ALA A 1182 43.14 -20.19 8.95
CA ALA A 1182 41.76 -19.71 9.18
C ALA A 1182 40.99 -20.69 10.10
N LEU A 1183 41.19 -22.03 9.88
CA LEU A 1183 40.59 -23.09 10.68
C LEU A 1183 41.07 -22.97 12.13
N ASP A 1184 42.38 -22.72 12.33
CA ASP A 1184 42.99 -22.52 13.64
C ASP A 1184 42.34 -21.34 14.37
N GLU A 1185 42.27 -20.15 13.74
CA GLU A 1185 41.68 -18.93 14.31
C GLU A 1185 40.22 -19.13 14.72
N TYR A 1186 39.46 -19.92 13.92
CA TYR A 1186 38.06 -20.28 14.15
C TYR A 1186 37.92 -21.19 15.38
N MET A 1187 38.63 -22.34 15.38
CA MET A 1187 38.60 -23.32 16.48
C MET A 1187 39.02 -22.68 17.82
N LYS A 1188 39.99 -21.75 17.78
CA LYS A 1188 40.53 -21.03 18.92
C LYS A 1188 39.43 -20.20 19.60
N LEU A 1189 38.71 -19.40 18.82
CA LEU A 1189 37.65 -18.52 19.30
C LEU A 1189 36.43 -19.28 19.84
N LYS A 1190 36.14 -20.48 19.27
CA LYS A 1190 35.04 -21.34 19.71
C LYS A 1190 35.34 -21.91 21.10
N ASP A 1191 36.62 -22.22 21.36
CA ASP A 1191 37.11 -22.75 22.62
C ASP A 1191 37.07 -21.68 23.72
N LEU A 1192 37.40 -20.41 23.36
CA LEU A 1192 37.34 -19.28 24.29
C LEU A 1192 35.87 -19.00 24.69
N ASP A 1193 34.92 -19.16 23.73
CA ASP A 1193 33.48 -18.99 23.94
C ASP A 1193 32.94 -20.08 24.89
N ARG A 1194 33.33 -21.34 24.62
CA ARG A 1194 32.97 -22.54 25.38
C ARG A 1194 33.47 -22.42 26.83
N LYS A 1195 34.68 -21.84 26.99
CA LYS A 1195 35.31 -21.63 28.29
C LYS A 1195 34.68 -20.45 29.02
N LEU A 1196 34.24 -19.39 28.29
CA LEU A 1196 33.58 -18.24 28.92
C LEU A 1196 32.23 -18.68 29.56
N LEU A 1197 31.49 -19.58 28.88
CA LEU A 1197 30.21 -20.14 29.35
C LEU A 1197 30.42 -21.05 30.56
N GLU A 1198 31.49 -21.86 30.52
CA GLU A 1198 31.86 -22.80 31.58
C GLU A 1198 32.28 -22.06 32.86
N ALA A 1199 33.07 -20.97 32.71
CA ALA A 1199 33.54 -20.13 33.81
C ALA A 1199 32.38 -19.35 34.45
N ALA A 1200 31.37 -18.97 33.64
CA ALA A 1200 30.17 -18.25 34.08
C ALA A 1200 29.26 -19.16 34.93
N ARG A 1201 29.05 -20.43 34.49
CA ARG A 1201 28.23 -21.43 35.19
C ARG A 1201 28.87 -21.89 36.51
N ALA A 1202 30.20 -22.16 36.49
CA ALA A 1202 30.98 -22.60 37.65
C ALA A 1202 31.32 -21.47 38.66
N GLY A 1203 31.29 -20.22 38.19
CA GLY A 1203 31.55 -19.05 39.01
C GLY A 1203 33.02 -18.70 39.22
N GLN A 1204 33.81 -18.62 38.12
CA GLN A 1204 35.24 -18.28 38.11
C GLN A 1204 35.43 -16.84 37.60
N ASP A 1205 35.16 -15.87 38.49
CA ASP A 1205 35.15 -14.41 38.30
C ASP A 1205 36.35 -13.82 37.54
N ASP A 1206 37.60 -14.18 37.94
CA ASP A 1206 38.83 -13.68 37.29
C ASP A 1206 39.06 -14.34 35.92
N GLU A 1207 38.79 -15.67 35.83
CA GLU A 1207 38.89 -16.48 34.60
C GLU A 1207 37.99 -15.86 33.50
N VAL A 1208 36.77 -15.37 33.90
CA VAL A 1208 35.81 -14.68 33.03
C VAL A 1208 36.45 -13.39 32.45
N ARG A 1209 37.18 -12.62 33.30
CA ARG A 1209 37.85 -11.37 32.96
C ARG A 1209 38.97 -11.53 31.91
N ILE A 1210 39.81 -12.57 32.06
CA ILE A 1210 40.91 -12.83 31.12
C ILE A 1210 40.40 -13.40 29.80
N LEU A 1211 39.38 -14.31 29.85
CA LEU A 1211 38.77 -14.93 28.67
C LEU A 1211 38.16 -13.88 27.74
N MET A 1212 37.49 -12.87 28.30
CA MET A 1212 36.89 -11.76 27.55
C MET A 1212 37.96 -10.86 26.95
N ALA A 1213 39.05 -10.62 27.71
CA ALA A 1213 40.21 -9.83 27.29
C ALA A 1213 40.94 -10.53 26.12
N ASN A 1214 40.97 -11.89 26.14
CA ASN A 1214 41.58 -12.75 25.12
C ASN A 1214 40.74 -12.92 23.83
N GLY A 1215 39.49 -12.45 23.82
CA GLY A 1215 38.64 -12.49 22.64
C GLY A 1215 37.32 -13.24 22.66
N ALA A 1216 36.94 -13.84 23.83
CA ALA A 1216 35.68 -14.60 23.98
C ALA A 1216 34.44 -13.73 23.73
N ASP A 1217 33.46 -14.27 22.98
CA ASP A 1217 32.20 -13.58 22.65
C ASP A 1217 31.28 -13.57 23.88
N VAL A 1218 31.02 -12.36 24.40
CA VAL A 1218 30.16 -12.12 25.56
C VAL A 1218 28.69 -12.57 25.27
N ASN A 1219 28.32 -12.60 23.97
CA ASN A 1219 26.99 -12.99 23.51
C ASN A 1219 26.96 -14.43 22.95
N ALA A 1220 27.95 -15.27 23.31
CA ALA A 1220 27.99 -16.68 22.91
C ALA A 1220 26.92 -17.44 23.68
N ASP A 1221 26.50 -18.62 23.20
CA ASP A 1221 25.49 -19.42 23.91
C ASP A 1221 25.78 -20.91 23.87
N ASP A 1222 25.22 -21.65 24.84
CA ASP A 1222 25.37 -23.09 24.94
C ASP A 1222 24.28 -23.82 24.14
N ASN A 1223 24.15 -25.14 24.38
CA ASN A 1223 23.22 -26.09 23.76
C ASN A 1223 21.76 -25.61 23.84
N THR A 1224 21.35 -25.07 25.02
CA THR A 1224 19.98 -24.59 25.26
C THR A 1224 19.80 -23.06 25.05
N GLY A 1225 20.80 -22.42 24.43
CA GLY A 1225 20.77 -20.99 24.13
C GLY A 1225 21.07 -20.03 25.26
N GLU A 1226 21.67 -20.53 26.36
CA GLU A 1226 22.04 -19.70 27.51
C GLU A 1226 23.29 -18.90 27.21
N THR A 1227 23.23 -17.58 27.41
CA THR A 1227 24.42 -16.74 27.24
C THR A 1227 25.20 -16.78 28.58
N PRO A 1228 26.49 -16.32 28.68
CA PRO A 1228 27.16 -16.35 30.01
C PRO A 1228 26.34 -15.59 31.08
N LEU A 1229 25.66 -14.47 30.68
CA LEU A 1229 24.76 -13.69 31.53
C LEU A 1229 23.59 -14.55 32.07
N HIS A 1230 22.93 -15.40 31.22
CA HIS A 1230 21.87 -16.33 31.64
C HIS A 1230 22.43 -17.25 32.72
N LEU A 1231 23.62 -17.81 32.47
CA LEU A 1231 24.30 -18.76 33.37
C LEU A 1231 24.73 -18.13 34.70
N ALA A 1232 25.16 -16.85 34.67
CA ALA A 1232 25.58 -16.08 35.84
C ALA A 1232 24.38 -15.68 36.70
N ALA A 1233 23.24 -15.29 36.05
CA ALA A 1233 21.99 -14.92 36.74
C ALA A 1233 21.37 -16.17 37.40
N TYR A 1234 21.29 -17.29 36.66
CA TYR A 1234 20.76 -18.59 37.11
C TYR A 1234 21.46 -19.14 38.36
N GLU A 1235 22.81 -19.13 38.36
CA GLU A 1235 23.62 -19.66 39.46
C GLU A 1235 23.87 -18.66 40.60
N GLY A 1236 23.57 -17.39 40.33
CA GLY A 1236 23.73 -16.31 41.31
C GLY A 1236 25.17 -15.93 41.55
N HIS A 1237 25.77 -15.26 40.56
CA HIS A 1237 27.14 -14.73 40.58
C HIS A 1237 27.05 -13.25 40.20
N LEU A 1238 26.65 -12.41 41.19
CA LEU A 1238 26.42 -10.96 41.07
C LEU A 1238 27.58 -10.18 40.43
N GLU A 1239 28.84 -10.53 40.78
CA GLU A 1239 30.03 -9.88 40.22
C GLU A 1239 30.18 -10.22 38.72
N ILE A 1240 30.11 -11.53 38.39
CA ILE A 1240 30.16 -12.05 37.02
C ILE A 1240 29.07 -11.37 36.15
N VAL A 1241 27.84 -11.19 36.70
CA VAL A 1241 26.70 -10.48 36.05
C VAL A 1241 27.12 -9.03 35.71
N GLU A 1242 27.69 -8.31 36.72
CA GLU A 1242 28.16 -6.92 36.58
C GLU A 1242 29.26 -6.78 35.53
N VAL A 1243 30.29 -7.66 35.59
CA VAL A 1243 31.41 -7.69 34.65
C VAL A 1243 30.92 -7.90 33.20
N LEU A 1244 30.04 -8.92 32.98
CA LEU A 1244 29.46 -9.25 31.67
C LEU A 1244 28.66 -8.11 31.09
N LEU A 1245 27.91 -7.37 31.95
CA LEU A 1245 27.12 -6.22 31.53
C LEU A 1245 27.99 -5.02 31.12
N LYS A 1246 29.16 -4.85 31.80
CA LYS A 1246 30.16 -3.81 31.52
C LYS A 1246 30.81 -4.10 30.15
N THR A 1247 31.10 -5.39 29.86
CA THR A 1247 31.69 -5.89 28.62
C THR A 1247 30.79 -5.64 27.38
N GLY A 1248 29.47 -5.76 27.55
CA GLY A 1248 28.51 -5.51 26.47
C GLY A 1248 27.57 -6.67 26.13
N ALA A 1249 27.19 -7.46 27.15
CA ALA A 1249 26.27 -8.58 27.01
C ALA A 1249 24.84 -8.11 26.75
N ASP A 1250 24.08 -8.87 25.92
CA ASP A 1250 22.67 -8.60 25.61
C ASP A 1250 21.86 -8.87 26.90
N VAL A 1251 21.34 -7.80 27.51
CA VAL A 1251 20.57 -7.81 28.77
C VAL A 1251 19.23 -8.58 28.61
N ASN A 1252 18.63 -8.50 27.40
CA ASN A 1252 17.39 -9.15 27.03
C ASN A 1252 17.60 -10.34 26.06
N ALA A 1253 18.72 -11.07 26.25
CA ALA A 1253 19.04 -12.24 25.45
C ALA A 1253 18.05 -13.35 25.84
N GLU A 1254 17.56 -14.10 24.85
CA GLU A 1254 16.61 -15.19 25.05
C GLU A 1254 17.23 -16.53 24.80
N ASP A 1255 16.98 -17.50 25.67
CA ASP A 1255 17.43 -18.88 25.47
C ASP A 1255 16.35 -19.66 24.67
N MET A 1256 16.48 -21.00 24.54
CA MET A 1256 15.54 -21.83 23.76
C MET A 1256 14.07 -21.76 24.30
N MET A 1257 13.90 -21.51 25.62
CA MET A 1257 12.59 -21.38 26.28
C MET A 1257 12.03 -19.96 26.26
N GLY A 1258 12.81 -19.01 25.73
CA GLY A 1258 12.42 -17.61 25.70
C GLY A 1258 12.73 -16.89 27.01
N PHE A 1259 13.49 -17.54 27.92
CA PHE A 1259 13.89 -16.91 29.19
C PHE A 1259 14.98 -15.88 28.96
N THR A 1260 14.83 -14.72 29.60
CA THR A 1260 15.84 -13.66 29.63
C THR A 1260 16.61 -13.89 30.96
N PRO A 1261 17.82 -13.32 31.19
CA PRO A 1261 18.49 -13.54 32.50
C PRO A 1261 17.62 -13.16 33.70
N LEU A 1262 16.77 -12.09 33.56
CA LEU A 1262 15.81 -11.66 34.60
C LEU A 1262 14.83 -12.80 35.00
N HIS A 1263 14.29 -13.56 34.01
CA HIS A 1263 13.39 -14.70 34.28
C HIS A 1263 14.09 -15.68 35.23
N LEU A 1264 15.36 -15.99 34.95
CA LEU A 1264 16.18 -16.93 35.72
C LEU A 1264 16.61 -16.34 37.08
N ALA A 1265 16.83 -15.02 37.15
CA ALA A 1265 17.23 -14.32 38.37
C ALA A 1265 16.04 -14.29 39.36
N ALA A 1266 14.86 -13.79 38.89
CA ALA A 1266 13.62 -13.70 39.65
C ALA A 1266 13.14 -15.07 40.15
N ALA A 1267 13.23 -16.11 39.30
CA ALA A 1267 12.80 -17.46 39.65
C ALA A 1267 13.75 -18.21 40.59
N TRP A 1268 14.97 -17.70 40.81
CA TRP A 1268 15.95 -18.38 41.67
C TRP A 1268 16.36 -17.56 42.92
N GLY A 1269 15.81 -16.35 43.04
CA GLY A 1269 16.02 -15.47 44.19
C GLY A 1269 17.34 -14.73 44.23
N HIS A 1270 17.61 -13.94 43.18
CA HIS A 1270 18.83 -13.14 43.08
C HIS A 1270 18.44 -11.66 42.87
N LEU A 1271 18.10 -11.01 44.01
CA LEU A 1271 17.61 -9.64 44.18
C LEU A 1271 18.44 -8.52 43.53
N GLU A 1272 19.76 -8.45 43.81
CA GLU A 1272 20.62 -7.41 43.23
C GLU A 1272 20.78 -7.60 41.73
N ILE A 1273 20.94 -8.88 41.29
CA ILE A 1273 21.03 -9.28 39.88
C ILE A 1273 19.82 -8.69 39.12
N VAL A 1274 18.60 -8.77 39.72
CA VAL A 1274 17.34 -8.21 39.20
C VAL A 1274 17.47 -6.68 39.01
N GLU A 1275 17.93 -5.97 40.08
CA GLU A 1275 18.13 -4.52 40.09
C GLU A 1275 19.16 -4.04 39.04
N VAL A 1276 20.35 -4.72 38.99
CA VAL A 1276 21.44 -4.44 38.03
C VAL A 1276 20.90 -4.57 36.61
N LEU A 1277 20.19 -5.71 36.31
CA LEU A 1277 19.58 -6.00 35.02
C LEU A 1277 18.61 -4.90 34.59
N LEU A 1278 17.71 -4.49 35.52
CA LEU A 1278 16.71 -3.43 35.28
C LEU A 1278 17.33 -2.07 34.98
N LYS A 1279 18.42 -1.72 35.69
CA LYS A 1279 19.19 -0.49 35.52
C LYS A 1279 19.78 -0.43 34.09
N HIS A 1280 20.31 -1.58 33.60
CA HIS A 1280 20.94 -1.73 32.28
C HIS A 1280 19.93 -1.88 31.11
N GLY A 1281 18.63 -1.91 31.43
CA GLY A 1281 17.56 -1.98 30.44
C GLY A 1281 16.92 -3.32 30.19
N ALA A 1282 16.78 -4.16 31.25
CA ALA A 1282 16.11 -5.46 31.11
C ALA A 1282 14.60 -5.24 31.06
N ASP A 1283 13.95 -5.78 30.00
CA ASP A 1283 12.50 -5.70 29.80
C ASP A 1283 11.82 -6.41 30.98
N VAL A 1284 11.14 -5.62 31.81
CA VAL A 1284 10.44 -6.08 33.03
C VAL A 1284 9.22 -6.98 32.66
N ASN A 1285 8.65 -6.76 31.46
CA ASN A 1285 7.48 -7.47 30.90
C ASN A 1285 7.88 -8.47 29.83
N ALA A 1286 9.13 -8.97 29.88
CA ALA A 1286 9.63 -9.96 28.93
C ALA A 1286 8.83 -11.26 29.15
N GLN A 1287 8.26 -11.79 28.07
CA GLN A 1287 7.51 -13.03 28.21
C GLN A 1287 8.25 -14.17 27.51
N ASP A 1288 8.40 -15.31 28.21
CA ASP A 1288 9.04 -16.51 27.68
C ASP A 1288 8.14 -17.13 26.57
N ASN A 1289 8.48 -18.32 26.08
CA ASN A 1289 7.71 -18.96 25.00
C ASN A 1289 6.30 -19.42 25.42
N GLN A 1290 5.99 -19.43 26.71
CA GLN A 1290 4.66 -19.79 27.22
C GLN A 1290 3.91 -18.56 27.75
N GLY A 1291 4.44 -17.37 27.44
CA GLY A 1291 3.86 -16.10 27.87
C GLY A 1291 4.11 -15.78 29.34
N VAL A 1292 4.96 -16.57 30.01
CA VAL A 1292 5.30 -16.38 31.42
C VAL A 1292 6.29 -15.20 31.55
N THR A 1293 5.94 -14.22 32.41
CA THR A 1293 6.73 -13.02 32.68
C THR A 1293 7.48 -13.18 34.02
N PRO A 1294 8.50 -12.33 34.35
CA PRO A 1294 9.20 -12.48 35.65
C PRO A 1294 8.26 -12.34 36.86
N LEU A 1295 7.18 -11.52 36.75
CA LEU A 1295 6.15 -11.33 37.79
C LEU A 1295 5.39 -12.64 38.08
N HIS A 1296 5.11 -13.46 37.02
CA HIS A 1296 4.43 -14.75 37.15
C HIS A 1296 5.28 -15.69 38.00
N LEU A 1297 6.60 -15.77 37.67
CA LEU A 1297 7.60 -16.58 38.35
C LEU A 1297 7.81 -16.08 39.78
N ALA A 1298 7.82 -14.73 39.96
CA ALA A 1298 7.98 -14.07 41.27
C ALA A 1298 6.78 -14.41 42.19
N ALA A 1299 5.54 -14.31 41.66
CA ALA A 1299 4.28 -14.63 42.37
C ALA A 1299 4.19 -16.12 42.70
N TYR A 1300 4.66 -16.98 41.78
CA TYR A 1300 4.68 -18.43 41.95
C TYR A 1300 5.66 -18.86 43.06
N GLU A 1301 6.78 -18.12 43.22
CA GLU A 1301 7.80 -18.42 44.23
C GLU A 1301 7.35 -17.92 45.62
N GLY A 1302 7.23 -16.60 45.81
CA GLY A 1302 6.73 -16.06 47.07
C GLY A 1302 7.38 -14.87 47.76
N HIS A 1303 8.17 -14.04 47.05
CA HIS A 1303 8.76 -12.88 47.74
C HIS A 1303 8.29 -11.54 47.20
N LEU A 1304 7.79 -10.70 48.14
CA LEU A 1304 7.25 -9.35 47.93
C LEU A 1304 8.20 -8.40 47.24
N GLU A 1305 9.48 -8.38 47.67
CA GLU A 1305 10.55 -7.52 47.12
C GLU A 1305 10.67 -7.61 45.60
N PHE A 1306 10.59 -8.85 45.06
CA PHE A 1306 10.63 -9.14 43.62
C PHE A 1306 9.44 -8.43 42.97
N VAL A 1307 8.21 -8.71 43.48
CA VAL A 1307 6.92 -8.16 43.04
C VAL A 1307 6.96 -6.61 43.03
N GLU A 1308 7.45 -6.00 44.14
CA GLU A 1308 7.55 -4.55 44.33
C GLU A 1308 8.48 -3.86 43.33
N VAL A 1309 9.75 -4.35 43.19
CA VAL A 1309 10.78 -3.82 42.27
C VAL A 1309 10.26 -3.91 40.82
N LEU A 1310 9.75 -5.10 40.44
CA LEU A 1310 9.19 -5.35 39.11
C LEU A 1310 8.06 -4.36 38.82
N LEU A 1311 7.05 -4.26 39.73
CA LEU A 1311 5.92 -3.32 39.63
C LEU A 1311 6.36 -1.87 39.54
N LYS A 1312 7.39 -1.48 40.35
CA LYS A 1312 7.98 -0.14 40.40
C LYS A 1312 8.55 0.24 39.01
N HIS A 1313 9.23 -0.72 38.34
CA HIS A 1313 9.82 -0.53 37.01
C HIS A 1313 8.80 -0.65 35.88
N GLY A 1314 7.58 -1.07 36.20
CA GLY A 1314 6.47 -1.17 35.26
C GLY A 1314 5.98 -2.55 34.90
N ALA A 1315 5.96 -3.50 35.87
CA ALA A 1315 5.46 -4.86 35.63
C ALA A 1315 3.94 -4.84 35.47
N ASP A 1316 3.46 -5.41 34.34
CA ASP A 1316 2.03 -5.53 34.04
C ASP A 1316 1.44 -6.63 34.92
N VAL A 1317 0.53 -6.23 35.83
CA VAL A 1317 -0.15 -7.14 36.75
C VAL A 1317 -1.27 -7.93 36.01
N ASN A 1318 -1.69 -7.40 34.82
CA ASN A 1318 -2.71 -7.94 33.92
C ASN A 1318 -2.07 -8.76 32.78
N ALA A 1319 -0.83 -9.23 32.99
CA ALA A 1319 -0.11 -10.06 32.00
C ALA A 1319 -0.66 -11.46 32.11
N GLN A 1320 -1.10 -11.98 30.96
CA GLN A 1320 -1.66 -13.34 30.90
C GLN A 1320 -0.71 -14.26 30.18
N ASP A 1321 -0.43 -15.44 30.76
CA ASP A 1321 0.40 -16.41 30.07
C ASP A 1321 -0.48 -17.14 29.02
N CYS A 1322 0.05 -18.18 28.36
CA CYS A 1322 -0.70 -18.87 27.31
C CYS A 1322 -1.95 -19.64 27.82
N PHE A 1323 -2.00 -19.95 29.13
CA PHE A 1323 -3.18 -20.53 29.77
C PHE A 1323 -4.16 -19.48 30.35
N GLY A 1324 -3.93 -18.22 30.01
CA GLY A 1324 -4.76 -17.09 30.44
C GLY A 1324 -4.55 -16.68 31.89
N LYS A 1325 -3.61 -17.34 32.59
CA LYS A 1325 -3.27 -17.10 33.99
C LYS A 1325 -2.45 -15.82 34.19
N THR A 1326 -2.86 -15.00 35.18
CA THR A 1326 -2.17 -13.78 35.58
C THR A 1326 -1.21 -14.17 36.74
N PRO A 1327 -0.23 -13.31 37.14
CA PRO A 1327 0.60 -13.67 38.30
C PRO A 1327 -0.24 -13.99 39.55
N PHE A 1328 -1.37 -13.24 39.76
CA PHE A 1328 -2.33 -13.47 40.85
C PHE A 1328 -2.90 -14.91 40.84
N ASP A 1329 -3.30 -15.41 39.65
CA ASP A 1329 -3.85 -16.76 39.46
C ASP A 1329 -2.85 -17.85 39.84
N LEU A 1330 -1.54 -17.65 39.54
CA LEU A 1330 -0.49 -18.61 39.88
C LEU A 1330 -0.19 -18.63 41.38
N ALA A 1331 -0.35 -17.46 42.05
CA ALA A 1331 -0.14 -17.29 43.50
C ALA A 1331 -1.19 -18.07 44.31
N ILE A 1332 -2.50 -17.90 43.97
CA ILE A 1332 -3.61 -18.58 44.66
C ILE A 1332 -3.59 -20.12 44.49
N ASP A 1333 -3.00 -20.62 43.38
CA ASP A 1333 -2.96 -22.06 43.07
C ASP A 1333 -1.81 -22.84 43.78
N ASN A 1334 -0.95 -22.15 44.54
CA ASN A 1334 0.17 -22.79 45.25
C ASN A 1334 0.17 -22.61 46.78
N GLY A 1335 -0.78 -21.81 47.29
CA GLY A 1335 -0.90 -21.51 48.71
C GLY A 1335 -0.12 -20.28 49.11
N ASN A 1336 -0.08 -19.29 48.19
CA ASN A 1336 0.63 -18.02 48.38
C ASN A 1336 -0.36 -16.85 48.46
N GLU A 1337 -1.35 -16.99 49.37
CA GLU A 1337 -2.44 -16.05 49.63
C GLU A 1337 -1.98 -14.64 50.03
N ASP A 1338 -0.78 -14.54 50.65
CA ASP A 1338 -0.17 -13.29 51.09
C ASP A 1338 0.16 -12.40 49.88
N ILE A 1339 0.91 -12.96 48.90
CA ILE A 1339 1.31 -12.29 47.65
C ILE A 1339 0.07 -11.99 46.79
N ALA A 1340 -0.90 -12.93 46.79
CA ALA A 1340 -2.18 -12.84 46.07
C ALA A 1340 -2.94 -11.55 46.40
N GLU A 1341 -3.02 -11.19 47.72
CA GLU A 1341 -3.69 -9.96 48.17
C GLU A 1341 -2.92 -8.70 47.78
N VAL A 1342 -1.58 -8.76 47.82
CA VAL A 1342 -0.67 -7.66 47.42
C VAL A 1342 -0.87 -7.41 45.90
N LEU A 1343 -1.00 -8.50 45.13
CA LEU A 1343 -1.25 -8.49 43.67
C LEU A 1343 -2.66 -7.95 43.39
N GLN A 1344 -3.65 -8.36 44.22
CA GLN A 1344 -5.05 -7.92 44.12
C GLN A 1344 -5.15 -6.41 44.37
N LYS A 1345 -4.43 -5.91 45.40
CA LYS A 1345 -4.35 -4.48 45.77
C LYS A 1345 -3.70 -3.68 44.63
N ALA A 1346 -2.66 -4.25 43.99
CA ALA A 1346 -1.91 -3.66 42.87
C ALA A 1346 -2.77 -3.56 41.60
N ALA A 1347 -3.65 -4.57 41.38
CA ALA A 1347 -4.56 -4.62 40.23
C ALA A 1347 -5.73 -3.66 40.40
N LYS A 1348 -6.24 -3.53 41.65
CA LYS A 1348 -7.35 -2.63 42.01
C LYS A 1348 -6.95 -1.16 41.97
N LEU A 1349 -5.63 -0.85 42.02
CA LEU A 1349 -5.06 0.50 41.98
C LEU A 1349 -5.39 1.21 40.65
N GLY A 1350 -5.39 0.46 39.55
CA GLY A 1350 -5.70 0.95 38.22
C GLY A 1350 -6.99 0.40 37.65
N SER A 1351 -8.00 0.16 38.52
CA SER A 1351 -9.31 -0.37 38.16
C SER A 1351 -10.26 0.75 37.71
N PRO B 1 -0.68 -29.23 33.14
CA PRO B 1 -1.20 -28.32 34.17
C PRO B 1 -0.19 -28.05 35.29
N LYS B 2 0.81 -28.94 35.45
CA LYS B 2 1.84 -28.85 36.46
C LYS B 2 2.90 -27.80 36.12
N SER B 3 3.16 -26.91 37.09
CA SER B 3 4.14 -25.84 36.99
C SER B 3 5.41 -26.29 37.72
N ILE B 4 6.55 -26.26 37.02
CA ILE B 4 7.86 -26.68 37.53
C ILE B 4 8.81 -25.46 37.65
N ARG B 5 9.96 -25.62 38.33
CA ARG B 5 10.95 -24.55 38.45
C ARG B 5 11.75 -24.43 37.15
N ILE B 6 11.82 -23.21 36.60
CA ILE B 6 12.51 -22.92 35.34
C ILE B 6 14.03 -23.05 35.47
N GLY B 7 14.66 -23.35 34.35
CA GLY B 7 16.11 -23.50 34.23
C GLY B 7 16.47 -23.80 32.78
N PRO B 8 17.78 -23.96 32.47
CA PRO B 8 18.17 -24.26 31.08
C PRO B 8 17.50 -25.51 30.51
N GLY B 9 16.78 -25.32 29.41
CA GLY B 9 16.03 -26.37 28.73
C GLY B 9 14.81 -26.89 29.47
N GLN B 10 14.32 -26.15 30.49
CA GLN B 10 13.14 -26.54 31.27
C GLN B 10 12.07 -25.43 31.32
N ALA B 11 11.02 -25.57 30.49
CA ALA B 11 9.90 -24.60 30.43
C ALA B 11 9.06 -24.68 31.71
N PHE B 12 8.44 -23.55 32.09
CA PHE B 12 7.58 -23.42 33.28
C PHE B 12 6.42 -24.44 33.29
N TYR B 13 5.76 -24.65 32.13
CA TYR B 13 4.67 -25.61 32.00
C TYR B 13 5.07 -26.92 31.32
N ALA B 14 4.57 -28.02 31.92
CA ALA B 14 4.62 -29.41 31.48
C ALA B 14 3.17 -29.86 31.75
N DPR B 15 2.21 -29.45 30.87
CA DPR B 15 0.78 -29.75 31.15
CB DPR B 15 0.09 -29.57 29.79
CG DPR B 15 1.18 -29.27 28.79
CD DPR B 15 2.35 -28.75 29.58
C DPR B 15 0.21 -28.78 32.21
O DPR B 15 0.57 -27.60 32.22
MN MN C . -41.52 8.67 -8.27
MN MN D . 16.49 7.55 0.44
MN MN E . 7.17 -15.86 -12.87
MN MN F . 28.77 6.12 -4.27
C1 MPD G . 27.03 -24.66 -22.43
C2 MPD G . 26.92 -23.44 -21.54
O2 MPD G . 25.70 -23.57 -20.78
CM MPD G . 26.79 -22.18 -22.38
C3 MPD G . 28.21 -23.35 -20.64
C4 MPD G . 28.02 -22.82 -19.18
O4 MPD G . 27.59 -23.88 -18.31
C5 MPD G . 29.32 -22.25 -18.66
C1 EDO H . -9.27 2.50 -23.54
O1 EDO H . -10.16 3.59 -23.31
C2 EDO H . -8.28 2.28 -22.34
O2 EDO H . -7.88 0.91 -22.23
C1 EDO I . 4.64 -21.98 3.32
O1 EDO I . 5.25 -22.45 4.51
C2 EDO I . 3.10 -22.05 3.40
O2 EDO I . 2.59 -21.04 4.29
O1 MES J . 34.53 7.45 -10.53
C2 MES J . 34.77 7.12 -9.16
C3 MES J . 33.80 6.07 -8.66
N4 MES J . 33.07 5.46 -9.81
C5 MES J . 34.03 5.09 -10.90
C6 MES J . 34.79 6.31 -11.37
C7 MES J . 32.21 4.30 -9.36
C8 MES J . 31.52 3.58 -10.49
S MES J . 30.49 2.27 -9.90
O1S MES J . 31.38 1.27 -9.32
O2S MES J . 29.77 1.76 -11.06
O3S MES J . 29.61 2.85 -8.90
C1 EDO K . -8.73 17.56 -20.72
O1 EDO K . -9.02 18.68 -21.54
C2 EDO K . -8.56 17.99 -19.25
O2 EDO K . -9.73 18.67 -18.80
C1 EDO L . -41.51 41.05 -7.94
O1 EDO L . -40.66 41.79 -7.07
C2 EDO L . -42.76 40.55 -7.16
O2 EDO L . -43.51 41.65 -6.69
O1 MES M . -7.54 3.03 12.95
C2 MES M . -7.25 4.18 13.77
C3 MES M . -7.01 5.41 12.93
N4 MES M . -5.88 5.16 11.98
C5 MES M . -6.12 3.90 11.19
C6 MES M . -6.42 2.75 12.12
C7 MES M . -5.67 6.31 11.04
C8 MES M . -5.48 7.69 11.67
S MES M . -6.16 8.95 10.61
O1S MES M . -6.00 10.21 11.31
O2S MES M . -5.39 8.89 9.37
O3S MES M . -7.56 8.59 10.40
C1 EDO N . 19.99 2.54 -12.70
O1 EDO N . 19.11 2.67 -13.80
C2 EDO N . 21.45 2.73 -13.15
O2 EDO N . 21.76 1.78 -14.14
C1 EDO O . -12.26 37.37 5.96
O1 EDO O . -13.52 36.81 5.61
C2 EDO O . -12.28 38.89 5.65
O2 EDO O . -13.23 39.54 6.49
C1 EDO P . 32.19 -7.99 -18.01
O1 EDO P . 31.86 -8.64 -19.24
C2 EDO P . 31.96 -8.97 -16.84
O2 EDO P . 32.09 -8.31 -15.59
C1 EDO Q . -26.49 -15.63 5.99
O1 EDO Q . -25.72 -16.42 5.12
C2 EDO Q . -25.77 -15.48 7.34
O2 EDO Q . -26.44 -14.50 8.13
C1 EDO R . -8.81 -7.81 -24.73
O1 EDO R . -9.99 -8.44 -25.19
C2 EDO R . -9.04 -6.30 -24.71
O2 EDO R . -9.83 -5.94 -23.60
C1 EDO S . 5.59 0.93 9.13
O1 EDO S . 5.14 -0.13 9.98
C2 EDO S . 6.17 0.35 7.80
O2 EDO S . 6.52 1.40 6.91
C1 EDO T . 13.00 -14.54 10.39
O1 EDO T . 12.03 -13.63 10.88
C2 EDO T . 14.35 -13.81 10.17
O2 EDO T . 14.91 -13.39 11.39
#